data_2CX9
#
_entry.id   2CX9
#
_cell.length_a   75.685
_cell.length_b   88.637
_cell.length_c   119.557
_cell.angle_alpha   90.00
_cell.angle_beta   91.15
_cell.angle_gamma   90.00
#
_symmetry.space_group_name_H-M   'P 1 21 1'
#
loop_
_entity.id
_entity.type
_entity.pdbx_description
1 polymer 'acyl-CoA dehydrogenase'
2 non-polymer 'CHLORIDE ION'
3 water water
#
_entity_poly.entity_id   1
_entity_poly.type   'polypeptide(L)'
_entity_poly.pdbx_seq_one_letter_code
;MGLWFEEGAEERQVLGPFREFLKAEVAPGAAERDRTGAFPWDLVRKLAEFGVFGALVPEAYGGAGLSTRLFARMVEAIAY
YDGALALTVASHNSLATGHILLAGSEAQKEAFLPKLASGEALGAWGLTEPGSGSDAAALKTKAEKVEGGWRLNGTKQFIT
QGSVAGVYVVMARTDPPPSPERKHQGISAFAFFRPERGLKVGRKEEKLGLTASDTAQLILEDLFVPEEALLGERGKGFYD
VLRVLDGGRIGIAAMAVGLGQAALDYALAYAKGREAFGRPIAEFEGVSFKLAEAATELEAARLLYLKAAELKDAGRPFTL
EAAQAKLFASEAAVKACDEAIQILGGYGYVKDYPVERYWRDARLTRIGEGTSEILKLVIARRLLEAV
;
_entity_poly.pdbx_strand_id   A,B,C,D
#
loop_
_chem_comp.id
_chem_comp.type
_chem_comp.name
_chem_comp.formula
CL non-polymer 'CHLORIDE ION' 'Cl -1'
#
# COMPACT_ATOMS: atom_id res chain seq x y z
N LEU A 3 -3.31 19.25 26.32
CA LEU A 3 -3.81 18.16 27.19
C LEU A 3 -5.10 17.55 26.68
N TRP A 4 -5.69 18.16 25.66
CA TRP A 4 -6.93 17.64 25.11
C TRP A 4 -6.81 16.18 24.71
N PHE A 5 -5.74 15.85 24.00
CA PHE A 5 -5.51 14.49 23.52
C PHE A 5 -5.05 13.49 24.59
N GLU A 6 -4.71 13.99 25.78
CA GLU A 6 -4.28 13.11 26.86
C GLU A 6 -5.42 12.88 27.84
N GLU A 7 -5.26 11.90 28.72
CA GLU A 7 -6.29 11.58 29.70
C GLU A 7 -6.38 12.64 30.79
N GLY A 8 -7.59 13.19 30.96
CA GLY A 8 -7.80 14.21 31.97
C GLY A 8 -7.83 13.64 33.39
N ALA A 9 -8.01 14.50 34.38
CA ALA A 9 -8.04 14.08 35.77
C ALA A 9 -9.22 13.16 36.08
N GLU A 10 -10.40 13.49 35.56
CA GLU A 10 -11.57 12.66 35.78
C GLU A 10 -11.45 11.33 35.02
N GLU A 11 -10.84 11.38 33.84
CA GLU A 11 -10.65 10.18 33.02
C GLU A 11 -9.67 9.24 33.71
N ARG A 12 -8.56 9.80 34.15
CA ARG A 12 -7.51 9.05 34.83
C ARG A 12 -8.06 8.41 36.11
N GLN A 13 -8.94 9.13 36.82
CA GLN A 13 -9.53 8.61 38.06
C GLN A 13 -10.30 7.33 37.79
N VAL A 14 -10.91 7.25 36.61
CA VAL A 14 -11.67 6.06 36.24
C VAL A 14 -10.75 4.99 35.64
N LEU A 15 -10.00 5.39 34.62
CA LEU A 15 -9.11 4.47 33.91
C LEU A 15 -7.98 3.85 34.73
N GLY A 16 -7.42 4.59 35.68
CA GLY A 16 -6.35 4.04 36.48
C GLY A 16 -6.73 2.71 37.13
N PRO A 17 -7.83 2.70 37.89
CA PRO A 17 -8.32 1.49 38.56
C PRO A 17 -8.92 0.48 37.58
N PHE A 18 -9.55 0.99 36.52
CA PHE A 18 -10.17 0.12 35.52
C PHE A 18 -9.12 -0.76 34.86
N ARG A 19 -7.99 -0.18 34.49
CA ARG A 19 -6.94 -0.95 33.83
C ARG A 19 -6.29 -1.95 34.77
N GLU A 20 -6.22 -1.62 36.05
CA GLU A 20 -5.65 -2.55 37.03
C GLU A 20 -6.56 -3.79 37.05
N PHE A 21 -7.86 -3.54 37.03
CA PHE A 21 -8.85 -4.63 37.05
C PHE A 21 -8.72 -5.46 35.78
N LEU A 22 -8.47 -4.80 34.66
CA LEU A 22 -8.32 -5.47 33.36
C LEU A 22 -7.11 -6.41 33.33
N LYS A 23 -5.98 -5.92 33.82
CA LYS A 23 -4.75 -6.71 33.85
C LYS A 23 -4.88 -7.94 34.74
N ALA A 24 -5.49 -7.78 35.90
CA ALA A 24 -5.65 -8.88 36.85
C ALA A 24 -6.76 -9.88 36.57
N GLU A 25 -7.91 -9.40 36.13
CA GLU A 25 -9.06 -10.28 35.90
C GLU A 25 -9.38 -10.67 34.46
N VAL A 26 -9.16 -9.76 33.53
CA VAL A 26 -9.46 -10.01 32.12
C VAL A 26 -8.33 -10.71 31.36
N ALA A 27 -7.14 -10.12 31.41
CA ALA A 27 -5.98 -10.64 30.68
C ALA A 27 -5.64 -12.12 30.88
N PRO A 28 -5.71 -12.63 32.11
CA PRO A 28 -5.39 -14.05 32.34
C PRO A 28 -6.11 -15.06 31.47
N GLY A 29 -7.40 -14.88 31.28
CA GLY A 29 -8.14 -15.85 30.50
C GLY A 29 -8.58 -15.53 29.09
N ALA A 30 -8.04 -14.47 28.47
CA ALA A 30 -8.46 -14.12 27.11
C ALA A 30 -8.11 -15.21 26.10
N ALA A 31 -6.93 -15.80 26.23
CA ALA A 31 -6.47 -16.85 25.33
C ALA A 31 -7.39 -18.07 25.42
N GLU A 32 -7.75 -18.44 26.63
CA GLU A 32 -8.62 -19.58 26.87
C GLU A 32 -10.04 -19.32 26.33
N ARG A 33 -10.53 -18.10 26.51
CA ARG A 33 -11.87 -17.79 26.02
C ARG A 33 -11.91 -17.84 24.51
N ASP A 34 -10.79 -17.47 23.87
CA ASP A 34 -10.71 -17.49 22.42
C ASP A 34 -10.80 -18.91 21.87
N ARG A 35 -10.28 -19.90 22.59
CA ARG A 35 -10.39 -21.26 22.08
C ARG A 35 -11.66 -22.00 22.49
N THR A 36 -12.27 -21.62 23.61
CA THR A 36 -13.50 -22.29 24.08
C THR A 36 -14.77 -21.55 23.71
N GLY A 37 -14.65 -20.25 23.52
CA GLY A 37 -15.81 -19.44 23.18
C GLY A 37 -16.84 -19.33 24.29
N ALA A 38 -16.44 -19.65 25.51
CA ALA A 38 -17.35 -19.60 26.66
C ALA A 38 -17.67 -18.16 27.09
N PHE A 39 -18.93 -17.76 26.96
CA PHE A 39 -19.34 -16.40 27.34
C PHE A 39 -18.98 -16.09 28.80
N PRO A 40 -18.13 -15.08 29.02
CA PRO A 40 -17.73 -14.73 30.39
C PRO A 40 -18.77 -13.94 31.20
N TRP A 41 -19.79 -14.65 31.68
CA TRP A 41 -20.82 -14.00 32.48
C TRP A 41 -20.18 -13.38 33.70
N ASP A 42 -19.16 -14.05 34.23
CA ASP A 42 -18.43 -13.58 35.40
C ASP A 42 -17.84 -12.20 35.19
N LEU A 43 -17.09 -12.04 34.10
CA LEU A 43 -16.46 -10.76 33.80
C LEU A 43 -17.49 -9.68 33.43
N VAL A 44 -18.60 -10.08 32.81
CA VAL A 44 -19.63 -9.10 32.46
C VAL A 44 -20.11 -8.43 33.74
N ARG A 45 -20.44 -9.24 34.74
CA ARG A 45 -20.91 -8.73 36.02
C ARG A 45 -19.84 -7.87 36.70
N LYS A 46 -18.57 -8.28 36.61
CA LYS A 46 -17.48 -7.52 37.22
C LYS A 46 -17.28 -6.18 36.51
N LEU A 47 -17.31 -6.18 35.18
CA LEU A 47 -17.14 -4.94 34.42
C LEU A 47 -18.28 -4.00 34.77
N ALA A 48 -19.47 -4.56 34.91
CA ALA A 48 -20.68 -3.80 35.23
C ALA A 48 -20.56 -3.00 36.53
N GLU A 49 -19.62 -3.40 37.39
CA GLU A 49 -19.42 -2.68 38.65
C GLU A 49 -18.74 -1.35 38.40
N PHE A 50 -18.11 -1.21 37.24
CA PHE A 50 -17.46 0.04 36.89
C PHE A 50 -18.46 0.85 36.07
N GLY A 51 -19.68 0.37 35.99
CA GLY A 51 -20.72 1.05 35.24
C GLY A 51 -20.48 1.07 33.75
N VAL A 52 -19.56 0.24 33.27
CA VAL A 52 -19.24 0.23 31.85
C VAL A 52 -20.35 -0.34 30.95
N PHE A 53 -21.35 -0.99 31.55
CA PHE A 53 -22.44 -1.51 30.74
C PHE A 53 -23.58 -0.50 30.57
N GLY A 54 -23.37 0.69 31.11
CA GLY A 54 -24.34 1.77 31.02
C GLY A 54 -23.53 3.05 31.05
N ALA A 55 -22.39 3.01 30.37
CA ALA A 55 -21.44 4.11 30.33
C ALA A 55 -21.98 5.47 29.92
N LEU A 56 -22.78 5.49 28.87
CA LEU A 56 -23.34 6.73 28.35
C LEU A 56 -24.74 7.01 28.88
N VAL A 57 -25.28 6.10 29.66
CA VAL A 57 -26.61 6.28 30.22
C VAL A 57 -26.52 7.27 31.39
N PRO A 58 -27.45 8.23 31.46
CA PRO A 58 -27.45 9.21 32.54
C PRO A 58 -27.63 8.51 33.89
N GLU A 59 -26.96 9.00 34.92
CA GLU A 59 -27.08 8.40 36.23
C GLU A 59 -28.54 8.38 36.66
N ALA A 60 -29.31 9.36 36.18
CA ALA A 60 -30.73 9.43 36.51
C ALA A 60 -31.42 8.11 36.16
N TYR A 61 -30.92 7.43 35.13
CA TYR A 61 -31.49 6.15 34.72
C TYR A 61 -30.66 4.93 35.13
N GLY A 62 -29.79 5.11 36.12
CA GLY A 62 -28.97 4.01 36.59
C GLY A 62 -27.67 3.82 35.82
N GLY A 63 -27.35 4.76 34.95
CA GLY A 63 -26.13 4.67 34.17
C GLY A 63 -24.95 5.30 34.89
N ALA A 64 -23.83 5.42 34.19
CA ALA A 64 -22.62 6.00 34.78
C ALA A 64 -22.44 7.46 34.37
N GLY A 65 -23.21 7.89 33.37
CA GLY A 65 -23.12 9.27 32.92
C GLY A 65 -21.76 9.73 32.45
N LEU A 66 -21.02 8.88 31.75
CA LEU A 66 -19.71 9.26 31.27
C LEU A 66 -19.79 9.96 29.92
N SER A 67 -18.73 10.64 29.53
CA SER A 67 -18.70 11.30 28.23
C SER A 67 -18.44 10.20 27.20
N THR A 68 -18.63 10.50 25.92
CA THR A 68 -18.40 9.49 24.88
C THR A 68 -16.89 9.28 24.76
N ARG A 69 -16.15 10.32 25.12
CA ARG A 69 -14.70 10.27 25.10
C ARG A 69 -14.21 9.22 26.09
N LEU A 70 -14.68 9.31 27.33
CA LEU A 70 -14.27 8.34 28.36
C LEU A 70 -14.75 6.93 28.04
N PHE A 71 -15.98 6.81 27.54
CA PHE A 71 -16.52 5.51 27.18
C PHE A 71 -15.60 4.86 26.16
N ALA A 72 -15.25 5.63 25.13
CA ALA A 72 -14.38 5.15 24.07
C ALA A 72 -13.03 4.70 24.61
N ARG A 73 -12.43 5.49 25.51
CA ARG A 73 -11.14 5.10 26.08
C ARG A 73 -11.28 3.79 26.83
N MET A 74 -12.40 3.60 27.52
CA MET A 74 -12.61 2.34 28.26
C MET A 74 -12.74 1.17 27.28
N VAL A 75 -13.42 1.39 26.16
CA VAL A 75 -13.55 0.32 25.17
C VAL A 75 -12.14 -0.05 24.67
N GLU A 76 -11.32 0.97 24.42
CA GLU A 76 -9.96 0.73 23.96
C GLU A 76 -9.19 -0.10 24.98
N ALA A 77 -9.34 0.26 26.26
CA ALA A 77 -8.64 -0.46 27.31
C ALA A 77 -9.03 -1.93 27.35
N ILE A 78 -10.33 -2.21 27.26
CA ILE A 78 -10.81 -3.58 27.27
C ILE A 78 -10.25 -4.34 26.07
N ALA A 79 -10.34 -3.72 24.89
CA ALA A 79 -9.90 -4.31 23.64
C ALA A 79 -8.42 -4.70 23.69
N TYR A 80 -7.64 -3.92 24.42
CA TYR A 80 -6.21 -4.18 24.57
C TYR A 80 -6.00 -5.58 25.13
N TYR A 81 -6.92 -6.04 25.98
CA TYR A 81 -6.77 -7.37 26.58
C TYR A 81 -7.71 -8.44 26.04
N ASP A 82 -8.93 -8.05 25.69
CA ASP A 82 -9.89 -9.03 25.19
C ASP A 82 -10.80 -8.38 24.15
N GLY A 83 -10.61 -8.74 22.89
CA GLY A 83 -11.41 -8.18 21.82
C GLY A 83 -12.88 -8.53 21.95
N ALA A 84 -13.16 -9.79 22.25
CA ALA A 84 -14.53 -10.25 22.40
C ALA A 84 -15.29 -9.46 23.47
N LEU A 85 -14.64 -9.21 24.60
CA LEU A 85 -15.28 -8.43 25.66
C LEU A 85 -15.49 -6.98 25.23
N ALA A 86 -14.53 -6.42 24.53
CA ALA A 86 -14.64 -5.06 24.05
C ALA A 86 -15.88 -4.97 23.15
N LEU A 87 -16.02 -5.92 22.21
CA LEU A 87 -17.18 -5.91 21.32
C LEU A 87 -18.48 -6.05 22.10
N THR A 88 -18.49 -6.94 23.09
CA THR A 88 -19.67 -7.16 23.91
C THR A 88 -20.10 -5.83 24.55
N VAL A 89 -19.13 -5.13 25.15
CA VAL A 89 -19.37 -3.85 25.80
C VAL A 89 -19.78 -2.76 24.81
N ALA A 90 -19.00 -2.61 23.74
CA ALA A 90 -19.28 -1.57 22.74
C ALA A 90 -20.65 -1.72 22.08
N SER A 91 -21.03 -2.93 21.69
CA SER A 91 -22.33 -3.14 21.04
C SER A 91 -23.50 -2.96 22.01
N HIS A 92 -23.39 -3.57 23.19
CA HIS A 92 -24.44 -3.46 24.20
C HIS A 92 -24.76 -1.98 24.45
N ASN A 93 -23.72 -1.19 24.64
CA ASN A 93 -23.85 0.25 24.89
C ASN A 93 -24.32 1.07 23.70
N SER A 94 -23.60 0.95 22.59
CA SER A 94 -23.90 1.73 21.40
C SER A 94 -25.19 1.43 20.63
N LEU A 95 -25.52 0.16 20.44
CA LEU A 95 -26.69 -0.23 19.67
C LEU A 95 -27.98 -0.36 20.46
N ALA A 96 -28.19 -1.49 21.13
CA ALA A 96 -29.42 -1.68 21.89
C ALA A 96 -29.66 -0.57 22.92
N THR A 97 -28.73 -0.38 23.84
CA THR A 97 -28.87 0.63 24.88
C THR A 97 -28.92 2.05 24.31
N GLY A 98 -28.01 2.36 23.40
CA GLY A 98 -27.98 3.68 22.79
C GLY A 98 -29.24 3.99 22.00
N HIS A 99 -29.79 2.98 21.33
CA HIS A 99 -30.99 3.21 20.54
C HIS A 99 -32.17 3.54 21.46
N ILE A 100 -32.27 2.82 22.57
CA ILE A 100 -33.35 3.04 23.53
C ILE A 100 -33.18 4.43 24.16
N LEU A 101 -31.95 4.77 24.53
CA LEU A 101 -31.65 6.06 25.13
C LEU A 101 -31.95 7.20 24.17
N LEU A 102 -31.66 7.01 22.88
CA LEU A 102 -31.89 8.04 21.87
C LEU A 102 -33.34 8.35 21.51
N ALA A 103 -34.08 7.33 21.08
CA ALA A 103 -35.45 7.51 20.65
C ALA A 103 -36.51 7.09 21.66
N GLY A 104 -36.08 6.64 22.82
CA GLY A 104 -37.03 6.19 23.82
C GLY A 104 -37.80 7.29 24.54
N SER A 105 -39.06 7.00 24.85
CA SER A 105 -39.90 7.93 25.59
C SER A 105 -39.37 7.80 27.02
N GLU A 106 -39.82 8.64 27.93
CA GLU A 106 -39.36 8.55 29.31
C GLU A 106 -39.80 7.24 29.96
N ALA A 107 -40.97 6.74 29.55
CA ALA A 107 -41.51 5.50 30.11
C ALA A 107 -40.68 4.29 29.66
N GLN A 108 -40.31 4.26 28.38
CA GLN A 108 -39.51 3.17 27.85
C GLN A 108 -38.10 3.19 28.46
N LYS A 109 -37.56 4.39 28.63
CA LYS A 109 -36.23 4.52 29.21
C LYS A 109 -36.23 4.01 30.63
N GLU A 110 -37.29 4.32 31.38
CA GLU A 110 -37.40 3.86 32.76
C GLU A 110 -37.60 2.34 32.79
N ALA A 111 -38.25 1.81 31.77
CA ALA A 111 -38.51 0.37 31.70
C ALA A 111 -37.32 -0.47 31.25
N PHE A 112 -36.47 0.09 30.39
CA PHE A 112 -35.33 -0.64 29.85
C PHE A 112 -33.92 -0.30 30.35
N LEU A 113 -33.63 0.98 30.49
CA LEU A 113 -32.29 1.42 30.88
C LEU A 113 -31.70 0.92 32.21
N PRO A 114 -32.45 0.97 33.31
CA PRO A 114 -31.91 0.50 34.59
C PRO A 114 -31.25 -0.88 34.51
N LYS A 115 -31.95 -1.85 33.92
CA LYS A 115 -31.41 -3.20 33.80
C LYS A 115 -30.29 -3.29 32.78
N LEU A 116 -30.41 -2.56 31.68
CA LEU A 116 -29.37 -2.57 30.65
C LEU A 116 -28.11 -1.91 31.19
N ALA A 117 -28.30 -0.80 31.91
CA ALA A 117 -27.20 -0.04 32.48
C ALA A 117 -26.43 -0.79 33.56
N SER A 118 -27.13 -1.61 34.33
CA SER A 118 -26.50 -2.37 35.40
C SER A 118 -25.91 -3.68 34.89
N GLY A 119 -26.24 -4.03 33.66
CA GLY A 119 -25.73 -5.26 33.09
C GLY A 119 -26.55 -6.46 33.50
N GLU A 120 -27.64 -6.23 34.23
CA GLU A 120 -28.51 -7.33 34.66
C GLU A 120 -29.14 -7.95 33.41
N ALA A 121 -29.33 -7.13 32.38
CA ALA A 121 -29.89 -7.60 31.13
C ALA A 121 -29.02 -7.04 30.01
N LEU A 122 -28.55 -7.91 29.12
CA LEU A 122 -27.71 -7.46 28.00
C LEU A 122 -28.61 -7.11 26.82
N GLY A 123 -28.17 -6.16 26.02
CA GLY A 123 -28.95 -5.76 24.88
C GLY A 123 -28.48 -6.33 23.55
N ALA A 124 -29.44 -6.71 22.71
CA ALA A 124 -29.17 -7.24 21.38
C ALA A 124 -29.87 -6.31 20.41
N TRP A 125 -29.16 -5.95 19.34
CA TRP A 125 -29.68 -5.03 18.34
C TRP A 125 -29.80 -5.77 17.01
N GLY A 126 -31.03 -6.05 16.59
CA GLY A 126 -31.23 -6.78 15.34
C GLY A 126 -31.58 -5.96 14.12
N LEU A 127 -30.56 -5.60 13.35
CA LEU A 127 -30.76 -4.83 12.12
C LEU A 127 -30.46 -5.70 10.90
N THR A 128 -29.23 -6.20 10.82
CA THR A 128 -28.77 -7.04 9.70
C THR A 128 -29.58 -8.32 9.49
N GLU A 129 -29.81 -8.65 8.22
CA GLU A 129 -30.56 -9.86 7.86
C GLU A 129 -29.76 -10.66 6.82
N PRO A 130 -30.08 -11.96 6.67
CA PRO A 130 -29.37 -12.82 5.70
C PRO A 130 -29.33 -12.22 4.29
N GLY A 131 -30.30 -11.37 3.98
CA GLY A 131 -30.33 -10.79 2.65
C GLY A 131 -29.84 -9.35 2.53
N SER A 132 -29.58 -8.71 3.66
CA SER A 132 -29.13 -7.32 3.64
C SER A 132 -28.30 -6.91 4.85
N GLY A 133 -27.10 -6.39 4.58
CA GLY A 133 -26.22 -5.94 5.65
C GLY A 133 -25.86 -4.48 5.41
N SER A 134 -25.13 -4.23 4.33
CA SER A 134 -24.73 -2.89 3.96
C SER A 134 -25.99 -2.10 3.59
N ASP A 135 -26.83 -2.72 2.75
CA ASP A 135 -28.08 -2.12 2.32
C ASP A 135 -29.16 -2.48 3.34
N ALA A 136 -28.92 -2.08 4.59
CA ALA A 136 -29.82 -2.36 5.69
C ALA A 136 -31.24 -1.87 5.42
N ALA A 137 -31.36 -0.77 4.71
CA ALA A 137 -32.67 -0.19 4.39
C ALA A 137 -33.54 -1.20 3.64
N ALA A 138 -32.93 -2.28 3.15
CA ALA A 138 -33.66 -3.29 2.41
C ALA A 138 -34.12 -4.45 3.29
N LEU A 139 -34.33 -4.17 4.57
CA LEU A 139 -34.79 -5.17 5.52
C LEU A 139 -36.00 -5.94 5.00
N LYS A 140 -36.10 -7.21 5.36
CA LYS A 140 -37.23 -8.04 4.94
C LYS A 140 -38.10 -8.42 6.12
N THR A 141 -37.59 -8.21 7.33
CA THR A 141 -38.38 -8.52 8.53
C THR A 141 -39.57 -7.58 8.50
N LYS A 142 -40.72 -8.06 8.95
CA LYS A 142 -41.93 -7.24 8.95
C LYS A 142 -42.66 -7.23 10.29
N ALA A 143 -43.34 -6.12 10.55
CA ALA A 143 -44.11 -5.96 11.78
C ALA A 143 -45.53 -5.53 11.44
N GLU A 144 -46.51 -6.36 11.80
CA GLU A 144 -47.90 -6.04 11.52
C GLU A 144 -48.60 -5.48 12.76
N LYS A 145 -49.30 -4.37 12.58
CA LYS A 145 -50.02 -3.76 13.70
C LYS A 145 -51.22 -4.63 14.04
N VAL A 146 -51.18 -5.23 15.23
CA VAL A 146 -52.28 -6.08 15.69
C VAL A 146 -52.96 -5.38 16.86
N GLU A 147 -54.11 -5.91 17.29
CA GLU A 147 -54.82 -5.32 18.40
C GLU A 147 -54.06 -5.56 19.69
N GLY A 148 -53.60 -4.48 20.29
CA GLY A 148 -52.85 -4.60 21.53
C GLY A 148 -51.35 -4.47 21.32
N GLY A 149 -50.91 -4.42 20.06
CA GLY A 149 -49.49 -4.29 19.78
C GLY A 149 -49.07 -4.58 18.35
N TRP A 150 -48.07 -5.44 18.19
CA TRP A 150 -47.54 -5.78 16.88
C TRP A 150 -47.14 -7.26 16.77
N ARG A 151 -47.09 -7.76 15.54
CA ARG A 151 -46.68 -9.14 15.26
C ARG A 151 -45.40 -9.06 14.43
N LEU A 152 -44.33 -9.68 14.93
CA LEU A 152 -43.05 -9.65 14.22
C LEU A 152 -42.72 -10.95 13.51
N ASN A 153 -42.27 -10.83 12.26
CA ASN A 153 -41.91 -11.99 11.46
C ASN A 153 -40.70 -11.70 10.58
N GLY A 154 -39.67 -12.54 10.71
CA GLY A 154 -38.47 -12.36 9.93
C GLY A 154 -37.24 -12.96 10.60
N THR A 155 -36.08 -12.76 9.98
CA THR A 155 -34.84 -13.30 10.53
C THR A 155 -33.74 -12.25 10.57
N LYS A 156 -32.99 -12.24 11.66
CA LYS A 156 -31.88 -11.31 11.84
C LYS A 156 -30.59 -12.13 11.82
N GLN A 157 -29.55 -11.57 11.19
CA GLN A 157 -28.28 -12.26 11.04
C GLN A 157 -27.10 -11.60 11.75
N PHE A 158 -26.28 -12.41 12.43
CA PHE A 158 -25.08 -11.94 13.11
C PHE A 158 -25.35 -10.95 14.24
N ILE A 159 -26.32 -11.23 15.10
CA ILE A 159 -26.63 -10.30 16.17
C ILE A 159 -25.78 -10.54 17.42
N THR A 160 -25.07 -9.51 17.85
CA THR A 160 -24.22 -9.61 19.03
C THR A 160 -25.11 -9.67 20.27
N GLN A 161 -24.91 -10.69 21.09
CA GLN A 161 -25.72 -10.92 22.30
C GLN A 161 -27.07 -11.55 21.92
N GLY A 162 -27.19 -11.95 20.65
CA GLY A 162 -28.42 -12.57 20.18
C GLY A 162 -29.01 -13.68 21.03
N SER A 163 -28.15 -14.49 21.66
CA SER A 163 -28.65 -15.59 22.49
C SER A 163 -28.60 -15.35 24.00
N VAL A 164 -27.88 -14.32 24.42
CA VAL A 164 -27.76 -14.08 25.86
C VAL A 164 -28.50 -12.84 26.36
N ALA A 165 -29.05 -12.05 25.44
CA ALA A 165 -29.73 -10.80 25.79
C ALA A 165 -31.05 -10.91 26.54
N GLY A 166 -31.29 -9.92 27.40
CA GLY A 166 -32.51 -9.85 28.18
C GLY A 166 -33.44 -8.83 27.53
N VAL A 167 -32.85 -7.98 26.70
CA VAL A 167 -33.59 -6.94 25.99
C VAL A 167 -33.20 -6.97 24.51
N TYR A 168 -34.21 -6.87 23.64
CA TYR A 168 -33.98 -6.87 22.21
C TYR A 168 -34.52 -5.61 21.55
N VAL A 169 -33.78 -5.11 20.56
CA VAL A 169 -34.19 -3.95 19.78
C VAL A 169 -34.12 -4.46 18.34
N VAL A 170 -35.27 -4.54 17.68
CA VAL A 170 -35.32 -5.04 16.31
C VAL A 170 -35.97 -4.08 15.33
N MET A 171 -35.35 -3.93 14.16
CA MET A 171 -35.88 -3.06 13.13
C MET A 171 -36.67 -3.91 12.15
N ALA A 172 -37.86 -3.45 11.78
CA ALA A 172 -38.71 -4.18 10.85
C ALA A 172 -39.54 -3.24 10.01
N ARG A 173 -39.96 -3.72 8.83
CA ARG A 173 -40.76 -2.93 7.91
C ARG A 173 -42.20 -2.84 8.41
N THR A 174 -42.72 -1.62 8.50
CA THR A 174 -44.08 -1.37 8.95
C THR A 174 -44.96 -0.83 7.82
N ASP A 175 -44.37 0.01 6.97
CA ASP A 175 -45.09 0.61 5.86
C ASP A 175 -44.19 0.77 4.64
N PRO A 176 -44.75 0.64 3.43
CA PRO A 176 -44.03 0.77 2.15
C PRO A 176 -43.17 2.02 2.05
N PRO A 177 -42.13 1.98 1.18
CA PRO A 177 -41.18 3.08 0.94
C PRO A 177 -41.77 4.49 0.72
N PRO A 178 -42.70 4.64 -0.23
CA PRO A 178 -43.28 3.66 -1.14
C PRO A 178 -42.41 3.51 -2.39
N SER A 179 -41.56 4.49 -2.62
CA SER A 179 -40.65 4.48 -3.76
C SER A 179 -39.50 3.52 -3.49
N PRO A 180 -39.22 2.61 -4.43
CA PRO A 180 -38.14 1.63 -4.27
C PRO A 180 -36.78 2.27 -4.04
N GLU A 181 -36.63 3.52 -4.45
CA GLU A 181 -35.37 4.23 -4.30
C GLU A 181 -35.11 4.64 -2.84
N ARG A 182 -36.19 4.80 -2.07
CA ARG A 182 -36.05 5.16 -0.66
C ARG A 182 -36.72 4.17 0.29
N LYS A 183 -36.10 3.01 0.44
CA LYS A 183 -36.62 1.97 1.33
C LYS A 183 -36.44 2.41 2.78
N HIS A 184 -35.47 3.31 2.99
CA HIS A 184 -35.16 3.82 4.32
C HIS A 184 -36.39 4.33 5.05
N GLN A 185 -37.33 4.89 4.29
CA GLN A 185 -38.55 5.43 4.87
C GLN A 185 -39.62 4.35 4.97
N GLY A 186 -40.12 4.13 6.19
CA GLY A 186 -41.14 3.11 6.40
C GLY A 186 -40.71 2.01 7.35
N ILE A 187 -39.53 2.15 7.93
CA ILE A 187 -39.00 1.17 8.87
C ILE A 187 -39.23 1.62 10.31
N SER A 188 -39.45 0.65 11.20
CA SER A 188 -39.68 0.96 12.62
C SER A 188 -38.83 0.07 13.52
N ALA A 189 -38.57 0.57 14.73
CA ALA A 189 -37.77 -0.16 15.71
C ALA A 189 -38.64 -0.59 16.88
N PHE A 190 -38.35 -1.77 17.43
CA PHE A 190 -39.10 -2.30 18.55
C PHE A 190 -38.23 -2.82 19.68
N ALA A 191 -38.46 -2.31 20.88
CA ALA A 191 -37.71 -2.74 22.05
C ALA A 191 -38.63 -3.57 22.93
N PHE A 192 -38.17 -4.75 23.30
CA PHE A 192 -38.96 -5.65 24.14
C PHE A 192 -38.05 -6.57 24.93
N PHE A 193 -38.55 -7.08 26.06
CA PHE A 193 -37.76 -8.00 26.86
C PHE A 193 -37.79 -9.37 26.21
N ARG A 194 -36.85 -10.21 26.59
CA ARG A 194 -36.74 -11.57 26.07
C ARG A 194 -38.07 -12.31 26.16
N PRO A 195 -38.73 -12.53 25.01
CA PRO A 195 -40.03 -13.22 24.97
C PRO A 195 -39.91 -14.73 25.22
N GLU A 196 -40.92 -15.29 25.89
CA GLU A 196 -40.92 -16.72 26.19
C GLU A 196 -41.33 -17.50 24.95
N ARG A 197 -41.96 -16.82 24.00
CA ARG A 197 -42.42 -17.46 22.78
C ARG A 197 -42.36 -16.47 21.61
N GLY A 198 -42.02 -16.97 20.42
CA GLY A 198 -41.95 -16.11 19.26
C GLY A 198 -40.57 -15.74 18.76
N LEU A 199 -39.56 -15.97 19.59
CA LEU A 199 -38.17 -15.69 19.22
C LEU A 199 -37.29 -16.92 19.33
N LYS A 200 -36.87 -17.44 18.18
CA LYS A 200 -36.01 -18.62 18.14
C LYS A 200 -34.59 -18.20 17.80
N VAL A 201 -33.65 -18.68 18.60
CA VAL A 201 -32.24 -18.37 18.41
C VAL A 201 -31.52 -19.51 17.68
N GLY A 202 -30.78 -19.14 16.64
CA GLY A 202 -30.02 -20.13 15.89
C GLY A 202 -28.75 -20.45 16.67
N ARG A 203 -28.07 -21.52 16.25
CA ARG A 203 -26.83 -21.95 16.90
C ARG A 203 -25.77 -20.85 16.86
N LYS A 204 -24.91 -20.81 17.87
CA LYS A 204 -23.85 -19.81 17.90
C LYS A 204 -22.94 -20.10 16.71
N GLU A 205 -22.77 -19.12 15.82
CA GLU A 205 -21.93 -19.32 14.65
C GLU A 205 -20.44 -19.36 14.94
N GLU A 206 -19.72 -20.19 14.18
CA GLU A 206 -18.28 -20.32 14.35
C GLU A 206 -17.66 -19.12 13.64
N LYS A 207 -16.89 -18.34 14.37
CA LYS A 207 -16.28 -17.15 13.80
C LYS A 207 -14.76 -17.20 13.74
N LEU A 208 -14.18 -16.39 12.85
CA LEU A 208 -12.74 -16.31 12.67
C LEU A 208 -12.07 -15.88 14.00
N GLY A 209 -12.71 -14.94 14.69
CA GLY A 209 -12.18 -14.45 15.95
C GLY A 209 -13.29 -13.95 16.86
N LEU A 210 -12.92 -13.34 17.98
CA LEU A 210 -13.88 -12.83 18.95
C LEU A 210 -14.79 -13.99 19.34
N THR A 211 -14.16 -15.14 19.51
CA THR A 211 -14.83 -16.39 19.83
C THR A 211 -15.83 -16.33 20.97
N ALA A 212 -15.45 -15.74 22.10
CA ALA A 212 -16.32 -15.66 23.26
C ALA A 212 -17.38 -14.57 23.16
N SER A 213 -17.44 -13.90 22.01
CA SER A 213 -18.45 -12.88 21.78
C SER A 213 -19.71 -13.61 21.31
N ASP A 214 -20.83 -13.33 21.95
CA ASP A 214 -22.07 -14.00 21.57
C ASP A 214 -22.64 -13.45 20.26
N THR A 215 -22.77 -14.33 19.28
CA THR A 215 -23.29 -13.96 17.97
C THR A 215 -24.29 -15.02 17.56
N ALA A 216 -25.46 -14.61 17.08
CA ALA A 216 -26.44 -15.61 16.68
C ALA A 216 -27.48 -15.10 15.71
N GLN A 217 -28.14 -16.05 15.05
CA GLN A 217 -29.20 -15.72 14.11
C GLN A 217 -30.49 -15.69 14.92
N LEU A 218 -31.32 -14.69 14.67
CA LEU A 218 -32.59 -14.59 15.38
C LEU A 218 -33.75 -14.82 14.43
N ILE A 219 -34.61 -15.77 14.76
CA ILE A 219 -35.77 -16.07 13.92
C ILE A 219 -37.05 -15.63 14.64
N LEU A 220 -37.70 -14.60 14.12
CA LEU A 220 -38.92 -14.08 14.70
C LEU A 220 -40.13 -14.73 14.03
N GLU A 221 -40.88 -15.51 14.81
CA GLU A 221 -42.07 -16.19 14.29
C GLU A 221 -43.32 -15.69 14.99
N ASP A 222 -44.03 -14.77 14.33
CA ASP A 222 -45.26 -14.19 14.87
C ASP A 222 -45.07 -13.75 16.32
N LEU A 223 -43.94 -13.09 16.56
CA LEU A 223 -43.63 -12.60 17.90
C LEU A 223 -44.55 -11.44 18.25
N PHE A 224 -45.22 -11.54 19.39
CA PHE A 224 -46.11 -10.47 19.82
C PHE A 224 -45.43 -9.54 20.81
N VAL A 225 -45.43 -8.26 20.48
CA VAL A 225 -44.86 -7.25 21.35
C VAL A 225 -45.95 -6.20 21.56
N PRO A 226 -46.08 -5.67 22.79
CA PRO A 226 -47.09 -4.66 23.12
C PRO A 226 -46.86 -3.30 22.45
N GLU A 227 -47.85 -2.44 22.59
CA GLU A 227 -47.81 -1.09 22.02
C GLU A 227 -46.56 -0.34 22.47
N GLU A 228 -46.23 -0.43 23.75
CA GLU A 228 -45.06 0.24 24.32
C GLU A 228 -43.73 -0.24 23.74
N ALA A 229 -43.79 -1.11 22.73
CA ALA A 229 -42.57 -1.63 22.12
C ALA A 229 -42.08 -0.72 21.00
N LEU A 230 -43.01 -0.02 20.35
CA LEU A 230 -42.63 0.87 19.26
C LEU A 230 -41.65 1.93 19.75
N LEU A 231 -40.44 1.92 19.19
CA LEU A 231 -39.38 2.85 19.57
C LEU A 231 -39.23 3.89 18.46
N GLY A 232 -39.51 5.16 18.80
CA GLY A 232 -39.42 6.21 17.80
C GLY A 232 -40.69 6.24 16.98
N GLU A 233 -40.82 7.23 16.10
CA GLU A 233 -42.00 7.35 15.25
C GLU A 233 -42.13 6.14 14.32
N ARG A 234 -43.36 5.72 14.08
CA ARG A 234 -43.60 4.58 13.19
C ARG A 234 -43.13 4.96 11.79
N GLY A 235 -42.35 4.07 11.17
CA GLY A 235 -41.86 4.34 9.84
C GLY A 235 -40.68 5.30 9.78
N LYS A 236 -40.22 5.75 10.94
CA LYS A 236 -39.10 6.69 11.02
C LYS A 236 -37.87 6.08 11.69
N GLY A 237 -37.94 4.77 11.98
CA GLY A 237 -36.84 4.10 12.64
C GLY A 237 -35.47 4.12 11.99
N PHE A 238 -35.41 4.22 10.66
CA PHE A 238 -34.12 4.21 9.99
C PHE A 238 -33.24 5.42 10.28
N TYR A 239 -33.85 6.57 10.51
CA TYR A 239 -33.06 7.76 10.81
C TYR A 239 -32.42 7.61 12.18
N ASP A 240 -33.11 6.92 13.09
CA ASP A 240 -32.53 6.70 14.41
C ASP A 240 -31.40 5.66 14.28
N VAL A 241 -31.58 4.72 13.36
CA VAL A 241 -30.58 3.69 13.10
C VAL A 241 -29.26 4.34 12.69
N LEU A 242 -29.33 5.25 11.74
CA LEU A 242 -28.15 5.94 11.24
C LEU A 242 -27.44 6.69 12.35
N ARG A 243 -28.22 7.36 13.20
CA ARG A 243 -27.67 8.13 14.32
C ARG A 243 -27.01 7.18 15.29
N VAL A 244 -27.66 6.04 15.54
CA VAL A 244 -27.11 5.04 16.44
C VAL A 244 -25.78 4.52 15.89
N LEU A 245 -25.74 4.24 14.59
CA LEU A 245 -24.51 3.75 13.96
C LEU A 245 -23.35 4.74 14.09
N ASP A 246 -23.63 6.05 13.95
CA ASP A 246 -22.56 7.06 14.08
C ASP A 246 -21.91 6.93 15.46
N GLY A 247 -22.73 6.70 16.48
CA GLY A 247 -22.19 6.55 17.82
C GLY A 247 -21.48 5.22 17.96
N GLY A 248 -22.03 4.18 17.32
CA GLY A 248 -21.44 2.86 17.40
C GLY A 248 -20.07 2.79 16.76
N ARG A 249 -19.90 3.53 15.66
CA ARG A 249 -18.64 3.55 14.94
C ARG A 249 -17.50 4.14 15.78
N ILE A 250 -17.82 5.03 16.70
CA ILE A 250 -16.80 5.63 17.57
C ILE A 250 -16.29 4.52 18.48
N GLY A 251 -17.21 3.70 18.97
CA GLY A 251 -16.85 2.61 19.85
C GLY A 251 -16.00 1.56 19.14
N ILE A 252 -16.38 1.22 17.92
CA ILE A 252 -15.62 0.24 17.14
C ILE A 252 -14.23 0.78 16.81
N ALA A 253 -14.12 2.07 16.53
CA ALA A 253 -12.82 2.65 16.23
C ALA A 253 -11.88 2.48 17.44
N ALA A 254 -12.40 2.73 18.65
CA ALA A 254 -11.60 2.58 19.85
C ALA A 254 -11.25 1.12 20.10
N MET A 255 -12.16 0.22 19.73
CA MET A 255 -11.92 -1.21 19.90
C MET A 255 -10.73 -1.60 19.04
N ALA A 256 -10.70 -1.06 17.82
CA ALA A 256 -9.63 -1.35 16.90
C ALA A 256 -8.29 -0.81 17.43
N VAL A 257 -8.31 0.42 17.94
CA VAL A 257 -7.08 1.01 18.45
C VAL A 257 -6.53 0.11 19.55
N GLY A 258 -7.41 -0.30 20.46
CA GLY A 258 -7.01 -1.18 21.54
C GLY A 258 -6.26 -2.40 21.05
N LEU A 259 -6.87 -3.11 20.09
CA LEU A 259 -6.28 -4.32 19.53
C LEU A 259 -4.98 -4.04 18.80
N GLY A 260 -4.95 -2.97 18.02
CA GLY A 260 -3.74 -2.64 17.30
C GLY A 260 -2.63 -2.28 18.28
N GLN A 261 -2.98 -1.52 19.32
CA GLN A 261 -1.99 -1.10 20.32
C GLN A 261 -1.40 -2.31 21.03
N ALA A 262 -2.25 -3.30 21.31
CA ALA A 262 -1.80 -4.50 22.00
C ALA A 262 -0.81 -5.25 21.13
N ALA A 263 -1.16 -5.42 19.86
CA ALA A 263 -0.29 -6.11 18.91
C ALA A 263 1.06 -5.40 18.80
N LEU A 264 1.03 -4.08 18.61
CA LEU A 264 2.26 -3.30 18.49
C LEU A 264 3.14 -3.40 19.73
N ASP A 265 2.54 -3.23 20.90
CA ASP A 265 3.28 -3.31 22.16
C ASP A 265 3.93 -4.67 22.31
N TYR A 266 3.23 -5.71 21.83
CA TYR A 266 3.77 -7.06 21.95
C TYR A 266 4.99 -7.21 21.06
N ALA A 267 4.85 -6.80 19.80
CA ALA A 267 5.94 -6.90 18.83
C ALA A 267 7.14 -6.08 19.29
N LEU A 268 6.89 -4.96 19.96
CA LEU A 268 7.96 -4.10 20.47
C LEU A 268 8.76 -4.88 21.50
N ALA A 269 8.05 -5.43 22.48
CA ALA A 269 8.69 -6.21 23.54
C ALA A 269 9.52 -7.33 22.91
N TYR A 270 8.92 -8.03 21.96
CA TYR A 270 9.60 -9.13 21.30
C TYR A 270 10.83 -8.65 20.53
N ALA A 271 10.65 -7.58 19.76
CA ALA A 271 11.73 -7.04 18.95
C ALA A 271 12.92 -6.59 19.80
N LYS A 272 12.65 -6.10 21.00
CA LYS A 272 13.72 -5.65 21.85
C LYS A 272 14.52 -6.81 22.44
N GLY A 273 13.86 -7.95 22.63
CA GLY A 273 14.52 -9.10 23.22
C GLY A 273 15.04 -10.17 22.25
N ARG A 274 14.21 -10.55 21.28
CA ARG A 274 14.60 -11.56 20.30
C ARG A 274 15.69 -11.03 19.39
N GLU A 275 16.81 -11.73 19.33
CA GLU A 275 17.91 -11.31 18.49
C GLU A 275 18.16 -12.30 17.36
N ALA A 276 18.62 -11.76 16.24
CA ALA A 276 18.92 -12.54 15.05
C ALA A 276 20.20 -11.98 14.44
N PHE A 277 21.06 -12.86 13.94
CA PHE A 277 22.32 -12.44 13.34
C PHE A 277 23.17 -11.67 14.35
N GLY A 278 23.16 -12.15 15.60
CA GLY A 278 23.94 -11.53 16.65
C GLY A 278 23.48 -10.17 17.14
N ARG A 279 22.19 -9.87 17.01
CA ARG A 279 21.68 -8.57 17.46
C ARG A 279 20.16 -8.54 17.56
N PRO A 280 19.62 -7.71 18.47
CA PRO A 280 18.16 -7.61 18.63
C PRO A 280 17.52 -7.28 17.29
N ILE A 281 16.61 -8.16 16.83
CA ILE A 281 15.94 -7.98 15.56
C ILE A 281 15.35 -6.58 15.37
N ALA A 282 15.13 -5.88 16.49
CA ALA A 282 14.57 -4.53 16.45
C ALA A 282 15.48 -3.52 15.77
N GLU A 283 16.79 -3.80 15.77
CA GLU A 283 17.75 -2.90 15.15
C GLU A 283 17.64 -2.88 13.64
N PHE A 284 17.14 -3.98 13.07
CA PHE A 284 16.98 -4.07 11.62
C PHE A 284 15.85 -3.14 11.18
N GLU A 285 16.14 -2.25 10.23
CA GLU A 285 15.15 -1.30 9.73
C GLU A 285 13.90 -1.99 9.21
N GLY A 286 14.03 -3.26 8.81
CA GLY A 286 12.89 -4.00 8.32
C GLY A 286 11.85 -4.11 9.42
N VAL A 287 12.31 -4.28 10.66
CA VAL A 287 11.43 -4.40 11.82
C VAL A 287 11.09 -3.02 12.39
N SER A 288 12.10 -2.17 12.47
CA SER A 288 11.92 -0.82 12.98
C SER A 288 10.91 -0.01 12.19
N PHE A 289 10.95 -0.13 10.87
CA PHE A 289 10.02 0.60 10.02
C PHE A 289 8.59 0.17 10.32
N LYS A 290 8.39 -1.14 10.43
CA LYS A 290 7.06 -1.67 10.73
C LYS A 290 6.52 -1.08 12.04
N LEU A 291 7.36 -1.06 13.06
CA LEU A 291 6.99 -0.53 14.37
C LEU A 291 6.67 0.96 14.28
N ALA A 292 7.53 1.71 13.62
CA ALA A 292 7.32 3.15 13.47
C ALA A 292 5.99 3.44 12.77
N GLU A 293 5.78 2.83 11.62
CA GLU A 293 4.55 3.02 10.84
C GLU A 293 3.30 2.73 11.66
N ALA A 294 3.26 1.57 12.30
CA ALA A 294 2.13 1.17 13.12
C ALA A 294 1.88 2.12 14.27
N ALA A 295 2.93 2.50 15.00
CA ALA A 295 2.76 3.42 16.13
C ALA A 295 2.16 4.74 15.64
N THR A 296 2.70 5.25 14.55
CA THR A 296 2.25 6.51 13.98
C THR A 296 0.78 6.48 13.56
N GLU A 297 0.35 5.41 12.88
CA GLU A 297 -1.05 5.34 12.47
C GLU A 297 -2.00 5.16 13.64
N LEU A 298 -1.59 4.38 14.64
CA LEU A 298 -2.46 4.19 15.80
C LEU A 298 -2.67 5.50 16.56
N GLU A 299 -1.61 6.31 16.68
CA GLU A 299 -1.74 7.60 17.38
C GLU A 299 -2.77 8.44 16.64
N ALA A 300 -2.68 8.42 15.32
CA ALA A 300 -3.61 9.20 14.50
C ALA A 300 -5.02 8.64 14.67
N ALA A 301 -5.13 7.33 14.69
CA ALA A 301 -6.43 6.66 14.84
C ALA A 301 -7.10 7.09 16.15
N ARG A 302 -6.32 7.13 17.24
CA ARG A 302 -6.86 7.51 18.55
C ARG A 302 -7.31 8.96 18.52
N LEU A 303 -6.50 9.84 17.92
CA LEU A 303 -6.89 11.24 17.84
C LEU A 303 -8.20 11.36 17.09
N LEU A 304 -8.37 10.58 16.02
CA LEU A 304 -9.60 10.63 15.24
C LEU A 304 -10.85 10.25 16.01
N TYR A 305 -10.80 9.15 16.78
CA TYR A 305 -12.00 8.79 17.51
C TYR A 305 -12.27 9.77 18.66
N LEU A 306 -11.20 10.29 19.27
CA LEU A 306 -11.37 11.25 20.37
C LEU A 306 -12.11 12.47 19.83
N LYS A 307 -11.70 12.93 18.65
CA LYS A 307 -12.33 14.07 17.99
C LYS A 307 -13.81 13.81 17.75
N ALA A 308 -14.12 12.65 17.15
CA ALA A 308 -15.50 12.28 16.88
C ALA A 308 -16.35 12.22 18.15
N ALA A 309 -15.75 11.75 19.24
CA ALA A 309 -16.44 11.64 20.52
C ALA A 309 -16.74 13.04 21.04
N GLU A 310 -15.78 13.93 20.87
CA GLU A 310 -15.89 15.32 21.31
C GLU A 310 -17.04 16.01 20.58
N LEU A 311 -17.15 15.76 19.27
CA LEU A 311 -18.20 16.36 18.48
C LEU A 311 -19.57 15.86 18.87
N LYS A 312 -19.65 14.56 19.17
CA LYS A 312 -20.92 13.97 19.56
C LYS A 312 -21.40 14.55 20.89
N ASP A 313 -20.47 14.69 21.84
CA ASP A 313 -20.81 15.22 23.16
C ASP A 313 -21.17 16.71 23.11
N ALA A 314 -20.74 17.40 22.06
CA ALA A 314 -21.03 18.82 21.89
C ALA A 314 -22.38 18.99 21.20
N GLY A 315 -22.97 17.88 20.77
CA GLY A 315 -24.26 17.94 20.11
C GLY A 315 -24.15 18.42 18.68
N ARG A 316 -22.95 18.34 18.13
CA ARG A 316 -22.73 18.77 16.75
C ARG A 316 -22.65 17.56 15.82
N PRO A 317 -22.80 17.78 14.51
CA PRO A 317 -22.73 16.68 13.54
C PRO A 317 -21.40 15.95 13.66
N PHE A 318 -21.43 14.63 13.46
CA PHE A 318 -20.20 13.85 13.55
C PHE A 318 -20.27 12.58 12.70
N THR A 319 -21.24 12.54 11.79
CA THR A 319 -21.39 11.39 10.90
C THR A 319 -20.10 11.16 10.14
N LEU A 320 -19.60 12.21 9.50
CA LEU A 320 -18.36 12.14 8.75
C LEU A 320 -17.17 11.79 9.63
N GLU A 321 -17.06 12.47 10.77
CA GLU A 321 -15.94 12.25 11.68
C GLU A 321 -15.96 10.88 12.34
N ALA A 322 -17.15 10.31 12.55
CA ALA A 322 -17.25 8.98 13.16
C ALA A 322 -16.84 7.95 12.11
N ALA A 323 -17.24 8.17 10.86
CA ALA A 323 -16.90 7.25 9.78
C ALA A 323 -15.40 7.27 9.54
N GLN A 324 -14.81 8.46 9.54
CA GLN A 324 -13.38 8.62 9.32
C GLN A 324 -12.58 7.92 10.42
N ALA A 325 -13.03 8.07 11.66
CA ALA A 325 -12.36 7.42 12.78
C ALA A 325 -12.41 5.90 12.63
N LYS A 326 -13.61 5.36 12.44
CA LYS A 326 -13.80 3.92 12.33
C LYS A 326 -13.03 3.36 11.14
N LEU A 327 -13.09 4.03 9.99
CA LEU A 327 -12.37 3.58 8.80
C LEU A 327 -10.86 3.50 9.02
N PHE A 328 -10.29 4.62 9.46
CA PHE A 328 -8.85 4.71 9.68
C PHE A 328 -8.35 3.78 10.77
N ALA A 329 -9.07 3.77 11.89
CA ALA A 329 -8.70 2.93 13.03
C ALA A 329 -8.68 1.44 12.67
N SER A 330 -9.76 0.97 12.06
CA SER A 330 -9.86 -0.44 11.70
C SER A 330 -8.78 -0.85 10.71
N GLU A 331 -8.59 -0.06 9.65
CA GLU A 331 -7.59 -0.38 8.66
C GLU A 331 -6.21 -0.37 9.28
N ALA A 332 -5.92 0.69 10.03
CA ALA A 332 -4.62 0.81 10.69
C ALA A 332 -4.39 -0.32 11.68
N ALA A 333 -5.38 -0.61 12.51
CA ALA A 333 -5.25 -1.66 13.51
C ALA A 333 -4.99 -3.01 12.89
N VAL A 334 -5.78 -3.38 11.88
CA VAL A 334 -5.60 -4.67 11.24
C VAL A 334 -4.21 -4.82 10.64
N LYS A 335 -3.70 -3.77 9.98
CA LYS A 335 -2.38 -3.85 9.39
C LYS A 335 -1.30 -3.99 10.48
N ALA A 336 -1.46 -3.27 11.59
CA ALA A 336 -0.48 -3.35 12.68
C ALA A 336 -0.49 -4.76 13.25
N CYS A 337 -1.68 -5.36 13.35
CA CYS A 337 -1.75 -6.73 13.88
C CYS A 337 -1.09 -7.69 12.89
N ASP A 338 -1.25 -7.43 11.59
CA ASP A 338 -0.66 -8.33 10.60
C ASP A 338 0.86 -8.20 10.61
N GLU A 339 1.33 -7.00 10.91
CA GLU A 339 2.78 -6.75 10.98
C GLU A 339 3.36 -7.41 12.24
N ALA A 340 2.59 -7.43 13.32
CA ALA A 340 3.03 -8.04 14.57
C ALA A 340 3.22 -9.55 14.37
N ILE A 341 2.32 -10.14 13.59
CA ILE A 341 2.41 -11.55 13.28
C ILE A 341 3.71 -11.79 12.52
N GLN A 342 3.98 -10.91 11.55
CA GLN A 342 5.16 -11.00 10.74
C GLN A 342 6.45 -10.82 11.56
N ILE A 343 6.45 -9.85 12.46
CA ILE A 343 7.64 -9.60 13.28
C ILE A 343 7.99 -10.82 14.11
N LEU A 344 6.97 -11.48 14.65
CA LEU A 344 7.18 -12.67 15.47
C LEU A 344 7.55 -13.89 14.61
N GLY A 345 7.43 -13.75 13.29
CA GLY A 345 7.78 -14.84 12.40
C GLY A 345 7.01 -16.13 12.65
N GLY A 346 7.73 -17.25 12.77
CA GLY A 346 7.10 -18.53 13.01
C GLY A 346 6.19 -18.54 14.22
N TYR A 347 6.65 -17.88 15.29
CA TYR A 347 5.87 -17.83 16.52
C TYR A 347 4.56 -17.07 16.32
N GLY A 348 4.56 -16.10 15.41
CA GLY A 348 3.33 -15.36 15.18
C GLY A 348 2.25 -16.24 14.55
N TYR A 349 2.64 -17.41 14.07
CA TYR A 349 1.68 -18.33 13.44
C TYR A 349 1.16 -19.37 14.42
N VAL A 350 1.72 -19.41 15.64
CA VAL A 350 1.25 -20.39 16.63
C VAL A 350 0.38 -19.74 17.72
N LYS A 351 -0.63 -20.47 18.16
CA LYS A 351 -1.57 -19.94 19.14
C LYS A 351 -1.06 -19.79 20.57
N ASP A 352 0.16 -20.26 20.83
CA ASP A 352 0.74 -20.10 22.15
C ASP A 352 1.05 -18.63 22.40
N TYR A 353 1.03 -17.83 21.32
CA TYR A 353 1.28 -16.40 21.42
C TYR A 353 -0.01 -15.69 20.96
N PRO A 354 -0.29 -14.51 21.53
CA PRO A 354 -1.48 -13.70 21.23
C PRO A 354 -1.61 -12.92 19.93
N VAL A 355 -0.53 -12.69 19.21
CA VAL A 355 -0.67 -11.87 18.01
C VAL A 355 -1.59 -12.44 16.94
N GLU A 356 -1.66 -13.77 16.83
CA GLU A 356 -2.53 -14.33 15.81
C GLU A 356 -3.98 -14.04 16.21
N ARG A 357 -4.23 -13.95 17.51
CA ARG A 357 -5.59 -13.68 18.00
C ARG A 357 -5.94 -12.21 17.85
N TYR A 358 -4.96 -11.33 18.06
CA TYR A 358 -5.19 -9.89 17.93
C TYR A 358 -5.70 -9.61 16.52
N TRP A 359 -5.05 -10.21 15.54
CA TRP A 359 -5.45 -10.00 14.14
C TRP A 359 -6.85 -10.58 13.86
N ARG A 360 -7.10 -11.81 14.29
CA ARG A 360 -8.41 -12.41 14.06
C ARG A 360 -9.51 -11.58 14.71
N ASP A 361 -9.24 -11.04 15.89
CA ASP A 361 -10.19 -10.20 16.60
C ASP A 361 -10.43 -8.85 15.89
N ALA A 362 -9.33 -8.16 15.55
CA ALA A 362 -9.44 -6.86 14.89
C ALA A 362 -10.01 -6.92 13.48
N ARG A 363 -9.82 -8.04 12.79
CA ARG A 363 -10.29 -8.18 11.42
C ARG A 363 -11.77 -7.81 11.31
N LEU A 364 -12.54 -8.13 12.33
CA LEU A 364 -13.96 -7.81 12.27
C LEU A 364 -14.26 -6.30 12.24
N THR A 365 -13.38 -5.48 12.83
CA THR A 365 -13.60 -4.04 12.86
C THR A 365 -13.68 -3.36 11.48
N ARG A 366 -13.18 -4.02 10.45
CA ARG A 366 -13.25 -3.46 9.09
C ARG A 366 -14.56 -3.85 8.40
N ILE A 367 -15.38 -4.64 9.08
CA ILE A 367 -16.64 -5.13 8.53
C ILE A 367 -17.88 -4.71 9.33
N GLY A 368 -17.87 -4.96 10.63
CA GLY A 368 -19.01 -4.61 11.47
C GLY A 368 -19.34 -3.13 11.53
N GLU A 369 -20.63 -2.82 11.73
CA GLU A 369 -21.15 -1.47 11.80
C GLU A 369 -20.77 -0.58 10.62
N GLY A 370 -20.75 -1.17 9.43
CA GLY A 370 -20.39 -0.44 8.22
C GLY A 370 -19.01 -0.85 7.72
N THR A 371 -18.96 -1.61 6.63
CA THR A 371 -17.67 -2.04 6.08
C THR A 371 -16.89 -0.79 5.70
N SER A 372 -15.58 -0.94 5.51
CA SER A 372 -14.76 0.21 5.13
C SER A 372 -15.24 0.81 3.82
N GLU A 373 -15.73 -0.03 2.91
CA GLU A 373 -16.24 0.44 1.62
C GLU A 373 -17.46 1.33 1.84
N ILE A 374 -18.36 0.88 2.69
CA ILE A 374 -19.56 1.63 3.05
C ILE A 374 -19.18 2.99 3.66
N LEU A 375 -18.19 2.98 4.54
CA LEU A 375 -17.75 4.20 5.22
C LEU A 375 -17.14 5.22 4.27
N LYS A 376 -16.38 4.76 3.27
CA LYS A 376 -15.76 5.65 2.30
C LYS A 376 -16.84 6.38 1.51
N LEU A 377 -17.95 5.70 1.23
CA LEU A 377 -19.06 6.30 0.49
C LEU A 377 -19.74 7.33 1.38
N VAL A 378 -19.90 6.99 2.66
CA VAL A 378 -20.50 7.92 3.60
C VAL A 378 -19.62 9.17 3.70
N ILE A 379 -18.31 8.96 3.76
CA ILE A 379 -17.38 10.06 3.85
C ILE A 379 -17.39 10.91 2.57
N ALA A 380 -17.32 10.24 1.42
CA ALA A 380 -17.33 10.95 0.15
C ALA A 380 -18.60 11.79 -0.05
N ARG A 381 -19.75 11.20 0.26
CA ARG A 381 -21.00 11.93 0.11
C ARG A 381 -21.06 13.18 0.95
N ARG A 382 -20.61 13.08 2.20
CA ARG A 382 -20.60 14.25 3.08
C ARG A 382 -19.63 15.30 2.54
N LEU A 383 -18.49 14.85 2.00
CA LEU A 383 -17.49 15.76 1.46
C LEU A 383 -18.04 16.51 0.25
N LEU A 384 -18.83 15.81 -0.56
CA LEU A 384 -19.42 16.38 -1.76
C LEU A 384 -20.61 17.32 -1.54
N GLU A 385 -21.27 17.20 -0.38
CA GLU A 385 -22.42 18.05 -0.08
C GLU A 385 -22.00 19.41 0.45
N ALA A 386 -20.76 19.54 0.90
CA ALA A 386 -20.27 20.79 1.44
C ALA A 386 -19.17 21.41 0.56
N VAL A 387 -19.09 20.94 -0.68
CA VAL A 387 -18.08 21.44 -1.62
C VAL A 387 -17.99 22.97 -1.58
N LEU B 3 1.54 -22.32 -25.77
CA LEU B 3 2.37 -21.15 -25.36
C LEU B 3 3.07 -21.44 -24.04
N TRP B 4 4.28 -20.92 -23.87
CA TRP B 4 5.08 -21.16 -22.67
C TRP B 4 4.36 -21.08 -21.34
N PHE B 5 3.67 -19.96 -21.12
CA PHE B 5 2.95 -19.70 -19.88
C PHE B 5 1.69 -20.53 -19.70
N GLU B 6 1.31 -21.27 -20.72
CA GLU B 6 0.12 -22.11 -20.61
C GLU B 6 0.56 -23.54 -20.36
N GLU B 7 -0.38 -24.38 -19.95
CA GLU B 7 -0.10 -25.77 -19.69
C GLU B 7 0.15 -26.54 -21.00
N GLY B 8 1.34 -27.10 -21.13
CA GLY B 8 1.68 -27.86 -22.33
C GLY B 8 0.91 -29.15 -22.48
N ALA B 9 1.22 -29.93 -23.52
CA ALA B 9 0.54 -31.19 -23.78
C ALA B 9 0.72 -32.24 -22.68
N GLU B 10 1.96 -32.42 -22.24
CA GLU B 10 2.24 -33.39 -21.20
C GLU B 10 1.72 -32.91 -19.85
N GLU B 11 1.73 -31.60 -19.65
CA GLU B 11 1.26 -31.04 -18.38
C GLU B 11 -0.24 -31.28 -18.25
N ARG B 12 -0.98 -31.00 -19.30
CA ARG B 12 -2.43 -31.18 -19.32
C ARG B 12 -2.84 -32.64 -19.13
N GLN B 13 -2.08 -33.56 -19.72
CA GLN B 13 -2.38 -34.98 -19.59
C GLN B 13 -2.24 -35.42 -18.14
N VAL B 14 -1.43 -34.70 -17.38
CA VAL B 14 -1.25 -35.01 -15.97
C VAL B 14 -2.24 -34.23 -15.12
N LEU B 15 -2.32 -32.92 -15.33
CA LEU B 15 -3.21 -32.07 -14.56
C LEU B 15 -4.70 -32.27 -14.80
N GLY B 16 -5.09 -32.70 -16.00
CA GLY B 16 -6.50 -32.90 -16.27
C GLY B 16 -7.13 -33.85 -15.26
N PRO B 17 -6.65 -35.10 -15.21
CA PRO B 17 -7.19 -36.09 -14.27
C PRO B 17 -6.83 -35.77 -12.81
N PHE B 18 -5.69 -35.11 -12.59
CA PHE B 18 -5.28 -34.78 -11.21
C PHE B 18 -6.32 -33.84 -10.60
N ARG B 19 -6.71 -32.80 -11.34
CA ARG B 19 -7.71 -31.86 -10.84
C ARG B 19 -9.07 -32.47 -10.59
N GLU B 20 -9.45 -33.44 -11.42
CA GLU B 20 -10.74 -34.10 -11.23
C GLU B 20 -10.68 -34.86 -9.91
N PHE B 21 -9.53 -35.47 -9.64
CA PHE B 21 -9.32 -36.21 -8.39
C PHE B 21 -9.42 -35.28 -7.18
N LEU B 22 -8.78 -34.11 -7.29
CA LEU B 22 -8.77 -33.14 -6.21
C LEU B 22 -10.19 -32.64 -5.87
N LYS B 23 -10.95 -32.28 -6.90
CA LYS B 23 -12.32 -31.80 -6.71
C LYS B 23 -13.19 -32.83 -6.02
N ALA B 24 -13.07 -34.09 -6.44
CA ALA B 24 -13.89 -35.14 -5.85
C ALA B 24 -13.41 -35.74 -4.53
N GLU B 25 -12.11 -35.83 -4.34
CA GLU B 25 -11.61 -36.47 -3.11
C GLU B 25 -11.01 -35.55 -2.06
N VAL B 26 -10.33 -34.50 -2.48
CA VAL B 26 -9.69 -33.57 -1.55
C VAL B 26 -10.61 -32.48 -1.03
N ALA B 27 -11.29 -31.80 -1.94
CA ALA B 27 -12.18 -30.69 -1.60
C ALA B 27 -13.31 -30.91 -0.59
N PRO B 28 -14.03 -32.04 -0.68
CA PRO B 28 -15.13 -32.27 0.27
C PRO B 28 -14.76 -32.20 1.75
N GLY B 29 -13.57 -32.65 2.10
CA GLY B 29 -13.19 -32.64 3.50
C GLY B 29 -12.21 -31.59 3.98
N ALA B 30 -11.83 -30.64 3.13
CA ALA B 30 -10.88 -29.61 3.55
C ALA B 30 -11.36 -28.81 4.75
N ALA B 31 -12.64 -28.42 4.75
CA ALA B 31 -13.19 -27.65 5.87
C ALA B 31 -13.09 -28.44 7.18
N GLU B 32 -13.45 -29.71 7.12
CA GLU B 32 -13.41 -30.55 8.31
C GLU B 32 -11.98 -30.78 8.82
N ARG B 33 -11.01 -30.92 7.91
CA ARG B 33 -9.64 -31.14 8.34
C ARG B 33 -9.08 -29.92 9.03
N ASP B 34 -9.51 -28.74 8.60
CA ASP B 34 -9.07 -27.50 9.21
C ASP B 34 -9.56 -27.41 10.65
N ARG B 35 -10.71 -27.99 10.94
CA ARG B 35 -11.18 -27.95 12.32
C ARG B 35 -10.68 -29.08 13.20
N THR B 36 -10.51 -30.27 12.64
CA THR B 36 -10.05 -31.43 13.44
C THR B 36 -8.54 -31.58 13.47
N GLY B 37 -7.88 -31.08 12.43
CA GLY B 37 -6.43 -31.22 12.36
C GLY B 37 -5.94 -32.64 12.13
N ALA B 38 -6.84 -33.56 11.79
CA ALA B 38 -6.44 -34.95 11.57
C ALA B 38 -5.65 -35.12 10.27
N PHE B 39 -4.45 -35.68 10.37
CA PHE B 39 -3.60 -35.89 9.20
C PHE B 39 -4.31 -36.83 8.22
N PRO B 40 -4.48 -36.40 6.96
CA PRO B 40 -5.17 -37.24 5.97
C PRO B 40 -4.36 -38.33 5.29
N TRP B 41 -4.13 -39.43 6.00
CA TRP B 41 -3.35 -40.52 5.43
C TRP B 41 -3.98 -41.09 4.16
N ASP B 42 -5.31 -41.16 4.10
CA ASP B 42 -5.96 -41.69 2.92
C ASP B 42 -5.59 -40.87 1.69
N LEU B 43 -5.67 -39.54 1.83
CA LEU B 43 -5.35 -38.63 0.73
C LEU B 43 -3.87 -38.64 0.34
N VAL B 44 -3.00 -38.78 1.33
CA VAL B 44 -1.56 -38.85 1.07
C VAL B 44 -1.32 -40.03 0.15
N ARG B 45 -1.89 -41.18 0.52
CA ARG B 45 -1.75 -42.38 -0.26
C ARG B 45 -2.33 -42.24 -1.66
N LYS B 46 -3.52 -41.64 -1.77
CA LYS B 46 -4.13 -41.47 -3.08
C LYS B 46 -3.33 -40.50 -3.93
N LEU B 47 -2.83 -39.44 -3.31
CA LEU B 47 -2.02 -38.44 -4.03
C LEU B 47 -0.74 -39.13 -4.53
N ALA B 48 -0.19 -40.02 -3.71
CA ALA B 48 1.05 -40.72 -4.06
C ALA B 48 0.93 -41.58 -5.31
N GLU B 49 -0.27 -42.07 -5.59
CA GLU B 49 -0.50 -42.88 -6.77
C GLU B 49 -0.28 -42.04 -8.02
N PHE B 50 -0.34 -40.71 -7.87
CA PHE B 50 -0.07 -39.83 -9.01
C PHE B 50 1.42 -39.47 -9.01
N GLY B 51 2.17 -40.11 -8.11
CA GLY B 51 3.60 -39.87 -8.03
C GLY B 51 3.98 -38.51 -7.46
N VAL B 52 2.99 -37.81 -6.90
CA VAL B 52 3.19 -36.48 -6.36
C VAL B 52 4.14 -36.40 -5.16
N PHE B 53 4.38 -37.52 -4.49
CA PHE B 53 5.29 -37.52 -3.35
C PHE B 53 6.74 -37.78 -3.74
N GLY B 54 6.97 -37.84 -5.05
CA GLY B 54 8.31 -38.05 -5.58
C GLY B 54 8.32 -37.39 -6.94
N ALA B 55 7.64 -36.25 -7.01
CA ALA B 55 7.49 -35.48 -8.22
C ALA B 55 8.75 -35.20 -9.01
N LEU B 56 9.81 -34.79 -8.31
CA LEU B 56 11.06 -34.44 -8.97
C LEU B 56 12.13 -35.54 -8.91
N VAL B 57 11.81 -36.64 -8.26
CA VAL B 57 12.72 -37.75 -8.15
C VAL B 57 12.74 -38.51 -9.48
N PRO B 58 13.93 -38.81 -10.01
CA PRO B 58 14.04 -39.53 -11.29
C PRO B 58 13.31 -40.86 -11.19
N GLU B 59 12.70 -41.29 -12.30
CA GLU B 59 11.98 -42.56 -12.29
C GLU B 59 12.90 -43.72 -11.91
N ALA B 60 14.18 -43.59 -12.25
CA ALA B 60 15.17 -44.61 -11.93
C ALA B 60 15.18 -44.86 -10.43
N TYR B 61 14.80 -43.85 -9.66
CA TYR B 61 14.77 -43.99 -8.21
C TYR B 61 13.35 -44.12 -7.66
N GLY B 62 12.43 -44.56 -8.52
CA GLY B 62 11.05 -44.72 -8.11
C GLY B 62 10.24 -43.44 -8.10
N GLY B 63 10.81 -42.39 -8.68
CA GLY B 63 10.12 -41.12 -8.72
C GLY B 63 9.24 -40.98 -9.94
N ALA B 64 8.67 -39.79 -10.13
CA ALA B 64 7.79 -39.56 -11.27
C ALA B 64 8.56 -38.87 -12.38
N GLY B 65 9.73 -38.34 -12.05
CA GLY B 65 10.55 -37.66 -13.05
C GLY B 65 9.90 -36.46 -13.74
N LEU B 66 9.13 -35.67 -12.99
CA LEU B 66 8.48 -34.51 -13.58
C LEU B 66 9.38 -33.28 -13.55
N SER B 67 9.06 -32.29 -14.36
CA SER B 67 9.83 -31.05 -14.39
C SER B 67 9.45 -30.27 -13.12
N THR B 68 10.22 -29.24 -12.79
CA THR B 68 9.90 -28.46 -11.59
C THR B 68 8.68 -27.62 -11.90
N ARG B 69 8.53 -27.28 -13.17
CA ARG B 69 7.41 -26.50 -13.63
C ARG B 69 6.09 -27.26 -13.40
N LEU B 70 6.06 -28.54 -13.76
CA LEU B 70 4.84 -29.34 -13.58
C LEU B 70 4.57 -29.60 -12.09
N PHE B 71 5.63 -29.86 -11.33
CA PHE B 71 5.50 -30.10 -9.89
C PHE B 71 4.86 -28.89 -9.26
N ALA B 72 5.35 -27.71 -9.63
CA ALA B 72 4.81 -26.46 -9.10
C ALA B 72 3.32 -26.31 -9.43
N ARG B 73 2.94 -26.57 -10.68
CA ARG B 73 1.53 -26.47 -11.07
C ARG B 73 0.69 -27.43 -10.21
N MET B 74 1.22 -28.62 -9.96
CA MET B 74 0.50 -29.59 -9.12
C MET B 74 0.35 -29.06 -7.70
N VAL B 75 1.40 -28.47 -7.14
CA VAL B 75 1.30 -27.90 -5.79
C VAL B 75 0.19 -26.84 -5.81
N GLU B 76 0.20 -25.97 -6.82
CA GLU B 76 -0.82 -24.93 -6.94
C GLU B 76 -2.22 -25.55 -6.96
N ALA B 77 -2.38 -26.62 -7.73
CA ALA B 77 -3.67 -27.29 -7.85
C ALA B 77 -4.16 -27.80 -6.49
N ILE B 78 -3.25 -28.42 -5.74
CA ILE B 78 -3.62 -28.96 -4.43
C ILE B 78 -4.02 -27.81 -3.50
N ALA B 79 -3.19 -26.76 -3.46
CA ALA B 79 -3.41 -25.59 -2.59
C ALA B 79 -4.76 -24.93 -2.84
N TYR B 80 -5.23 -25.02 -4.08
CA TYR B 80 -6.52 -24.44 -4.46
C TYR B 80 -7.60 -25.08 -3.59
N TYR B 81 -7.44 -26.35 -3.24
CA TYR B 81 -8.44 -27.03 -2.43
C TYR B 81 -8.08 -27.31 -0.98
N ASP B 82 -6.80 -27.47 -0.69
CA ASP B 82 -6.41 -27.74 0.69
C ASP B 82 -4.98 -27.23 0.86
N GLY B 83 -4.84 -26.15 1.63
CA GLY B 83 -3.51 -25.60 1.86
C GLY B 83 -2.64 -26.54 2.67
N ALA B 84 -3.25 -27.18 3.67
CA ALA B 84 -2.53 -28.13 4.53
C ALA B 84 -1.86 -29.22 3.72
N LEU B 85 -2.62 -29.81 2.78
CA LEU B 85 -2.07 -30.87 1.93
C LEU B 85 -1.00 -30.34 0.99
N ALA B 86 -1.21 -29.14 0.45
CA ALA B 86 -0.22 -28.58 -0.43
C ALA B 86 1.08 -28.41 0.33
N LEU B 87 1.02 -27.91 1.56
CA LEU B 87 2.24 -27.75 2.33
C LEU B 87 2.91 -29.09 2.55
N THR B 88 2.12 -30.10 2.90
CA THR B 88 2.65 -31.43 3.14
C THR B 88 3.43 -31.92 1.92
N VAL B 89 2.82 -31.81 0.75
CA VAL B 89 3.42 -32.22 -0.51
C VAL B 89 4.65 -31.38 -0.84
N ALA B 90 4.52 -30.05 -0.75
CA ALA B 90 5.63 -29.17 -1.08
C ALA B 90 6.86 -29.39 -0.19
N SER B 91 6.66 -29.44 1.13
CA SER B 91 7.77 -29.65 2.05
C SER B 91 8.42 -31.02 1.84
N HIS B 92 7.62 -32.08 1.88
CA HIS B 92 8.15 -33.44 1.70
C HIS B 92 9.06 -33.52 0.48
N ASN B 93 8.58 -33.01 -0.66
CA ASN B 93 9.34 -33.02 -1.90
C ASN B 93 10.56 -32.11 -1.95
N SER B 94 10.37 -30.84 -1.61
CA SER B 94 11.45 -29.86 -1.70
C SER B 94 12.55 -29.92 -0.66
N LEU B 95 12.18 -30.23 0.58
CA LEU B 95 13.15 -30.26 1.67
C LEU B 95 13.84 -31.59 1.90
N ALA B 96 13.22 -32.50 2.64
CA ALA B 96 13.82 -33.79 2.92
C ALA B 96 14.20 -34.59 1.67
N THR B 97 13.25 -34.80 0.78
CA THR B 97 13.51 -35.55 -0.45
C THR B 97 14.50 -34.80 -1.33
N GLY B 98 14.19 -33.53 -1.58
CA GLY B 98 15.07 -32.72 -2.41
C GLY B 98 16.50 -32.65 -1.89
N HIS B 99 16.68 -32.57 -0.58
CA HIS B 99 18.02 -32.49 -0.03
C HIS B 99 18.78 -33.80 -0.29
N ILE B 100 18.12 -34.93 -0.07
CA ILE B 100 18.74 -36.24 -0.30
C ILE B 100 19.04 -36.43 -1.78
N LEU B 101 18.13 -35.99 -2.63
CA LEU B 101 18.30 -36.10 -4.08
C LEU B 101 19.47 -35.22 -4.54
N LEU B 102 19.62 -34.05 -3.91
CA LEU B 102 20.67 -33.11 -4.28
C LEU B 102 22.09 -33.46 -3.83
N ALA B 103 22.27 -33.74 -2.55
CA ALA B 103 23.60 -34.02 -2.01
C ALA B 103 23.91 -35.47 -1.67
N GLY B 104 22.96 -36.37 -1.91
CA GLY B 104 23.20 -37.75 -1.57
C GLY B 104 24.03 -38.55 -2.54
N SER B 105 24.81 -39.48 -2.00
CA SER B 105 25.63 -40.36 -2.83
C SER B 105 24.62 -41.32 -3.45
N GLU B 106 25.03 -42.08 -4.46
CA GLU B 106 24.11 -43.02 -5.08
C GLU B 106 23.58 -44.02 -4.05
N ALA B 107 24.42 -44.35 -3.08
CA ALA B 107 24.04 -45.30 -2.03
C ALA B 107 22.91 -44.74 -1.17
N GLN B 108 23.02 -43.47 -0.81
CA GLN B 108 22.00 -42.83 0.02
C GLN B 108 20.72 -42.67 -0.77
N LYS B 109 20.82 -42.28 -2.04
CA LYS B 109 19.63 -42.10 -2.86
C LYS B 109 18.84 -43.39 -2.97
N GLU B 110 19.55 -44.49 -3.18
CA GLU B 110 18.91 -45.80 -3.32
C GLU B 110 18.27 -46.24 -2.01
N ALA B 111 18.89 -45.85 -0.90
CA ALA B 111 18.39 -46.22 0.42
C ALA B 111 17.16 -45.42 0.85
N PHE B 112 17.11 -44.14 0.48
CA PHE B 112 16.00 -43.28 0.90
C PHE B 112 14.93 -42.86 -0.12
N LEU B 113 15.34 -42.55 -1.34
CA LEU B 113 14.39 -42.08 -2.35
C LEU B 113 13.21 -42.99 -2.72
N PRO B 114 13.45 -44.30 -2.87
CA PRO B 114 12.32 -45.16 -3.23
C PRO B 114 11.14 -45.04 -2.26
N LYS B 115 11.43 -45.08 -0.96
CA LYS B 115 10.38 -44.97 0.06
C LYS B 115 9.75 -43.58 0.10
N LEU B 116 10.59 -42.56 -0.06
CA LEU B 116 10.11 -41.17 -0.03
C LEU B 116 9.23 -40.86 -1.25
N ALA B 117 9.69 -41.31 -2.41
CA ALA B 117 8.99 -41.06 -3.66
C ALA B 117 7.66 -41.78 -3.81
N SER B 118 7.47 -42.90 -3.10
CA SER B 118 6.22 -43.63 -3.18
C SER B 118 5.23 -43.19 -2.11
N GLY B 119 5.71 -42.41 -1.14
CA GLY B 119 4.85 -41.95 -0.08
C GLY B 119 4.79 -42.94 1.07
N GLU B 120 5.50 -44.05 0.95
CA GLU B 120 5.53 -45.06 2.00
C GLU B 120 6.13 -44.45 3.26
N ALA B 121 7.13 -43.58 3.06
CA ALA B 121 7.76 -42.89 4.18
C ALA B 121 7.75 -41.40 3.86
N LEU B 122 7.26 -40.59 4.79
CA LEU B 122 7.23 -39.15 4.58
C LEU B 122 8.53 -38.57 5.13
N GLY B 123 9.00 -37.48 4.54
CA GLY B 123 10.23 -36.86 5.00
C GLY B 123 10.09 -35.57 5.78
N ALA B 124 10.92 -35.43 6.81
CA ALA B 124 10.93 -34.24 7.66
C ALA B 124 12.30 -33.60 7.53
N TRP B 125 12.33 -32.28 7.41
CA TRP B 125 13.58 -31.54 7.25
C TRP B 125 13.74 -30.58 8.43
N GLY B 126 14.71 -30.87 9.29
CA GLY B 126 14.92 -30.05 10.48
C GLY B 126 16.09 -29.09 10.45
N LEU B 127 15.81 -27.84 10.13
CA LEU B 127 16.80 -26.78 10.08
C LEU B 127 16.52 -25.73 11.16
N THR B 128 15.31 -25.16 11.14
CA THR B 128 14.94 -24.13 12.10
C THR B 128 14.96 -24.60 13.56
N GLU B 129 15.37 -23.70 14.45
CA GLU B 129 15.44 -24.02 15.87
C GLU B 129 14.75 -22.95 16.72
N PRO B 130 14.47 -23.26 17.99
CA PRO B 130 13.82 -22.29 18.87
C PRO B 130 14.60 -20.98 18.95
N GLY B 131 15.93 -21.09 18.93
CA GLY B 131 16.76 -19.90 19.03
C GLY B 131 17.22 -19.31 17.71
N SER B 132 16.75 -19.86 16.60
CA SER B 132 17.15 -19.36 15.28
C SER B 132 16.29 -19.88 14.14
N GLY B 133 15.79 -18.97 13.32
CA GLY B 133 14.97 -19.33 12.18
C GLY B 133 15.51 -18.74 10.88
N SER B 134 15.43 -17.41 10.77
CA SER B 134 15.92 -16.71 9.59
C SER B 134 17.45 -16.81 9.55
N ASP B 135 18.06 -16.83 10.74
CA ASP B 135 19.51 -16.94 10.86
C ASP B 135 19.84 -18.41 11.08
N ALA B 136 19.46 -19.23 10.10
CA ALA B 136 19.67 -20.68 10.12
C ALA B 136 21.09 -21.13 10.45
N ALA B 137 22.08 -20.40 9.97
CA ALA B 137 23.48 -20.77 10.22
C ALA B 137 23.84 -20.73 11.69
N ALA B 138 22.95 -20.17 12.51
CA ALA B 138 23.17 -20.07 13.94
C ALA B 138 22.56 -21.25 14.69
N LEU B 139 22.63 -22.43 14.09
CA LEU B 139 22.08 -23.65 14.71
C LEU B 139 22.80 -23.98 16.01
N LYS B 140 22.07 -24.55 16.97
CA LYS B 140 22.64 -24.93 18.25
C LYS B 140 22.73 -26.45 18.31
N THR B 141 22.01 -27.13 17.41
CA THR B 141 22.03 -28.58 17.35
C THR B 141 23.47 -28.98 17.04
N LYS B 142 23.95 -30.03 17.69
CA LYS B 142 25.33 -30.45 17.48
C LYS B 142 25.46 -31.91 17.06
N ALA B 143 26.47 -32.19 16.26
CA ALA B 143 26.75 -33.55 15.80
C ALA B 143 28.16 -33.90 16.26
N GLU B 144 28.28 -34.95 17.06
CA GLU B 144 29.58 -35.39 17.57
C GLU B 144 30.06 -36.63 16.84
N LYS B 145 31.28 -36.58 16.30
CA LYS B 145 31.83 -37.73 15.59
C LYS B 145 32.15 -38.82 16.60
N VAL B 146 31.50 -39.97 16.45
CA VAL B 146 31.71 -41.10 17.33
C VAL B 146 32.11 -42.31 16.51
N GLU B 147 32.52 -43.39 17.19
CA GLU B 147 32.93 -44.59 16.49
C GLU B 147 31.72 -45.33 15.93
N GLY B 148 31.63 -45.38 14.60
CA GLY B 148 30.52 -46.05 13.97
C GLY B 148 29.49 -45.12 13.38
N GLY B 149 29.58 -43.84 13.74
CA GLY B 149 28.64 -42.86 13.22
C GLY B 149 28.73 -41.52 13.92
N TRP B 150 27.58 -41.01 14.39
CA TRP B 150 27.53 -39.71 15.07
C TRP B 150 26.52 -39.67 16.22
N ARG B 151 26.63 -38.64 17.04
CA ARG B 151 25.73 -38.41 18.17
C ARG B 151 25.09 -37.05 17.98
N LEU B 152 23.76 -37.02 17.95
CA LEU B 152 23.04 -35.78 17.76
C LEU B 152 22.35 -35.29 19.03
N ASN B 153 22.47 -33.99 19.29
CA ASN B 153 21.85 -33.37 20.45
C ASN B 153 21.40 -31.95 20.13
N GLY B 154 20.11 -31.69 20.39
CA GLY B 154 19.57 -30.36 20.12
C GLY B 154 18.06 -30.37 19.92
N THR B 155 17.52 -29.23 19.53
CA THR B 155 16.08 -29.10 19.32
C THR B 155 15.77 -28.42 17.99
N LYS B 156 14.75 -28.92 17.31
CA LYS B 156 14.32 -28.36 16.03
C LYS B 156 12.89 -27.85 16.19
N GLN B 157 12.62 -26.68 15.62
CA GLN B 157 11.30 -26.04 15.74
C GLN B 157 10.43 -25.99 14.48
N PHE B 158 9.14 -26.24 14.66
CA PHE B 158 8.17 -26.15 13.56
C PHE B 158 8.58 -27.01 12.36
N ILE B 159 8.84 -28.30 12.59
CA ILE B 159 9.25 -29.20 11.51
C ILE B 159 8.04 -29.87 10.85
N THR B 160 7.89 -29.64 9.55
CA THR B 160 6.78 -30.22 8.79
C THR B 160 6.96 -31.73 8.67
N GLN B 161 5.95 -32.48 9.10
CA GLN B 161 5.99 -33.94 9.09
C GLN B 161 6.86 -34.47 10.24
N GLY B 162 7.27 -33.57 11.13
CA GLY B 162 8.10 -33.95 12.27
C GLY B 162 7.59 -35.14 13.08
N SER B 163 6.29 -35.27 13.22
CA SER B 163 5.74 -36.39 13.99
C SER B 163 5.34 -37.59 13.15
N VAL B 164 5.12 -37.39 11.85
CA VAL B 164 4.70 -38.51 11.01
C VAL B 164 5.77 -39.03 10.05
N ALA B 165 6.94 -38.41 10.05
CA ALA B 165 8.02 -38.78 9.14
C ALA B 165 8.68 -40.15 9.38
N GLY B 166 9.01 -40.81 8.28
CA GLY B 166 9.69 -42.10 8.36
C GLY B 166 11.15 -41.88 7.99
N VAL B 167 11.45 -40.66 7.54
CA VAL B 167 12.80 -40.27 7.17
C VAL B 167 13.05 -38.83 7.60
N TYR B 168 14.19 -38.60 8.26
CA TYR B 168 14.55 -37.27 8.72
C TYR B 168 15.88 -36.80 8.13
N VAL B 169 16.00 -35.49 7.94
CA VAL B 169 17.22 -34.87 7.44
C VAL B 169 17.43 -33.73 8.42
N VAL B 170 18.45 -33.84 9.26
CA VAL B 170 18.72 -32.83 10.28
C VAL B 170 20.06 -32.13 10.13
N MET B 171 20.04 -30.80 10.24
CA MET B 171 21.25 -30.00 10.15
C MET B 171 21.81 -29.77 11.55
N ALA B 172 23.10 -30.05 11.71
CA ALA B 172 23.75 -29.89 13.01
C ALA B 172 25.19 -29.45 12.87
N ARG B 173 25.65 -28.65 13.83
CA ARG B 173 27.02 -28.16 13.85
C ARG B 173 27.98 -29.30 14.14
N THR B 174 28.94 -29.51 13.25
CA THR B 174 29.93 -30.58 13.43
C THR B 174 31.31 -29.98 13.67
N ASP B 175 31.60 -28.87 13.00
CA ASP B 175 32.88 -28.21 13.13
C ASP B 175 32.72 -26.72 13.42
N PRO B 176 33.57 -26.18 14.31
CA PRO B 176 33.53 -24.76 14.69
C PRO B 176 33.83 -23.83 13.52
N PRO B 177 33.07 -22.72 13.42
CA PRO B 177 33.31 -21.76 12.33
C PRO B 177 34.51 -20.90 12.69
N PRO B 178 35.17 -20.29 11.70
CA PRO B 178 36.32 -19.44 12.03
C PRO B 178 35.85 -18.17 12.74
N SER B 179 35.38 -17.21 11.95
CA SER B 179 34.90 -15.94 12.48
C SER B 179 33.43 -16.04 12.90
N PRO B 180 33.00 -15.20 13.84
CA PRO B 180 31.61 -15.21 14.32
C PRO B 180 30.64 -14.71 13.25
N GLU B 181 31.09 -14.71 12.00
CA GLU B 181 30.26 -14.26 10.88
C GLU B 181 30.04 -15.40 9.90
N ARG B 182 31.12 -16.07 9.52
CA ARG B 182 31.02 -17.19 8.58
C ARG B 182 30.62 -18.48 9.29
N LYS B 183 29.51 -18.43 10.01
CA LYS B 183 28.99 -19.58 10.74
C LYS B 183 28.40 -20.58 9.75
N HIS B 184 28.02 -20.09 8.57
CA HIS B 184 27.44 -20.94 7.54
C HIS B 184 28.38 -22.07 7.19
N GLN B 185 29.63 -21.96 7.64
CA GLN B 185 30.63 -22.97 7.39
C GLN B 185 30.81 -23.78 8.67
N GLY B 186 30.83 -25.10 8.53
CA GLY B 186 30.99 -25.96 9.70
C GLY B 186 29.72 -26.70 10.05
N ILE B 187 28.68 -26.48 9.24
CA ILE B 187 27.39 -27.13 9.45
C ILE B 187 27.32 -28.37 8.56
N SER B 188 26.70 -29.42 9.09
CA SER B 188 26.54 -30.67 8.36
C SER B 188 25.09 -31.15 8.38
N ALA B 189 24.73 -31.98 7.41
CA ALA B 189 23.37 -32.52 7.31
C ALA B 189 23.39 -34.04 7.51
N PHE B 190 22.35 -34.57 8.15
CA PHE B 190 22.26 -36.00 8.38
C PHE B 190 20.90 -36.56 8.02
N ALA B 191 20.89 -37.60 7.19
CA ALA B 191 19.65 -38.26 6.78
C ALA B 191 19.57 -39.63 7.43
N PHE B 192 18.43 -39.96 8.01
CA PHE B 192 18.26 -41.25 8.69
C PHE B 192 16.79 -41.60 8.88
N PHE B 193 16.50 -42.89 9.04
CA PHE B 193 15.13 -43.31 9.26
C PHE B 193 14.74 -43.05 10.71
N ARG B 194 13.44 -42.94 10.97
CA ARG B 194 12.96 -42.69 12.32
C ARG B 194 13.61 -43.69 13.28
N PRO B 195 14.40 -43.18 14.23
CA PRO B 195 15.10 -44.02 15.22
C PRO B 195 14.21 -44.45 16.40
N GLU B 196 14.45 -45.65 16.91
CA GLU B 196 13.66 -46.18 18.02
C GLU B 196 13.88 -45.37 19.30
N ARG B 197 15.06 -44.76 19.40
CA ARG B 197 15.42 -43.96 20.55
C ARG B 197 16.32 -42.81 20.12
N GLY B 198 16.28 -41.71 20.87
CA GLY B 198 17.10 -40.56 20.55
C GLY B 198 16.28 -39.40 19.99
N LEU B 199 15.12 -39.70 19.43
CA LEU B 199 14.24 -38.68 18.87
C LEU B 199 12.88 -38.61 19.58
N LYS B 200 12.62 -37.48 20.24
CA LYS B 200 11.36 -37.25 20.93
C LYS B 200 10.61 -36.14 20.23
N VAL B 201 9.37 -36.42 19.84
CA VAL B 201 8.55 -35.44 19.16
C VAL B 201 7.66 -34.73 20.17
N GLY B 202 7.69 -33.40 20.14
CA GLY B 202 6.86 -32.64 21.06
C GLY B 202 5.40 -32.73 20.62
N ARG B 203 4.50 -32.14 21.40
CA ARG B 203 3.08 -32.17 21.07
C ARG B 203 2.76 -31.32 19.83
N LYS B 204 1.80 -31.77 19.05
CA LYS B 204 1.38 -31.05 17.84
C LYS B 204 1.05 -29.62 18.25
N GLU B 205 1.68 -28.64 17.61
CA GLU B 205 1.42 -27.25 17.95
C GLU B 205 0.15 -26.72 17.34
N GLU B 206 -0.53 -25.83 18.07
CA GLU B 206 -1.77 -25.25 17.58
C GLU B 206 -1.35 -24.08 16.73
N LYS B 207 -1.81 -24.06 15.48
CA LYS B 207 -1.44 -23.01 14.55
C LYS B 207 -2.66 -22.24 14.06
N LEU B 208 -2.39 -21.06 13.50
CA LEU B 208 -3.39 -20.18 12.94
C LEU B 208 -4.15 -20.87 11.78
N GLY B 209 -3.41 -21.59 10.94
CA GLY B 209 -4.03 -22.28 9.82
C GLY B 209 -3.24 -23.53 9.46
N LEU B 210 -3.58 -24.16 8.34
CA LEU B 210 -2.90 -25.38 7.88
C LEU B 210 -2.99 -26.40 9.02
N THR B 211 -4.14 -26.40 9.67
CA THR B 211 -4.41 -27.26 10.82
C THR B 211 -4.00 -28.72 10.65
N ALA B 212 -4.42 -29.33 9.55
CA ALA B 212 -4.12 -30.74 9.32
C ALA B 212 -2.69 -31.00 8.82
N SER B 213 -1.89 -29.95 8.74
CA SER B 213 -0.49 -30.09 8.36
C SER B 213 0.26 -30.53 9.63
N ASP B 214 1.10 -31.54 9.52
CA ASP B 214 1.83 -32.01 10.69
C ASP B 214 3.01 -31.12 10.99
N THR B 215 2.99 -30.46 12.13
CA THR B 215 4.08 -29.58 12.53
C THR B 215 4.46 -29.94 13.96
N ALA B 216 5.75 -30.17 14.20
CA ALA B 216 6.18 -30.54 15.54
C ALA B 216 7.60 -30.13 15.89
N GLN B 217 7.88 -30.12 17.19
CA GLN B 217 9.22 -29.80 17.68
C GLN B 217 9.93 -31.14 17.84
N LEU B 218 11.20 -31.17 17.46
CA LEU B 218 11.97 -32.39 17.58
C LEU B 218 13.09 -32.23 18.62
N ILE B 219 13.14 -33.16 19.56
CA ILE B 219 14.17 -33.13 20.60
C ILE B 219 15.09 -34.34 20.37
N LEU B 220 16.32 -34.08 19.95
CA LEU B 220 17.28 -35.14 19.70
C LEU B 220 18.19 -35.29 20.92
N GLU B 221 18.09 -36.44 21.59
CA GLU B 221 18.90 -36.71 22.77
C GLU B 221 19.83 -37.90 22.56
N ASP B 222 21.11 -37.61 22.36
CA ASP B 222 22.10 -38.66 22.14
C ASP B 222 21.66 -39.61 21.04
N LEU B 223 21.12 -39.05 19.96
CA LEU B 223 20.66 -39.86 18.85
C LEU B 223 21.85 -40.34 18.05
N PHE B 224 21.90 -41.65 17.82
CA PHE B 224 22.98 -42.24 17.05
C PHE B 224 22.57 -42.54 15.62
N VAL B 225 23.33 -42.01 14.68
CA VAL B 225 23.07 -42.25 13.27
C VAL B 225 24.34 -42.89 12.70
N PRO B 226 24.20 -43.93 11.87
CA PRO B 226 25.36 -44.60 11.28
C PRO B 226 26.22 -43.64 10.48
N GLU B 227 27.38 -44.10 10.06
CA GLU B 227 28.29 -43.28 9.30
C GLU B 227 27.66 -42.86 7.96
N GLU B 228 26.78 -43.71 7.44
CA GLU B 228 26.12 -43.43 6.16
C GLU B 228 25.08 -42.32 6.24
N ALA B 229 24.84 -41.81 7.43
CA ALA B 229 23.86 -40.73 7.61
C ALA B 229 24.37 -39.38 7.11
N LEU B 230 25.68 -39.18 7.15
CA LEU B 230 26.26 -37.92 6.69
C LEU B 230 25.84 -37.61 5.26
N LEU B 231 25.12 -36.51 5.06
CA LEU B 231 24.63 -36.09 3.75
C LEU B 231 25.40 -34.88 3.26
N GLY B 232 26.27 -35.07 2.27
CA GLY B 232 27.06 -33.96 1.76
C GLY B 232 28.39 -33.93 2.49
N GLU B 233 29.27 -33.01 2.11
CA GLU B 233 30.58 -32.88 2.74
C GLU B 233 30.46 -32.32 4.15
N ARG B 234 31.22 -32.90 5.07
CA ARG B 234 31.19 -32.44 6.46
C ARG B 234 31.52 -30.96 6.53
N GLY B 235 30.70 -30.20 7.26
CA GLY B 235 30.93 -28.77 7.39
C GLY B 235 30.53 -27.93 6.19
N LYS B 236 30.01 -28.58 5.15
CA LYS B 236 29.61 -27.88 3.94
C LYS B 236 28.10 -28.04 3.69
N GLY B 237 27.39 -28.54 4.70
CA GLY B 237 25.97 -28.77 4.57
C GLY B 237 25.11 -27.54 4.35
N PHE B 238 25.53 -26.39 4.87
CA PHE B 238 24.72 -25.19 4.73
C PHE B 238 24.64 -24.67 3.30
N TYR B 239 25.61 -25.06 2.47
CA TYR B 239 25.60 -24.61 1.08
C TYR B 239 24.54 -25.42 0.32
N ASP B 240 24.27 -26.64 0.78
CA ASP B 240 23.26 -27.45 0.13
C ASP B 240 21.89 -26.98 0.64
N VAL B 241 21.86 -26.55 1.91
CA VAL B 241 20.64 -26.05 2.51
C VAL B 241 20.13 -24.87 1.68
N LEU B 242 21.03 -23.93 1.40
CA LEU B 242 20.67 -22.74 0.64
C LEU B 242 20.11 -23.12 -0.73
N ARG B 243 20.70 -24.14 -1.33
CA ARG B 243 20.26 -24.61 -2.65
C ARG B 243 18.89 -25.26 -2.52
N VAL B 244 18.71 -26.05 -1.46
CA VAL B 244 17.45 -26.71 -1.22
C VAL B 244 16.34 -25.67 -0.99
N LEU B 245 16.67 -24.61 -0.26
CA LEU B 245 15.70 -23.55 0.01
C LEU B 245 15.27 -22.86 -1.28
N ASP B 246 16.20 -22.69 -2.22
CA ASP B 246 15.86 -22.06 -3.51
C ASP B 246 14.77 -22.90 -4.19
N GLY B 247 14.93 -24.20 -4.13
CA GLY B 247 13.95 -25.09 -4.74
C GLY B 247 12.65 -25.05 -3.97
N GLY B 248 12.75 -24.94 -2.64
CA GLY B 248 11.56 -24.90 -1.82
C GLY B 248 10.70 -23.67 -2.04
N ARG B 249 11.34 -22.51 -2.19
CA ARG B 249 10.61 -21.25 -2.39
C ARG B 249 9.74 -21.25 -3.65
N ILE B 250 10.10 -22.07 -4.64
CA ILE B 250 9.30 -22.15 -5.86
C ILE B 250 8.01 -22.88 -5.51
N GLY B 251 8.14 -23.92 -4.68
CA GLY B 251 7.00 -24.71 -4.27
C GLY B 251 6.04 -23.88 -3.44
N ILE B 252 6.60 -23.10 -2.52
CA ILE B 252 5.81 -22.24 -1.66
C ILE B 252 5.12 -21.16 -2.48
N ALA B 253 5.83 -20.62 -3.47
CA ALA B 253 5.24 -19.60 -4.33
C ALA B 253 3.97 -20.17 -5.00
N ALA B 254 4.09 -21.38 -5.52
CA ALA B 254 2.96 -22.05 -6.20
C ALA B 254 1.81 -22.31 -5.22
N MET B 255 2.16 -22.66 -3.99
CA MET B 255 1.16 -22.93 -2.96
C MET B 255 0.37 -21.64 -2.71
N ALA B 256 1.09 -20.52 -2.67
CA ALA B 256 0.45 -19.22 -2.42
C ALA B 256 -0.51 -18.87 -3.56
N VAL B 257 -0.05 -19.04 -4.79
CA VAL B 257 -0.87 -18.76 -5.95
C VAL B 257 -2.17 -19.56 -5.87
N GLY B 258 -2.05 -20.84 -5.53
CA GLY B 258 -3.20 -21.72 -5.40
C GLY B 258 -4.25 -21.21 -4.44
N LEU B 259 -3.81 -20.85 -3.23
CA LEU B 259 -4.70 -20.33 -2.22
C LEU B 259 -5.33 -19.01 -2.62
N GLY B 260 -4.51 -18.10 -3.14
CA GLY B 260 -5.01 -16.82 -3.55
C GLY B 260 -6.02 -16.94 -4.68
N GLN B 261 -5.76 -17.86 -5.60
CA GLN B 261 -6.64 -18.08 -6.75
C GLN B 261 -7.99 -18.63 -6.29
N ALA B 262 -7.97 -19.48 -5.27
CA ALA B 262 -9.19 -20.07 -4.74
C ALA B 262 -10.01 -18.97 -4.08
N ALA B 263 -9.33 -18.08 -3.37
CA ALA B 263 -9.99 -16.98 -2.69
C ALA B 263 -10.63 -16.03 -3.69
N LEU B 264 -9.88 -15.66 -4.74
CA LEU B 264 -10.39 -14.76 -5.77
C LEU B 264 -11.57 -15.38 -6.53
N ASP B 265 -11.44 -16.64 -6.91
CA ASP B 265 -12.49 -17.34 -7.64
C ASP B 265 -13.78 -17.35 -6.82
N TYR B 266 -13.63 -17.57 -5.51
CA TYR B 266 -14.78 -17.61 -4.63
C TYR B 266 -15.42 -16.24 -4.52
N ALA B 267 -14.60 -15.20 -4.35
CA ALA B 267 -15.12 -13.84 -4.24
C ALA B 267 -15.79 -13.42 -5.54
N LEU B 268 -15.23 -13.86 -6.67
CA LEU B 268 -15.80 -13.55 -7.99
C LEU B 268 -17.18 -14.18 -8.09
N ALA B 269 -17.27 -15.45 -7.73
CA ALA B 269 -18.54 -16.16 -7.76
C ALA B 269 -19.57 -15.47 -6.89
N TYR B 270 -19.15 -15.06 -5.69
CA TYR B 270 -20.03 -14.41 -4.74
C TYR B 270 -20.53 -13.06 -5.23
N ALA B 271 -19.61 -12.20 -5.64
CA ALA B 271 -19.94 -10.86 -6.10
C ALA B 271 -20.90 -10.86 -7.29
N LYS B 272 -20.82 -11.90 -8.11
CA LYS B 272 -21.69 -12.00 -9.27
C LYS B 272 -23.12 -12.33 -8.83
N GLY B 273 -23.23 -13.08 -7.74
CA GLY B 273 -24.53 -13.46 -7.23
C GLY B 273 -25.12 -12.60 -6.13
N ARG B 274 -24.31 -12.21 -5.16
CA ARG B 274 -24.77 -11.38 -4.05
C ARG B 274 -25.24 -10.01 -4.55
N GLU B 275 -26.45 -9.62 -4.13
CA GLU B 275 -27.04 -8.36 -4.54
C GLU B 275 -27.16 -7.35 -3.40
N ALA B 276 -26.91 -6.08 -3.72
CA ALA B 276 -27.00 -5.01 -2.76
C ALA B 276 -27.38 -3.71 -3.47
N PHE B 277 -28.30 -2.95 -2.87
CA PHE B 277 -28.75 -1.70 -3.44
C PHE B 277 -29.34 -1.88 -4.84
N GLY B 278 -30.03 -3.01 -5.04
CA GLY B 278 -30.65 -3.29 -6.30
C GLY B 278 -29.75 -3.78 -7.42
N ARG B 279 -28.57 -4.29 -7.08
CA ARG B 279 -27.65 -4.77 -8.11
C ARG B 279 -26.58 -5.69 -7.53
N PRO B 280 -26.03 -6.59 -8.37
CA PRO B 280 -24.98 -7.50 -7.91
C PRO B 280 -23.80 -6.67 -7.41
N ILE B 281 -23.30 -7.02 -6.22
CA ILE B 281 -22.18 -6.30 -5.63
C ILE B 281 -20.99 -6.10 -6.56
N ALA B 282 -20.88 -6.94 -7.59
CA ALA B 282 -19.78 -6.85 -8.54
C ALA B 282 -19.80 -5.55 -9.35
N GLU B 283 -20.96 -4.94 -9.50
CA GLU B 283 -21.07 -3.71 -10.29
C GLU B 283 -20.46 -2.50 -9.61
N PHE B 284 -20.24 -2.61 -8.31
CA PHE B 284 -19.64 -1.51 -7.55
C PHE B 284 -18.13 -1.60 -7.75
N GLU B 285 -17.52 -0.48 -8.14
CA GLU B 285 -16.09 -0.43 -8.37
C GLU B 285 -15.31 -0.75 -7.10
N GLY B 286 -15.94 -0.56 -5.95
CA GLY B 286 -15.28 -0.86 -4.70
C GLY B 286 -14.95 -2.35 -4.64
N VAL B 287 -15.76 -3.16 -5.33
CA VAL B 287 -15.58 -4.60 -5.39
C VAL B 287 -14.82 -5.00 -6.67
N SER B 288 -15.24 -4.43 -7.78
CA SER B 288 -14.60 -4.72 -9.05
C SER B 288 -13.11 -4.39 -9.04
N PHE B 289 -12.74 -3.30 -8.37
CA PHE B 289 -11.32 -2.94 -8.33
C PHE B 289 -10.54 -4.01 -7.57
N LYS B 290 -11.07 -4.46 -6.44
CA LYS B 290 -10.40 -5.49 -5.64
C LYS B 290 -10.17 -6.74 -6.46
N LEU B 291 -11.19 -7.17 -7.20
CA LEU B 291 -11.10 -8.36 -8.03
C LEU B 291 -10.07 -8.21 -9.14
N ALA B 292 -10.03 -7.03 -9.75
CA ALA B 292 -9.08 -6.80 -10.84
C ALA B 292 -7.63 -6.83 -10.37
N GLU B 293 -7.35 -6.10 -9.28
CA GLU B 293 -5.99 -6.04 -8.74
C GLU B 293 -5.48 -7.42 -8.32
N ALA B 294 -6.33 -8.19 -7.65
CA ALA B 294 -5.98 -9.53 -7.22
C ALA B 294 -5.68 -10.47 -8.39
N ALA B 295 -6.55 -10.45 -9.40
CA ALA B 295 -6.36 -11.32 -10.55
C ALA B 295 -5.03 -11.00 -11.24
N THR B 296 -4.78 -9.71 -11.43
CA THR B 296 -3.56 -9.23 -12.07
C THR B 296 -2.30 -9.64 -11.31
N GLU B 297 -2.31 -9.49 -9.99
CA GLU B 297 -1.12 -9.87 -9.21
C GLU B 297 -0.92 -11.38 -9.21
N LEU B 298 -2.02 -12.14 -9.15
CA LEU B 298 -1.90 -13.60 -9.14
C LEU B 298 -1.35 -14.11 -10.48
N GLU B 299 -1.79 -13.51 -11.58
CA GLU B 299 -1.28 -13.91 -12.90
C GLU B 299 0.22 -13.63 -12.94
N ALA B 300 0.62 -12.51 -12.36
CA ALA B 300 2.03 -12.14 -12.35
C ALA B 300 2.82 -13.08 -11.45
N ALA B 301 2.23 -13.44 -10.31
CA ALA B 301 2.89 -14.35 -9.36
C ALA B 301 3.16 -15.70 -10.01
N ARG B 302 2.18 -16.20 -10.76
CA ARG B 302 2.31 -17.49 -11.45
C ARG B 302 3.44 -17.45 -12.47
N LEU B 303 3.47 -16.39 -13.28
CA LEU B 303 4.53 -16.27 -14.27
C LEU B 303 5.89 -16.29 -13.58
N LEU B 304 5.98 -15.65 -12.41
CA LEU B 304 7.23 -15.63 -11.67
C LEU B 304 7.70 -17.01 -11.22
N TYR B 305 6.80 -17.80 -10.63
CA TYR B 305 7.25 -19.12 -10.20
C TYR B 305 7.53 -20.04 -11.40
N LEU B 306 6.78 -19.88 -12.48
CA LEU B 306 7.01 -20.68 -13.68
C LEU B 306 8.42 -20.41 -14.21
N LYS B 307 8.79 -19.13 -14.23
CA LYS B 307 10.12 -18.70 -14.67
C LYS B 307 11.25 -19.27 -13.81
N ALA B 308 11.12 -19.16 -12.49
CA ALA B 308 12.15 -19.69 -11.61
C ALA B 308 12.28 -21.20 -11.81
N ALA B 309 11.15 -21.87 -12.00
CA ALA B 309 11.15 -23.33 -12.20
C ALA B 309 11.88 -23.69 -13.49
N GLU B 310 11.67 -22.88 -14.52
CA GLU B 310 12.32 -23.10 -15.82
C GLU B 310 13.83 -22.94 -15.68
N LEU B 311 14.24 -21.95 -14.91
CA LEU B 311 15.66 -21.70 -14.71
C LEU B 311 16.29 -22.87 -13.99
N LYS B 312 15.59 -23.35 -12.96
CA LYS B 312 16.07 -24.51 -12.19
C LYS B 312 16.19 -25.71 -13.12
N ASP B 313 15.16 -25.95 -13.94
CA ASP B 313 15.16 -27.07 -14.88
C ASP B 313 16.29 -26.97 -15.91
N ALA B 314 16.77 -25.76 -16.15
CA ALA B 314 17.84 -25.53 -17.11
C ALA B 314 19.22 -25.58 -16.43
N GLY B 315 19.22 -25.80 -15.11
CA GLY B 315 20.48 -25.85 -14.39
C GLY B 315 21.13 -24.50 -14.41
N ARG B 316 20.30 -23.46 -14.38
CA ARG B 316 20.77 -22.09 -14.40
C ARG B 316 20.60 -21.54 -12.99
N PRO B 317 21.35 -20.47 -12.63
CA PRO B 317 21.21 -19.91 -11.28
C PRO B 317 19.80 -19.35 -11.11
N PHE B 318 19.18 -19.60 -9.96
CA PHE B 318 17.82 -19.11 -9.74
C PHE B 318 17.51 -18.65 -8.33
N THR B 319 18.56 -18.37 -7.54
CA THR B 319 18.36 -17.92 -6.17
C THR B 319 17.53 -16.64 -6.16
N LEU B 320 17.94 -15.67 -6.98
CA LEU B 320 17.23 -14.41 -7.06
C LEU B 320 15.80 -14.61 -7.56
N GLU B 321 15.64 -15.38 -8.62
CA GLU B 321 14.34 -15.62 -9.23
C GLU B 321 13.36 -16.40 -8.33
N ALA B 322 13.87 -17.39 -7.61
CA ALA B 322 13.00 -18.14 -6.70
C ALA B 322 12.56 -17.25 -5.54
N ALA B 323 13.47 -16.37 -5.09
CA ALA B 323 13.14 -15.48 -3.98
C ALA B 323 12.07 -14.49 -4.44
N GLN B 324 12.23 -13.99 -5.66
CA GLN B 324 11.28 -13.04 -6.21
C GLN B 324 9.88 -13.65 -6.34
N ALA B 325 9.82 -14.88 -6.85
CA ALA B 325 8.54 -15.58 -7.01
C ALA B 325 7.84 -15.80 -5.67
N LYS B 326 8.59 -16.33 -4.70
CA LYS B 326 8.03 -16.60 -3.38
C LYS B 326 7.57 -15.32 -2.67
N LEU B 327 8.39 -14.27 -2.72
CA LEU B 327 8.03 -13.01 -2.09
C LEU B 327 6.76 -12.41 -2.69
N PHE B 328 6.75 -12.30 -4.02
CA PHE B 328 5.61 -11.72 -4.70
C PHE B 328 4.33 -12.55 -4.56
N ALA B 329 4.44 -13.85 -4.77
CA ALA B 329 3.27 -14.74 -4.67
C ALA B 329 2.63 -14.75 -3.28
N SER B 330 3.46 -14.89 -2.23
CA SER B 330 2.96 -14.92 -0.86
C SER B 330 2.26 -13.61 -0.48
N GLU B 331 2.90 -12.49 -0.78
CA GLU B 331 2.34 -11.20 -0.46
C GLU B 331 1.05 -10.95 -1.25
N ALA B 332 1.06 -11.28 -2.53
CA ALA B 332 -0.11 -11.10 -3.39
C ALA B 332 -1.27 -12.01 -2.97
N ALA B 333 -0.96 -13.28 -2.71
CA ALA B 333 -1.99 -14.24 -2.33
C ALA B 333 -2.63 -13.86 -1.00
N VAL B 334 -1.81 -13.47 -0.03
CA VAL B 334 -2.34 -13.09 1.26
C VAL B 334 -3.26 -11.89 1.13
N LYS B 335 -2.87 -10.91 0.31
CA LYS B 335 -3.70 -9.74 0.10
C LYS B 335 -5.01 -10.11 -0.62
N ALA B 336 -4.94 -11.00 -1.59
CA ALA B 336 -6.15 -11.41 -2.30
C ALA B 336 -7.09 -12.15 -1.34
N CYS B 337 -6.54 -12.96 -0.45
CA CYS B 337 -7.39 -13.66 0.51
C CYS B 337 -8.04 -12.68 1.48
N ASP B 338 -7.30 -11.65 1.87
CA ASP B 338 -7.82 -10.66 2.80
C ASP B 338 -8.96 -9.87 2.14
N GLU B 339 -8.84 -9.65 0.84
CA GLU B 339 -9.88 -8.93 0.11
C GLU B 339 -11.11 -9.81 -0.10
N ALA B 340 -10.89 -11.10 -0.28
CA ALA B 340 -12.00 -12.04 -0.46
C ALA B 340 -12.84 -12.07 0.82
N ILE B 341 -12.16 -11.97 1.97
CA ILE B 341 -12.88 -11.91 3.25
C ILE B 341 -13.71 -10.64 3.27
N GLN B 342 -13.09 -9.52 2.87
CA GLN B 342 -13.77 -8.24 2.86
C GLN B 342 -14.99 -8.25 1.94
N ILE B 343 -14.83 -8.80 0.74
CA ILE B 343 -15.92 -8.88 -0.24
C ILE B 343 -17.11 -9.66 0.29
N LEU B 344 -16.84 -10.73 1.04
CA LEU B 344 -17.92 -11.52 1.62
C LEU B 344 -18.54 -10.83 2.85
N GLY B 345 -17.92 -9.74 3.28
CA GLY B 345 -18.44 -9.02 4.44
C GLY B 345 -18.59 -9.92 5.66
N GLY B 346 -19.72 -9.82 6.33
CA GLY B 346 -19.97 -10.63 7.52
C GLY B 346 -19.73 -12.10 7.31
N TYR B 347 -20.14 -12.62 6.15
CA TYR B 347 -19.94 -14.04 5.86
C TYR B 347 -18.47 -14.39 5.80
N GLY B 348 -17.64 -13.44 5.41
CA GLY B 348 -16.22 -13.70 5.33
C GLY B 348 -15.61 -13.96 6.70
N TYR B 349 -16.32 -13.57 7.75
CA TYR B 349 -15.84 -13.75 9.12
C TYR B 349 -16.33 -15.05 9.77
N VAL B 350 -17.21 -15.78 9.09
CA VAL B 350 -17.72 -17.04 9.66
C VAL B 350 -17.12 -18.26 8.98
N LYS B 351 -16.88 -19.30 9.77
CA LYS B 351 -16.23 -20.50 9.26
C LYS B 351 -17.05 -21.38 8.34
N ASP B 352 -18.33 -21.07 8.19
CA ASP B 352 -19.20 -21.82 7.28
C ASP B 352 -18.73 -21.64 5.85
N TYR B 353 -18.05 -20.53 5.59
CA TYR B 353 -17.53 -20.22 4.26
C TYR B 353 -16.00 -20.36 4.36
N PRO B 354 -15.34 -20.79 3.28
CA PRO B 354 -13.89 -21.01 3.20
C PRO B 354 -12.89 -19.86 3.10
N VAL B 355 -13.35 -18.64 2.81
CA VAL B 355 -12.39 -17.54 2.65
C VAL B 355 -11.56 -17.24 3.89
N GLU B 356 -12.12 -17.45 5.07
CA GLU B 356 -11.34 -17.17 6.27
C GLU B 356 -10.26 -18.24 6.41
N ARG B 357 -10.52 -19.44 5.89
CA ARG B 357 -9.51 -20.49 5.96
C ARG B 357 -8.42 -20.21 4.93
N TYR B 358 -8.82 -19.78 3.73
CA TYR B 358 -7.84 -19.46 2.70
C TYR B 358 -6.81 -18.48 3.27
N TRP B 359 -7.28 -17.42 3.91
CA TRP B 359 -6.35 -16.43 4.47
C TRP B 359 -5.45 -17.04 5.57
N ARG B 360 -6.04 -17.79 6.50
CA ARG B 360 -5.25 -18.38 7.58
C ARG B 360 -4.20 -19.34 7.03
N ASP B 361 -4.55 -20.08 5.98
CA ASP B 361 -3.62 -21.01 5.34
C ASP B 361 -2.51 -20.28 4.58
N ALA B 362 -2.90 -19.27 3.80
CA ALA B 362 -1.92 -18.53 3.01
C ALA B 362 -0.99 -17.65 3.83
N ARG B 363 -1.43 -17.23 5.02
CA ARG B 363 -0.61 -16.35 5.85
C ARG B 363 0.77 -16.95 6.13
N LEU B 364 0.88 -18.27 6.20
CA LEU B 364 2.18 -18.88 6.45
C LEU B 364 3.20 -18.71 5.32
N THR B 365 2.72 -18.59 4.08
CA THR B 365 3.62 -18.47 2.93
C THR B 365 4.53 -17.24 2.95
N ARG B 366 4.16 -16.23 3.73
CA ARG B 366 4.98 -15.02 3.85
C ARG B 366 6.04 -15.19 4.97
N ILE B 367 5.99 -16.32 5.66
CA ILE B 367 6.91 -16.62 6.77
C ILE B 367 7.82 -17.82 6.52
N GLY B 368 7.24 -18.97 6.20
CA GLY B 368 8.02 -20.18 5.96
C GLY B 368 9.00 -20.09 4.79
N GLU B 369 10.02 -20.96 4.82
CA GLU B 369 11.01 -20.99 3.76
C GLU B 369 11.73 -19.64 3.60
N GLY B 370 11.65 -18.80 4.63
CA GLY B 370 12.28 -17.50 4.55
C GLY B 370 11.24 -16.39 4.51
N THR B 371 11.22 -15.55 5.55
CA THR B 371 10.26 -14.45 5.61
C THR B 371 10.45 -13.54 4.42
N SER B 372 9.43 -12.74 4.13
CA SER B 372 9.49 -11.78 3.03
C SER B 372 10.65 -10.81 3.27
N GLU B 373 10.91 -10.49 4.54
CA GLU B 373 12.00 -9.58 4.88
C GLU B 373 13.34 -10.21 4.50
N ILE B 374 13.52 -11.47 4.84
CA ILE B 374 14.73 -12.20 4.48
C ILE B 374 14.91 -12.28 2.96
N LEU B 375 13.82 -12.55 2.25
CA LEU B 375 13.87 -12.67 0.79
C LEU B 375 14.28 -11.34 0.14
N LYS B 376 13.78 -10.24 0.66
CA LYS B 376 14.11 -8.94 0.10
C LYS B 376 15.62 -8.70 0.23
N LEU B 377 16.22 -9.19 1.31
CA LEU B 377 17.67 -9.02 1.52
C LEU B 377 18.40 -9.92 0.53
N VAL B 378 17.90 -11.14 0.37
CA VAL B 378 18.49 -12.09 -0.56
C VAL B 378 18.48 -11.48 -1.96
N ILE B 379 17.35 -10.87 -2.33
CA ILE B 379 17.19 -10.23 -3.62
C ILE B 379 18.08 -8.99 -3.77
N ALA B 380 18.05 -8.13 -2.77
CA ALA B 380 18.86 -6.91 -2.79
C ALA B 380 20.35 -7.22 -2.98
N ARG B 381 20.83 -8.24 -2.28
CA ARG B 381 22.24 -8.63 -2.36
C ARG B 381 22.62 -9.18 -3.74
N ARG B 382 21.76 -10.02 -4.32
CA ARG B 382 22.03 -10.55 -5.65
C ARG B 382 22.07 -9.39 -6.65
N LEU B 383 21.15 -8.44 -6.50
CA LEU B 383 21.08 -7.29 -7.40
C LEU B 383 22.34 -6.43 -7.32
N LEU B 384 22.86 -6.26 -6.11
CA LEU B 384 24.04 -5.45 -5.89
C LEU B 384 25.32 -6.11 -6.38
N GLU B 385 25.35 -7.44 -6.41
CA GLU B 385 26.54 -8.17 -6.89
C GLU B 385 26.72 -7.99 -8.40
N ALA B 386 25.67 -8.30 -9.15
CA ALA B 386 25.68 -8.18 -10.60
C ALA B 386 26.10 -6.79 -11.05
N VAL B 387 25.95 -5.81 -10.17
CA VAL B 387 26.31 -4.43 -10.48
C VAL B 387 26.52 -3.61 -9.21
N LEU C 3 -13.61 23.84 20.67
CA LEU C 3 -13.01 22.48 20.70
C LEU C 3 -11.53 22.54 20.29
N TRP C 4 -10.69 21.83 21.03
CA TRP C 4 -9.25 21.80 20.79
C TRP C 4 -8.76 21.67 19.34
N PHE C 5 -9.26 20.67 18.64
CA PHE C 5 -8.86 20.43 17.25
C PHE C 5 -9.31 21.49 16.25
N GLU C 6 -10.17 22.40 16.69
CA GLU C 6 -10.66 23.47 15.81
C GLU C 6 -9.91 24.75 16.05
N GLU C 7 -10.12 25.72 15.16
CA GLU C 7 -9.48 27.01 15.28
C GLU C 7 -10.19 27.80 16.39
N GLY C 8 -9.43 28.21 17.40
CA GLY C 8 -10.01 28.97 18.48
C GLY C 8 -10.35 30.37 18.00
N ALA C 9 -11.19 31.08 18.74
CA ALA C 9 -11.58 32.44 18.35
C ALA C 9 -10.36 33.33 18.15
N GLU C 10 -9.31 33.09 18.92
CA GLU C 10 -8.07 33.87 18.83
C GLU C 10 -7.29 33.50 17.56
N GLU C 11 -7.45 32.26 17.12
CA GLU C 11 -6.77 31.78 15.93
C GLU C 11 -7.54 32.25 14.70
N ARG C 12 -8.87 32.22 14.80
CA ARG C 12 -9.74 32.64 13.71
C ARG C 12 -9.65 34.13 13.43
N GLN C 13 -9.06 34.88 14.36
CA GLN C 13 -8.92 36.33 14.20
C GLN C 13 -7.58 36.67 13.55
N VAL C 14 -6.63 35.74 13.65
CA VAL C 14 -5.32 35.95 13.04
C VAL C 14 -5.25 35.26 11.69
N LEU C 15 -5.92 34.12 11.58
CA LEU C 15 -5.94 33.35 10.35
C LEU C 15 -6.94 33.90 9.34
N GLY C 16 -8.01 34.53 9.84
CA GLY C 16 -9.00 35.09 8.94
C GLY C 16 -8.38 36.13 8.01
N PRO C 17 -7.78 37.19 8.56
CA PRO C 17 -7.17 38.24 7.73
C PRO C 17 -5.95 37.72 6.96
N PHE C 18 -5.23 36.77 7.55
CA PHE C 18 -4.05 36.21 6.90
C PHE C 18 -4.44 35.43 5.65
N ARG C 19 -5.61 34.82 5.67
CA ARG C 19 -6.08 34.05 4.53
C ARG C 19 -6.47 34.96 3.37
N GLU C 20 -7.21 36.03 3.67
CA GLU C 20 -7.61 36.96 2.62
C GLU C 20 -6.35 37.44 1.92
N PHE C 21 -5.37 37.87 2.69
CA PHE C 21 -4.11 38.32 2.12
C PHE C 21 -3.53 37.27 1.20
N LEU C 22 -3.50 36.02 1.67
CA LEU C 22 -2.94 34.91 0.90
C LEU C 22 -3.63 34.74 -0.45
N LYS C 23 -4.96 34.75 -0.46
CA LYS C 23 -5.71 34.59 -1.71
C LYS C 23 -5.48 35.75 -2.67
N ALA C 24 -5.42 36.97 -2.12
CA ALA C 24 -5.26 38.17 -2.92
C ALA C 24 -3.85 38.53 -3.40
N GLU C 25 -2.84 38.24 -2.58
CA GLU C 25 -1.48 38.59 -2.95
C GLU C 25 -0.53 37.43 -3.28
N VAL C 26 -0.86 36.23 -2.83
CA VAL C 26 -0.02 35.06 -3.07
C VAL C 26 -0.53 34.10 -4.14
N ALA C 27 -1.80 33.74 -4.03
CA ALA C 27 -2.43 32.81 -4.95
C ALA C 27 -2.28 33.14 -6.43
N PRO C 28 -2.69 34.35 -6.85
CA PRO C 28 -2.59 34.76 -8.25
C PRO C 28 -1.26 34.48 -8.97
N GLY C 29 -0.15 34.76 -8.30
CA GLY C 29 1.14 34.54 -8.92
C GLY C 29 1.86 33.25 -8.58
N ALA C 30 1.15 32.29 -7.99
CA ALA C 30 1.74 31.01 -7.61
C ALA C 30 2.26 30.21 -8.81
N ALA C 31 1.41 30.03 -9.82
CA ALA C 31 1.80 29.29 -11.01
C ALA C 31 2.99 29.95 -11.70
N GLU C 32 2.89 31.26 -11.92
CA GLU C 32 3.97 31.97 -12.60
C GLU C 32 5.31 31.80 -11.88
N ARG C 33 5.29 31.95 -10.56
CA ARG C 33 6.52 31.81 -9.79
C ARG C 33 7.12 30.42 -9.93
N ASP C 34 6.27 29.41 -10.08
CA ASP C 34 6.73 28.03 -10.26
C ASP C 34 7.48 27.93 -11.58
N ARG C 35 7.07 28.74 -12.56
CA ARG C 35 7.71 28.76 -13.88
C ARG C 35 8.96 29.63 -13.89
N THR C 36 8.84 30.84 -13.36
CA THR C 36 9.96 31.78 -13.33
C THR C 36 11.03 31.39 -12.33
N GLY C 37 10.60 31.05 -11.12
CA GLY C 37 11.54 30.68 -10.08
C GLY C 37 12.15 31.91 -9.41
N ALA C 38 11.55 33.07 -9.67
CA ALA C 38 12.04 34.33 -9.12
C ALA C 38 11.71 34.49 -7.64
N PHE C 39 12.75 34.56 -6.80
CA PHE C 39 12.56 34.72 -5.38
C PHE C 39 11.62 35.90 -5.14
N PRO C 40 10.45 35.64 -4.53
CA PRO C 40 9.48 36.70 -4.27
C PRO C 40 9.79 37.59 -3.07
N TRP C 41 10.79 38.46 -3.23
CA TRP C 41 11.20 39.39 -2.18
C TRP C 41 10.03 40.23 -1.65
N ASP C 42 9.16 40.64 -2.57
CA ASP C 42 8.01 41.46 -2.24
C ASP C 42 7.07 40.80 -1.24
N LEU C 43 6.67 39.57 -1.55
CA LEU C 43 5.76 38.84 -0.69
C LEU C 43 6.42 38.50 0.64
N VAL C 44 7.74 38.39 0.64
CA VAL C 44 8.47 38.10 1.86
C VAL C 44 8.35 39.28 2.79
N ARG C 45 8.64 40.47 2.29
CA ARG C 45 8.54 41.68 3.09
C ARG C 45 7.07 41.89 3.46
N LYS C 46 6.20 41.59 2.50
CA LYS C 46 4.75 41.74 2.68
C LYS C 46 4.18 40.78 3.72
N LEU C 47 4.78 39.60 3.83
CA LEU C 47 4.33 38.60 4.80
C LEU C 47 4.87 38.93 6.18
N ALA C 48 6.10 39.45 6.23
CA ALA C 48 6.75 39.81 7.48
C ALA C 48 5.84 40.71 8.31
N GLU C 49 4.98 41.46 7.62
CA GLU C 49 4.04 42.36 8.26
C GLU C 49 3.13 41.68 9.27
N PHE C 50 2.75 40.43 8.98
CA PHE C 50 1.88 39.68 9.88
C PHE C 50 2.67 39.02 11.01
N GLY C 51 3.97 39.30 11.08
CA GLY C 51 4.81 38.69 12.09
C GLY C 51 5.33 37.35 11.61
N VAL C 52 4.73 36.89 10.51
CA VAL C 52 5.06 35.62 9.87
C VAL C 52 6.54 35.22 9.93
N PHE C 53 7.44 36.18 9.81
CA PHE C 53 8.87 35.84 9.84
C PHE C 53 9.52 35.84 11.22
N GLY C 54 8.72 36.04 12.26
CA GLY C 54 9.23 36.02 13.62
C GLY C 54 8.16 35.42 14.49
N ALA C 55 7.27 34.67 13.84
CA ALA C 55 6.12 34.02 14.48
C ALA C 55 6.35 33.48 15.88
N LEU C 56 7.47 32.80 16.09
CA LEU C 56 7.74 32.21 17.40
C LEU C 56 8.64 33.08 18.30
N VAL C 57 9.16 34.18 17.74
CA VAL C 57 10.02 35.06 18.50
C VAL C 57 9.21 35.89 19.49
N PRO C 58 9.71 36.02 20.73
CA PRO C 58 9.00 36.80 21.76
C PRO C 58 8.82 38.25 21.29
N GLU C 59 7.65 38.82 21.51
CA GLU C 59 7.38 40.19 21.10
C GLU C 59 8.50 41.14 21.55
N ALA C 60 9.09 40.83 22.70
CA ALA C 60 10.18 41.64 23.25
C ALA C 60 11.33 41.79 22.26
N TYR C 61 11.58 40.73 21.49
CA TYR C 61 12.64 40.74 20.51
C TYR C 61 12.16 41.22 19.15
N GLY C 62 10.92 41.71 19.11
CA GLY C 62 10.37 42.19 17.86
C GLY C 62 9.44 41.17 17.23
N GLY C 63 9.62 39.90 17.61
CA GLY C 63 8.80 38.84 17.06
C GLY C 63 7.33 38.99 17.43
N ALA C 64 6.50 38.10 16.91
CA ALA C 64 5.07 38.13 17.17
C ALA C 64 4.66 37.23 18.35
N GLY C 65 5.64 36.55 18.93
CA GLY C 65 5.38 35.68 20.07
C GLY C 65 4.09 34.86 19.97
N LEU C 66 3.97 34.07 18.92
CA LEU C 66 2.79 33.26 18.71
C LEU C 66 3.02 31.84 19.22
N SER C 67 1.94 31.08 19.33
CA SER C 67 2.02 29.70 19.78
C SER C 67 2.51 28.86 18.61
N THR C 68 3.33 27.84 18.88
CA THR C 68 3.84 26.98 17.83
C THR C 68 2.65 26.40 17.07
N ARG C 69 1.53 26.28 17.77
CA ARG C 69 0.30 25.77 17.19
C ARG C 69 -0.23 26.72 16.13
N LEU C 70 -0.25 28.01 16.46
CA LEU C 70 -0.75 29.02 15.54
C LEU C 70 0.18 29.16 14.34
N PHE C 71 1.49 29.15 14.60
CA PHE C 71 2.48 29.26 13.55
C PHE C 71 2.33 28.15 12.51
N ALA C 72 2.02 26.95 12.99
CA ALA C 72 1.84 25.79 12.13
C ALA C 72 0.63 25.98 11.20
N ARG C 73 -0.48 26.43 11.76
CA ARG C 73 -1.68 26.64 10.99
C ARG C 73 -1.45 27.70 9.92
N MET C 74 -0.57 28.66 10.21
CA MET C 74 -0.29 29.70 9.22
C MET C 74 0.56 29.11 8.11
N VAL C 75 1.48 28.21 8.47
CA VAL C 75 2.31 27.58 7.46
C VAL C 75 1.41 26.75 6.55
N GLU C 76 0.45 26.03 7.14
CA GLU C 76 -0.49 25.23 6.36
C GLU C 76 -1.16 26.16 5.36
N ALA C 77 -1.71 27.26 5.88
CA ALA C 77 -2.41 28.25 5.07
C ALA C 77 -1.56 28.77 3.91
N ILE C 78 -0.31 29.09 4.19
CA ILE C 78 0.59 29.59 3.15
C ILE C 78 0.78 28.48 2.10
N ALA C 79 1.08 27.27 2.58
CA ALA C 79 1.30 26.13 1.71
C ALA C 79 0.07 25.79 0.86
N TYR C 80 -1.12 26.13 1.34
CA TYR C 80 -2.33 25.83 0.60
C TYR C 80 -2.28 26.58 -0.73
N TYR C 81 -1.57 27.71 -0.74
CA TYR C 81 -1.46 28.50 -1.96
C TYR C 81 -0.09 28.53 -2.61
N ASP C 82 0.97 28.40 -1.83
CA ASP C 82 2.30 28.46 -2.39
C ASP C 82 3.32 27.69 -1.58
N GLY C 83 3.71 26.53 -2.10
CA GLY C 83 4.68 25.69 -1.43
C GLY C 83 6.00 26.38 -1.21
N ALA C 84 6.52 27.02 -2.26
CA ALA C 84 7.80 27.72 -2.18
C ALA C 84 7.82 28.70 -1.01
N LEU C 85 6.82 29.56 -0.93
CA LEU C 85 6.74 30.51 0.18
C LEU C 85 6.69 29.78 1.52
N ALA C 86 5.84 28.76 1.60
CA ALA C 86 5.73 27.97 2.83
C ALA C 86 7.10 27.46 3.29
N LEU C 87 7.91 26.96 2.36
CA LEU C 87 9.23 26.44 2.74
C LEU C 87 10.14 27.56 3.25
N THR C 88 10.09 28.71 2.59
CA THR C 88 10.90 29.84 2.98
C THR C 88 10.52 30.26 4.40
N VAL C 89 9.23 30.45 4.63
CA VAL C 89 8.74 30.84 5.95
C VAL C 89 9.06 29.81 7.03
N ALA C 90 8.73 28.55 6.77
CA ALA C 90 8.94 27.49 7.72
C ALA C 90 10.41 27.34 8.10
N SER C 91 11.29 27.31 7.10
CA SER C 91 12.72 27.15 7.36
C SER C 91 13.35 28.35 8.07
N HIS C 92 12.99 29.55 7.64
CA HIS C 92 13.51 30.78 8.25
C HIS C 92 13.26 30.78 9.75
N ASN C 93 12.00 30.55 10.11
CA ASN C 93 11.59 30.51 11.51
C ASN C 93 12.17 29.34 12.27
N SER C 94 11.81 28.14 11.82
CA SER C 94 12.23 26.90 12.46
C SER C 94 13.72 26.67 12.58
N LEU C 95 14.46 26.92 11.51
CA LEU C 95 15.89 26.65 11.56
C LEU C 95 16.79 27.80 12.01
N ALA C 96 17.08 28.72 11.10
CA ALA C 96 17.95 29.85 11.42
C ALA C 96 17.53 30.57 12.71
N THR C 97 16.35 31.19 12.68
CA THR C 97 15.84 31.93 13.82
C THR C 97 15.70 31.04 15.05
N GLY C 98 15.03 29.90 14.88
CA GLY C 98 14.82 28.98 15.99
C GLY C 98 16.07 28.60 16.74
N HIS C 99 17.14 28.31 16.02
CA HIS C 99 18.39 27.90 16.66
C HIS C 99 18.97 29.04 17.51
N ILE C 100 18.91 30.26 16.99
CA ILE C 100 19.41 31.44 17.69
C ILE C 100 18.58 31.69 18.96
N LEU C 101 17.27 31.67 18.82
CA LEU C 101 16.37 31.88 19.94
C LEU C 101 16.53 30.77 20.98
N LEU C 102 16.90 29.57 20.52
CA LEU C 102 17.07 28.43 21.39
C LEU C 102 18.39 28.36 22.15
N ALA C 103 19.51 28.56 21.46
CA ALA C 103 20.81 28.48 22.11
C ALA C 103 21.54 29.82 22.24
N GLY C 104 20.94 30.89 21.75
CA GLY C 104 21.58 32.18 21.81
C GLY C 104 21.62 32.86 23.16
N SER C 105 22.72 33.55 23.44
CA SER C 105 22.85 34.28 24.70
C SER C 105 21.96 35.50 24.52
N GLU C 106 21.70 36.22 25.61
CA GLU C 106 20.89 37.42 25.54
C GLU C 106 21.50 38.38 24.52
N ALA C 107 22.84 38.36 24.45
CA ALA C 107 23.58 39.21 23.53
C ALA C 107 23.36 38.79 22.08
N GLN C 108 23.53 37.50 21.80
CA GLN C 108 23.34 36.97 20.46
C GLN C 108 21.89 37.19 20.01
N LYS C 109 20.94 36.90 20.90
CA LYS C 109 19.54 37.07 20.59
C LYS C 109 19.25 38.50 20.15
N GLU C 110 19.63 39.44 21.01
CA GLU C 110 19.43 40.85 20.76
C GLU C 110 20.03 41.29 19.43
N ALA C 111 21.18 40.72 19.09
CA ALA C 111 21.87 41.06 17.86
C ALA C 111 21.21 40.54 16.57
N PHE C 112 20.57 39.37 16.62
CA PHE C 112 19.96 38.82 15.42
C PHE C 112 18.42 38.81 15.39
N LEU C 113 17.81 38.12 16.35
CA LEU C 113 16.36 38.00 16.42
C LEU C 113 15.52 39.18 15.93
N PRO C 114 15.82 40.40 16.41
CA PRO C 114 15.03 41.55 15.95
C PRO C 114 14.92 41.69 14.43
N LYS C 115 16.04 41.52 13.73
CA LYS C 115 16.04 41.64 12.28
C LYS C 115 15.37 40.42 11.64
N LEU C 116 15.78 39.23 12.04
CA LEU C 116 15.21 38.00 11.50
C LEU C 116 13.70 38.05 11.60
N ALA C 117 13.21 38.26 12.82
CA ALA C 117 11.77 38.33 13.07
C ALA C 117 11.13 39.44 12.26
N SER C 118 11.96 40.33 11.74
CA SER C 118 11.50 41.46 10.94
C SER C 118 11.35 41.09 9.46
N GLY C 119 12.30 40.29 8.97
CA GLY C 119 12.27 39.89 7.58
C GLY C 119 13.31 40.65 6.79
N GLU C 120 13.79 41.76 7.36
CA GLU C 120 14.80 42.59 6.71
C GLU C 120 16.08 41.79 6.52
N ALA C 121 16.14 40.64 7.18
CA ALA C 121 17.28 39.75 7.09
C ALA C 121 16.74 38.32 7.12
N LEU C 122 17.05 37.54 6.09
CA LEU C 122 16.59 36.15 6.03
C LEU C 122 17.68 35.25 6.58
N GLY C 123 17.28 34.11 7.14
CA GLY C 123 18.25 33.20 7.70
C GLY C 123 18.49 31.91 6.94
N ALA C 124 19.73 31.44 7.02
CA ALA C 124 20.12 30.19 6.38
C ALA C 124 20.69 29.32 7.48
N TRP C 125 20.34 28.03 7.44
CA TRP C 125 20.80 27.09 8.43
C TRP C 125 21.66 26.05 7.72
N GLY C 126 22.97 26.16 7.88
CA GLY C 126 23.88 25.25 7.23
C GLY C 126 24.28 24.01 8.00
N LEU C 127 23.58 22.91 7.74
CA LEU C 127 23.87 21.64 8.39
C LEU C 127 24.22 20.62 7.32
N THR C 128 23.33 20.49 6.34
CA THR C 128 23.50 19.56 5.24
C THR C 128 24.69 19.92 4.37
N GLU C 129 25.51 18.90 4.06
CA GLU C 129 26.67 19.08 3.21
C GLU C 129 26.53 18.12 2.03
N PRO C 130 27.45 18.21 1.05
CA PRO C 130 27.38 17.31 -0.11
C PRO C 130 27.66 15.85 0.24
N GLY C 131 28.54 15.64 1.23
CA GLY C 131 28.90 14.29 1.62
C GLY C 131 28.09 13.61 2.71
N SER C 132 27.18 14.34 3.35
CA SER C 132 26.36 13.75 4.42
C SER C 132 24.93 14.26 4.38
N GLY C 133 24.12 13.67 3.51
CA GLY C 133 22.74 14.08 3.37
C GLY C 133 21.80 13.57 4.44
N SER C 134 22.26 12.61 5.24
CA SER C 134 21.44 12.06 6.32
C SER C 134 22.21 12.02 7.64
N ASP C 135 23.40 11.44 7.62
CA ASP C 135 24.22 11.36 8.82
C ASP C 135 24.82 12.74 9.08
N ALA C 136 23.97 13.67 9.49
CA ALA C 136 24.37 15.05 9.75
C ALA C 136 25.59 15.19 10.66
N ALA C 137 25.58 14.50 11.80
CA ALA C 137 26.67 14.57 12.75
C ALA C 137 28.05 14.36 12.09
N ALA C 138 28.04 13.84 10.88
CA ALA C 138 29.27 13.59 10.14
C ALA C 138 29.67 14.79 9.28
N LEU C 139 29.50 16.00 9.81
CA LEU C 139 29.87 17.19 9.06
C LEU C 139 31.38 17.27 8.95
N LYS C 140 31.86 17.65 7.77
CA LYS C 140 33.28 17.76 7.54
C LYS C 140 33.74 19.21 7.58
N THR C 141 32.78 20.14 7.57
CA THR C 141 33.11 21.55 7.65
C THR C 141 33.80 21.74 9.00
N LYS C 142 34.89 22.51 9.01
CA LYS C 142 35.63 22.72 10.25
C LYS C 142 35.62 24.14 10.79
N ALA C 143 35.86 24.26 12.09
CA ALA C 143 35.90 25.55 12.78
C ALA C 143 37.10 25.56 13.70
N GLU C 144 38.27 25.86 13.14
CA GLU C 144 39.50 25.90 13.92
C GLU C 144 39.61 27.20 14.70
N LYS C 145 40.10 27.10 15.94
CA LYS C 145 40.25 28.26 16.81
C LYS C 145 41.31 29.21 16.25
N VAL C 146 40.98 30.50 16.23
CA VAL C 146 41.91 31.51 15.73
C VAL C 146 41.82 32.79 16.56
N GLU C 147 42.93 33.50 16.67
CA GLU C 147 42.99 34.74 17.43
C GLU C 147 41.86 35.67 17.01
N GLY C 148 40.95 35.97 17.93
CA GLY C 148 39.84 36.85 17.63
C GLY C 148 38.52 36.14 17.37
N GLY C 149 38.60 34.95 16.80
CA GLY C 149 37.38 34.20 16.52
C GLY C 149 37.63 32.77 16.06
N TRP C 150 37.04 32.40 14.92
CA TRP C 150 37.22 31.05 14.38
C TRP C 150 37.46 31.09 12.87
N ARG C 151 38.04 30.01 12.35
CA ARG C 151 38.30 29.87 10.91
C ARG C 151 37.45 28.74 10.35
N LEU C 152 36.28 29.10 9.82
CA LEU C 152 35.36 28.13 9.24
C LEU C 152 35.76 27.72 7.84
N ASN C 153 35.94 26.42 7.63
CA ASN C 153 36.33 25.89 6.33
C ASN C 153 35.43 24.71 5.94
N GLY C 154 34.62 24.90 4.90
CA GLY C 154 33.73 23.84 4.46
C GLY C 154 32.70 24.26 3.43
N THR C 155 31.83 23.34 3.05
CA THR C 155 30.78 23.62 2.07
C THR C 155 29.43 23.05 2.50
N LYS C 156 28.39 23.86 2.41
CA LYS C 156 27.04 23.43 2.76
C LYS C 156 26.28 23.14 1.47
N GLN C 157 25.30 22.25 1.54
CA GLN C 157 24.53 21.87 0.36
C GLN C 157 23.03 21.96 0.59
N PHE C 158 22.31 22.43 -0.42
CA PHE C 158 20.85 22.55 -0.37
C PHE C 158 20.39 23.37 0.83
N ILE C 159 21.08 24.47 1.13
CA ILE C 159 20.71 25.31 2.26
C ILE C 159 19.66 26.34 1.88
N THR C 160 18.43 26.15 2.36
CA THR C 160 17.33 27.07 2.06
C THR C 160 17.74 28.50 2.44
N GLN C 161 17.54 29.42 1.50
CA GLN C 161 17.91 30.82 1.66
C GLN C 161 19.42 30.92 1.57
N GLY C 162 20.04 29.96 0.89
CA GLY C 162 21.48 29.96 0.72
C GLY C 162 21.93 31.35 0.29
N SER C 163 21.15 31.93 -0.62
CA SER C 163 21.40 33.27 -1.11
C SER C 163 20.32 34.06 -0.38
N VAL C 164 20.14 35.33 -0.71
CA VAL C 164 19.12 36.15 -0.05
C VAL C 164 19.23 36.15 1.48
N ALA C 165 20.15 35.34 2.02
CA ALA C 165 20.33 35.24 3.47
C ALA C 165 21.15 36.38 4.07
N GLY C 166 20.59 37.01 5.10
CA GLY C 166 21.28 38.09 5.76
C GLY C 166 22.02 37.54 6.97
N VAL C 167 21.40 36.56 7.61
CA VAL C 167 21.99 35.93 8.80
C VAL C 167 22.21 34.45 8.53
N TYR C 168 23.38 33.97 8.90
CA TYR C 168 23.72 32.56 8.71
C TYR C 168 24.03 31.84 10.01
N VAL C 169 23.71 30.55 10.05
CA VAL C 169 24.00 29.72 11.20
C VAL C 169 24.63 28.49 10.59
N VAL C 170 25.88 28.23 10.93
CA VAL C 170 26.59 27.09 10.35
C VAL C 170 27.16 26.14 11.39
N MET C 171 27.00 24.84 11.13
CA MET C 171 27.50 23.83 12.04
C MET C 171 28.89 23.39 11.57
N ALA C 172 29.78 23.14 12.51
CA ALA C 172 31.14 22.73 12.16
C ALA C 172 31.80 22.01 13.32
N ARG C 173 32.60 21.01 13.02
CA ARG C 173 33.29 20.24 14.05
C ARG C 173 34.49 21.05 14.56
N THR C 174 34.60 21.17 15.88
CA THR C 174 35.68 21.91 16.50
C THR C 174 36.53 20.99 17.36
N ASP C 175 36.06 19.77 17.58
CA ASP C 175 36.78 18.80 18.41
C ASP C 175 36.43 17.35 18.02
N PRO C 176 37.30 16.40 18.38
CA PRO C 176 37.11 14.97 18.09
C PRO C 176 35.81 14.41 18.66
N PRO C 177 35.28 13.34 18.05
CA PRO C 177 34.03 12.69 18.47
C PRO C 177 33.86 12.22 19.93
N PRO C 178 34.79 11.41 20.46
CA PRO C 178 36.02 10.81 19.93
C PRO C 178 35.73 9.48 19.23
N SER C 179 34.73 8.76 19.73
CA SER C 179 34.34 7.49 19.14
C SER C 179 33.71 7.74 17.77
N PRO C 180 34.22 7.07 16.74
CA PRO C 180 33.68 7.23 15.38
C PRO C 180 32.16 7.16 15.37
N GLU C 181 31.59 6.37 16.28
CA GLU C 181 30.15 6.24 16.38
C GLU C 181 29.50 7.57 16.70
N ARG C 182 29.60 7.96 17.97
CA ARG C 182 29.02 9.20 18.44
C ARG C 182 29.78 10.44 17.96
N LYS C 183 29.57 10.79 16.69
CA LYS C 183 30.22 11.96 16.12
C LYS C 183 29.37 13.19 16.38
N HIS C 184 28.26 12.99 17.08
CA HIS C 184 27.37 14.09 17.42
C HIS C 184 28.03 15.05 18.39
N GLN C 185 29.09 14.58 19.05
CA GLN C 185 29.83 15.41 19.99
C GLN C 185 31.08 15.95 19.33
N GLY C 186 31.36 17.24 19.55
CA GLY C 186 32.53 17.85 18.95
C GLY C 186 32.12 18.88 17.92
N ILE C 187 30.82 18.96 17.67
CA ILE C 187 30.27 19.91 16.70
C ILE C 187 29.83 21.19 17.41
N SER C 188 29.95 22.31 16.71
CA SER C 188 29.55 23.60 17.27
C SER C 188 28.77 24.37 16.22
N ALA C 189 27.96 25.32 16.68
CA ALA C 189 27.17 26.14 15.78
C ALA C 189 27.69 27.57 15.80
N PHE C 190 27.66 28.21 14.63
CA PHE C 190 28.13 29.59 14.51
C PHE C 190 27.12 30.45 13.76
N ALA C 191 26.69 31.53 14.40
CA ALA C 191 25.73 32.45 13.79
C ALA C 191 26.46 33.74 13.45
N PHE C 192 26.10 34.37 12.34
CA PHE C 192 26.74 35.60 11.91
C PHE C 192 26.02 36.23 10.72
N PHE C 193 26.36 37.49 10.43
CA PHE C 193 25.76 38.18 9.30
C PHE C 193 26.56 37.91 8.04
N ARG C 194 25.89 37.99 6.90
CA ARG C 194 26.51 37.75 5.60
C ARG C 194 27.85 38.48 5.47
N PRO C 195 28.96 37.72 5.55
CA PRO C 195 30.31 38.29 5.45
C PRO C 195 30.60 38.87 4.07
N GLU C 196 31.83 39.36 3.88
CA GLU C 196 32.22 39.92 2.60
C GLU C 196 33.42 39.17 2.03
N ARG C 197 33.85 38.14 2.76
CA ARG C 197 34.98 37.32 2.34
C ARG C 197 34.92 35.96 3.02
N GLY C 198 35.20 34.90 2.25
CA GLY C 198 35.18 33.56 2.81
C GLY C 198 33.89 32.78 2.62
N LEU C 199 32.85 33.44 2.11
CA LEU C 199 31.57 32.77 1.91
C LEU C 199 31.07 32.89 0.48
N LYS C 200 31.15 31.80 -0.27
CA LYS C 200 30.70 31.80 -1.65
C LYS C 200 29.36 31.06 -1.78
N VAL C 201 28.47 31.62 -2.57
CA VAL C 201 27.15 31.04 -2.79
C VAL C 201 27.06 30.39 -4.17
N GLY C 202 27.14 29.07 -4.21
CA GLY C 202 27.09 28.33 -5.46
C GLY C 202 25.94 28.72 -6.37
N ARG C 203 25.96 28.21 -7.60
CA ARG C 203 24.92 28.52 -8.58
C ARG C 203 23.58 27.92 -8.17
N LYS C 204 22.50 28.66 -8.43
CA LYS C 204 21.16 28.22 -8.07
C LYS C 204 20.86 26.82 -8.62
N GLU C 205 20.35 25.97 -7.74
CA GLU C 205 20.02 24.60 -8.08
C GLU C 205 18.62 24.49 -8.70
N GLU C 206 18.51 23.79 -9.82
CA GLU C 206 17.21 23.61 -10.46
C GLU C 206 16.50 22.44 -9.76
N LYS C 207 15.33 22.70 -9.19
CA LYS C 207 14.59 21.68 -8.45
C LYS C 207 13.34 21.16 -9.17
N LEU C 208 12.84 20.01 -8.69
CA LEU C 208 11.65 19.38 -9.26
C LEU C 208 10.43 20.27 -9.00
N GLY C 209 10.48 21.01 -7.90
CA GLY C 209 9.39 21.90 -7.55
C GLY C 209 9.84 22.98 -6.58
N LEU C 210 8.90 23.69 -5.96
CA LEU C 210 9.25 24.75 -5.01
C LEU C 210 10.27 25.66 -5.69
N THR C 211 10.06 25.84 -6.98
CA THR C 211 10.93 26.64 -7.85
C THR C 211 11.42 27.93 -7.20
N ALA C 212 10.48 28.80 -6.84
CA ALA C 212 10.79 30.10 -6.25
C ALA C 212 11.52 30.09 -4.90
N SER C 213 11.60 28.94 -4.25
CA SER C 213 12.29 28.88 -2.96
C SER C 213 13.79 28.95 -3.25
N ASP C 214 14.54 29.63 -2.38
CA ASP C 214 15.97 29.77 -2.56
C ASP C 214 16.75 28.63 -1.92
N THR C 215 17.47 27.88 -2.75
CA THR C 215 18.27 26.77 -2.27
C THR C 215 19.63 26.92 -2.94
N ALA C 216 20.69 27.04 -2.14
CA ALA C 216 22.01 27.21 -2.73
C ALA C 216 23.09 26.45 -1.99
N GLN C 217 24.23 26.30 -2.66
CA GLN C 217 25.38 25.63 -2.08
C GLN C 217 26.23 26.72 -1.45
N LEU C 218 26.82 26.43 -0.30
CA LEU C 218 27.64 27.41 0.38
C LEU C 218 29.08 26.93 0.48
N ILE C 219 30.01 27.78 0.06
CA ILE C 219 31.42 27.43 0.10
C ILE C 219 32.14 28.38 1.04
N LEU C 220 32.76 27.84 2.08
CA LEU C 220 33.47 28.66 3.04
C LEU C 220 34.98 28.50 2.91
N GLU C 221 35.61 29.51 2.30
CA GLU C 221 37.06 29.52 2.12
C GLU C 221 37.61 30.43 3.21
N ASP C 222 38.32 29.84 4.16
CA ASP C 222 38.88 30.59 5.29
C ASP C 222 38.01 31.76 5.71
N LEU C 223 36.88 31.45 6.34
CA LEU C 223 35.94 32.46 6.79
C LEU C 223 36.10 32.72 8.28
N PHE C 224 36.40 33.97 8.62
CA PHE C 224 36.59 34.34 10.02
C PHE C 224 35.30 34.85 10.65
N VAL C 225 35.01 34.35 11.85
CA VAL C 225 33.82 34.79 12.57
C VAL C 225 34.25 35.15 13.99
N PRO C 226 33.72 36.26 14.54
CA PRO C 226 34.06 36.72 15.88
C PRO C 226 33.91 35.65 16.95
N GLU C 227 34.47 35.93 18.13
CA GLU C 227 34.39 34.98 19.24
C GLU C 227 32.93 34.86 19.61
N GLU C 228 32.18 35.94 19.36
CA GLU C 228 30.75 36.02 19.65
C GLU C 228 29.92 35.20 18.67
N ALA C 229 30.58 34.35 17.90
CA ALA C 229 29.88 33.53 16.91
C ALA C 229 29.40 32.18 17.43
N LEU C 230 30.22 31.55 18.27
CA LEU C 230 29.88 30.24 18.82
C LEU C 230 28.50 30.28 19.45
N LEU C 231 27.61 29.43 18.96
CA LEU C 231 26.24 29.35 19.46
C LEU C 231 26.09 28.12 20.35
N GLY C 232 25.91 28.36 21.64
CA GLY C 232 25.78 27.26 22.58
C GLY C 232 27.15 26.88 23.10
N GLU C 233 27.25 25.71 23.73
CA GLU C 233 28.52 25.25 24.27
C GLU C 233 29.36 24.60 23.17
N ARG C 234 30.65 24.94 23.14
CA ARG C 234 31.54 24.38 22.15
C ARG C 234 31.47 22.85 22.17
N GLY C 235 31.29 22.26 20.99
CA GLY C 235 31.20 20.82 20.89
C GLY C 235 29.91 20.22 21.38
N LYS C 236 28.89 21.05 21.55
CA LYS C 236 27.59 20.58 22.04
C LYS C 236 26.46 21.13 21.18
N GLY C 237 26.83 21.77 20.07
CA GLY C 237 25.83 22.35 19.19
C GLY C 237 24.92 21.35 18.47
N PHE C 238 25.40 20.13 18.27
CA PHE C 238 24.57 19.15 17.57
C PHE C 238 23.31 18.80 18.35
N TYR C 239 23.41 18.79 19.67
CA TYR C 239 22.26 18.47 20.51
C TYR C 239 21.20 19.57 20.41
N ASP C 240 21.65 20.78 20.11
CA ASP C 240 20.70 21.88 19.95
C ASP C 240 20.09 21.70 18.56
N VAL C 241 20.89 21.12 17.68
CA VAL C 241 20.49 20.85 16.30
C VAL C 241 19.25 19.94 16.30
N LEU C 242 19.34 18.85 17.04
CA LEU C 242 18.22 17.91 17.11
C LEU C 242 16.95 18.61 17.57
N ARG C 243 17.05 19.44 18.62
CA ARG C 243 15.88 20.16 19.12
C ARG C 243 15.31 21.05 18.03
N VAL C 244 16.20 21.74 17.31
CA VAL C 244 15.78 22.63 16.24
C VAL C 244 15.01 21.84 15.17
N LEU C 245 15.53 20.67 14.81
CA LEU C 245 14.87 19.84 13.80
C LEU C 245 13.48 19.43 14.27
N ASP C 246 13.37 18.98 15.52
CA ASP C 246 12.07 18.59 16.04
C ASP C 246 11.08 19.71 15.76
N GLY C 247 11.50 20.94 16.06
CA GLY C 247 10.63 22.07 15.81
C GLY C 247 10.37 22.22 14.32
N GLY C 248 11.43 22.09 13.53
CA GLY C 248 11.29 22.22 12.09
C GLY C 248 10.29 21.22 11.52
N ARG C 249 10.38 19.97 11.97
CA ARG C 249 9.48 18.94 11.48
C ARG C 249 8.02 19.29 11.64
N ILE C 250 7.64 19.93 12.74
CA ILE C 250 6.26 20.34 12.94
C ILE C 250 5.83 21.27 11.81
N GLY C 251 6.73 22.18 11.45
CA GLY C 251 6.42 23.13 10.39
C GLY C 251 6.25 22.44 9.04
N ILE C 252 7.16 21.53 8.73
CA ILE C 252 7.11 20.82 7.46
C ILE C 252 5.82 20.00 7.37
N ALA C 253 5.40 19.41 8.48
CA ALA C 253 4.18 18.63 8.50
C ALA C 253 3.00 19.50 8.10
N ALA C 254 2.95 20.72 8.64
CA ALA C 254 1.86 21.63 8.31
C ALA C 254 1.94 22.01 6.83
N MET C 255 3.16 22.20 6.34
CA MET C 255 3.37 22.54 4.94
C MET C 255 2.77 21.43 4.08
N ALA C 256 3.09 20.19 4.44
CA ALA C 256 2.58 19.04 3.71
C ALA C 256 1.06 19.04 3.69
N VAL C 257 0.44 19.19 4.87
CA VAL C 257 -1.01 19.19 4.96
C VAL C 257 -1.61 20.27 4.05
N GLY C 258 -1.00 21.45 4.06
CA GLY C 258 -1.49 22.51 3.23
C GLY C 258 -1.54 22.09 1.77
N LEU C 259 -0.43 21.57 1.28
CA LEU C 259 -0.35 21.13 -0.10
C LEU C 259 -1.35 20.01 -0.40
N GLY C 260 -1.43 19.04 0.49
CA GLY C 260 -2.36 17.94 0.31
C GLY C 260 -3.81 18.40 0.30
N GLN C 261 -4.15 19.30 1.21
CA GLN C 261 -5.51 19.80 1.28
C GLN C 261 -5.88 20.54 0.01
N ALA C 262 -4.95 21.32 -0.54
CA ALA C 262 -5.23 22.05 -1.76
C ALA C 262 -5.56 21.06 -2.87
N ALA C 263 -4.68 20.08 -3.05
CA ALA C 263 -4.88 19.07 -4.09
C ALA C 263 -6.23 18.37 -3.93
N LEU C 264 -6.58 18.04 -2.69
CA LEU C 264 -7.84 17.37 -2.42
C LEU C 264 -9.03 18.26 -2.76
N ASP C 265 -8.99 19.52 -2.29
CA ASP C 265 -10.08 20.44 -2.56
C ASP C 265 -10.27 20.61 -4.07
N TYR C 266 -9.16 20.66 -4.81
CA TYR C 266 -9.23 20.82 -6.25
C TYR C 266 -9.91 19.63 -6.91
N ALA C 267 -9.45 18.43 -6.56
CA ALA C 267 -10.01 17.21 -7.13
C ALA C 267 -11.48 17.04 -6.73
N LEU C 268 -11.82 17.46 -5.52
CA LEU C 268 -13.20 17.35 -5.05
C LEU C 268 -14.10 18.20 -5.96
N ALA C 269 -13.72 19.46 -6.13
CA ALA C 269 -14.49 20.38 -6.97
C ALA C 269 -14.54 19.86 -8.41
N TYR C 270 -13.38 19.47 -8.93
CA TYR C 270 -13.32 18.97 -10.30
C TYR C 270 -14.26 17.79 -10.50
N ALA C 271 -14.09 16.77 -9.67
CA ALA C 271 -14.89 15.54 -9.74
C ALA C 271 -16.39 15.81 -9.73
N LYS C 272 -16.81 16.78 -8.92
CA LYS C 272 -18.22 17.11 -8.82
C LYS C 272 -18.74 17.66 -10.15
N GLY C 273 -17.89 18.39 -10.86
CA GLY C 273 -18.27 18.95 -12.14
C GLY C 273 -18.07 18.02 -13.32
N ARG C 274 -16.84 17.58 -13.53
CA ARG C 274 -16.49 16.69 -14.64
C ARG C 274 -17.42 15.48 -14.72
N GLU C 275 -17.97 15.25 -15.91
CA GLU C 275 -18.90 14.15 -16.12
C GLU C 275 -18.35 13.08 -17.06
N ALA C 276 -18.78 11.84 -16.85
CA ALA C 276 -18.35 10.71 -17.67
C ALA C 276 -19.36 9.57 -17.57
N PHE C 277 -19.73 9.01 -18.71
CA PHE C 277 -20.69 7.91 -18.77
C PHE C 277 -22.07 8.32 -18.26
N GLY C 278 -22.46 9.57 -18.52
CA GLY C 278 -23.75 10.06 -18.10
C GLY C 278 -23.88 10.49 -16.65
N ARG C 279 -22.76 10.69 -15.97
CA ARG C 279 -22.81 11.11 -14.57
C ARG C 279 -21.46 11.62 -14.07
N PRO C 280 -21.47 12.49 -13.03
CA PRO C 280 -20.24 13.04 -12.47
C PRO C 280 -19.28 11.90 -12.12
N ILE C 281 -18.03 12.06 -12.53
CA ILE C 281 -17.01 11.04 -12.27
C ILE C 281 -16.90 10.77 -10.77
N ALA C 282 -17.46 11.67 -9.96
CA ALA C 282 -17.44 11.54 -8.51
C ALA C 282 -18.39 10.45 -8.04
N GLU C 283 -19.41 10.15 -8.85
CA GLU C 283 -20.38 9.12 -8.49
C GLU C 283 -19.79 7.73 -8.68
N PHE C 284 -18.57 7.67 -9.17
CA PHE C 284 -17.88 6.40 -9.37
C PHE C 284 -17.04 6.16 -8.12
N GLU C 285 -17.09 4.94 -7.59
CA GLU C 285 -16.34 4.60 -6.39
C GLU C 285 -14.84 4.75 -6.61
N GLY C 286 -14.39 4.53 -7.84
CA GLY C 286 -12.98 4.67 -8.13
C GLY C 286 -12.52 6.06 -7.76
N VAL C 287 -13.43 7.04 -7.88
CA VAL C 287 -13.12 8.42 -7.55
C VAL C 287 -13.47 8.78 -6.11
N SER C 288 -14.67 8.42 -5.67
CA SER C 288 -15.11 8.72 -4.32
C SER C 288 -14.18 8.12 -3.26
N PHE C 289 -13.75 6.88 -3.47
CA PHE C 289 -12.87 6.21 -2.53
C PHE C 289 -11.54 6.94 -2.35
N LYS C 290 -11.00 7.49 -3.45
CA LYS C 290 -9.74 8.23 -3.40
C LYS C 290 -9.95 9.48 -2.55
N LEU C 291 -11.06 10.16 -2.80
CA LEU C 291 -11.39 11.39 -2.07
C LEU C 291 -11.54 11.12 -0.58
N ALA C 292 -12.29 10.07 -0.25
CA ALA C 292 -12.52 9.70 1.13
C ALA C 292 -11.21 9.38 1.84
N GLU C 293 -10.38 8.57 1.19
CA GLU C 293 -9.09 8.17 1.76
C GLU C 293 -8.20 9.37 2.06
N ALA C 294 -8.06 10.24 1.07
CA ALA C 294 -7.25 11.44 1.21
C ALA C 294 -7.79 12.34 2.32
N ALA C 295 -9.10 12.55 2.34
CA ALA C 295 -9.73 13.42 3.34
C ALA C 295 -9.40 12.95 4.74
N THR C 296 -9.64 11.67 4.96
CA THR C 296 -9.41 11.03 6.24
C THR C 296 -7.97 11.16 6.68
N GLU C 297 -7.03 10.81 5.80
CA GLU C 297 -5.62 10.88 6.17
C GLU C 297 -5.14 12.30 6.42
N LEU C 298 -5.57 13.27 5.62
CA LEU C 298 -5.13 14.63 5.86
C LEU C 298 -5.68 15.11 7.22
N GLU C 299 -6.87 14.67 7.56
CA GLU C 299 -7.49 15.05 8.84
C GLU C 299 -6.64 14.52 9.99
N ALA C 300 -6.13 13.30 9.81
CA ALA C 300 -5.29 12.67 10.81
C ALA C 300 -3.92 13.34 10.87
N ALA C 301 -3.43 13.72 9.69
CA ALA C 301 -2.14 14.40 9.59
C ALA C 301 -2.19 15.70 10.37
N ARG C 302 -3.29 16.43 10.22
CA ARG C 302 -3.46 17.71 10.90
C ARG C 302 -3.50 17.56 12.43
N LEU C 303 -4.26 16.58 12.92
CA LEU C 303 -4.36 16.36 14.35
C LEU C 303 -2.98 16.04 14.90
N LEU C 304 -2.18 15.33 14.12
CA LEU C 304 -0.85 14.97 14.57
C LEU C 304 0.08 16.17 14.74
N TYR C 305 0.08 17.11 13.80
CA TYR C 305 0.98 18.24 13.98
C TYR C 305 0.42 19.22 15.02
N LEU C 306 -0.90 19.25 15.18
CA LEU C 306 -1.50 20.13 16.19
C LEU C 306 -1.06 19.61 17.54
N LYS C 307 -1.10 18.29 17.70
CA LYS C 307 -0.68 17.64 18.93
C LYS C 307 0.78 17.93 19.22
N ALA C 308 1.65 17.71 18.22
CA ALA C 308 3.07 17.96 18.37
C ALA C 308 3.30 19.41 18.79
N ALA C 309 2.58 20.33 18.14
CA ALA C 309 2.72 21.74 18.46
C ALA C 309 2.25 22.04 19.88
N GLU C 310 1.19 21.36 20.30
CA GLU C 310 0.64 21.57 21.64
C GLU C 310 1.66 21.14 22.69
N LEU C 311 2.36 20.04 22.44
CA LEU C 311 3.36 19.52 23.37
C LEU C 311 4.53 20.50 23.49
N LYS C 312 5.04 20.92 22.34
CA LYS C 312 6.16 21.85 22.29
C LYS C 312 5.88 23.11 23.10
N ASP C 313 4.68 23.66 22.95
CA ASP C 313 4.31 24.86 23.69
C ASP C 313 4.19 24.58 25.18
N ALA C 314 3.82 23.34 25.52
CA ALA C 314 3.66 22.93 26.91
C ALA C 314 4.99 22.59 27.59
N GLY C 315 6.08 22.74 26.86
CA GLY C 315 7.38 22.45 27.43
C GLY C 315 7.59 20.97 27.70
N ARG C 316 6.82 20.14 27.03
CA ARG C 316 6.93 18.69 27.18
C ARG C 316 7.65 18.11 25.97
N PRO C 317 8.25 16.91 26.12
CA PRO C 317 8.95 16.28 25.00
C PRO C 317 8.04 16.08 23.79
N PHE C 318 8.63 16.19 22.59
CA PHE C 318 7.84 16.03 21.37
C PHE C 318 8.67 15.56 20.16
N THR C 319 9.84 15.00 20.42
CA THR C 319 10.69 14.49 19.36
C THR C 319 9.97 13.38 18.57
N LEU C 320 9.33 12.48 19.30
CA LEU C 320 8.59 11.37 18.71
C LEU C 320 7.36 11.90 17.98
N GLU C 321 6.61 12.78 18.64
CA GLU C 321 5.39 13.32 18.08
C GLU C 321 5.60 14.21 16.86
N ALA C 322 6.72 14.94 16.82
CA ALA C 322 7.01 15.80 15.67
C ALA C 322 7.43 14.92 14.50
N ALA C 323 8.19 13.87 14.79
CA ALA C 323 8.66 12.97 13.75
C ALA C 323 7.47 12.20 13.17
N GLN C 324 6.53 11.85 14.05
CA GLN C 324 5.32 11.14 13.63
C GLN C 324 4.44 12.02 12.76
N ALA C 325 4.32 13.29 13.14
CA ALA C 325 3.50 14.22 12.38
C ALA C 325 4.09 14.50 10.99
N LYS C 326 5.39 14.73 10.93
CA LYS C 326 6.05 15.03 9.65
C LYS C 326 5.97 13.85 8.68
N LEU C 327 6.31 12.67 9.19
CA LEU C 327 6.27 11.46 8.41
C LEU C 327 4.88 11.23 7.84
N PHE C 328 3.87 11.26 8.71
CA PHE C 328 2.50 11.00 8.28
C PHE C 328 1.95 12.04 7.31
N ALA C 329 2.08 13.32 7.65
CA ALA C 329 1.58 14.37 6.78
C ALA C 329 2.29 14.31 5.43
N SER C 330 3.63 14.20 5.46
CA SER C 330 4.39 14.16 4.21
C SER C 330 3.96 13.02 3.29
N GLU C 331 3.98 11.79 3.81
CA GLU C 331 3.57 10.62 3.03
C GLU C 331 2.10 10.73 2.57
N ALA C 332 1.22 11.18 3.47
CA ALA C 332 -0.20 11.31 3.14
C ALA C 332 -0.47 12.44 2.12
N ALA C 333 0.20 13.58 2.28
CA ALA C 333 0.01 14.68 1.35
C ALA C 333 0.44 14.32 -0.07
N VAL C 334 1.61 13.73 -0.21
CA VAL C 334 2.14 13.37 -1.53
C VAL C 334 1.22 12.40 -2.25
N LYS C 335 0.63 11.47 -1.49
CA LYS C 335 -0.31 10.49 -2.04
C LYS C 335 -1.59 11.17 -2.49
N ALA C 336 -2.08 12.09 -1.66
CA ALA C 336 -3.30 12.81 -2.00
C ALA C 336 -3.06 13.62 -3.27
N CYS C 337 -1.89 14.21 -3.37
CA CYS C 337 -1.55 15.00 -4.56
C CYS C 337 -1.49 14.12 -5.80
N ASP C 338 -0.98 12.90 -5.62
CA ASP C 338 -0.86 11.98 -6.74
C ASP C 338 -2.23 11.51 -7.21
N GLU C 339 -3.15 11.32 -6.26
CA GLU C 339 -4.49 10.88 -6.58
C GLU C 339 -5.27 12.00 -7.26
N ALA C 340 -4.88 13.24 -6.95
CA ALA C 340 -5.52 14.40 -7.56
C ALA C 340 -5.12 14.41 -9.03
N ILE C 341 -3.85 14.12 -9.29
CA ILE C 341 -3.36 14.09 -10.66
C ILE C 341 -4.15 13.01 -11.40
N GLN C 342 -4.37 11.87 -10.75
CA GLN C 342 -5.09 10.75 -11.36
C GLN C 342 -6.55 11.07 -11.64
N ILE C 343 -7.20 11.76 -10.70
CA ILE C 343 -8.59 12.12 -10.83
C ILE C 343 -8.78 13.10 -12.00
N LEU C 344 -7.85 14.03 -12.15
CA LEU C 344 -7.90 14.99 -13.24
C LEU C 344 -7.56 14.32 -14.57
N GLY C 345 -7.05 13.09 -14.50
CA GLY C 345 -6.70 12.36 -15.70
C GLY C 345 -5.69 13.05 -16.60
N GLY C 346 -6.02 13.14 -17.89
CA GLY C 346 -5.12 13.79 -18.82
C GLY C 346 -4.77 15.22 -18.44
N TYR C 347 -5.73 15.94 -17.88
CA TYR C 347 -5.50 17.32 -17.48
C TYR C 347 -4.58 17.39 -16.25
N GLY C 348 -4.50 16.30 -15.50
CA GLY C 348 -3.64 16.28 -14.34
C GLY C 348 -2.20 16.32 -14.79
N TYR C 349 -1.97 15.95 -16.03
CA TYR C 349 -0.63 15.91 -16.59
C TYR C 349 -0.22 17.22 -17.27
N VAL C 350 -1.11 18.21 -17.29
CA VAL C 350 -0.79 19.49 -17.93
C VAL C 350 -0.60 20.67 -16.96
N LYS C 351 0.44 21.46 -17.21
CA LYS C 351 0.80 22.60 -16.36
C LYS C 351 -0.28 23.68 -16.26
N ASP C 352 -1.29 23.61 -17.12
CA ASP C 352 -2.38 24.59 -17.09
C ASP C 352 -3.12 24.47 -15.77
N TYR C 353 -3.09 23.28 -15.19
CA TYR C 353 -3.76 23.03 -13.93
C TYR C 353 -2.72 22.89 -12.83
N PRO C 354 -3.09 23.21 -11.58
CA PRO C 354 -2.23 23.15 -10.39
C PRO C 354 -1.89 21.81 -9.76
N VAL C 355 -2.64 20.77 -10.05
CA VAL C 355 -2.36 19.49 -9.40
C VAL C 355 -0.96 18.93 -9.61
N GLU C 356 -0.35 19.17 -10.78
CA GLU C 356 0.99 18.63 -10.97
C GLU C 356 1.98 19.42 -10.11
N ARG C 357 1.75 20.73 -9.97
CA ARG C 357 2.65 21.55 -9.15
C ARG C 357 2.52 21.13 -7.68
N TYR C 358 1.29 20.90 -7.24
CA TYR C 358 1.05 20.49 -5.85
C TYR C 358 1.92 19.27 -5.53
N TRP C 359 1.89 18.27 -6.42
CA TRP C 359 2.69 17.08 -6.21
C TRP C 359 4.17 17.39 -6.17
N ARG C 360 4.63 18.18 -7.15
CA ARG C 360 6.02 18.54 -7.22
C ARG C 360 6.44 19.28 -5.96
N ASP C 361 5.62 20.22 -5.50
CA ASP C 361 5.94 20.96 -4.28
C ASP C 361 5.95 20.04 -3.06
N ALA C 362 4.86 19.32 -2.86
CA ALA C 362 4.74 18.42 -1.73
C ALA C 362 5.78 17.32 -1.65
N ARG C 363 6.24 16.84 -2.81
CA ARG C 363 7.21 15.75 -2.86
C ARG C 363 8.45 15.94 -1.97
N LEU C 364 8.88 17.18 -1.80
CA LEU C 364 10.06 17.47 -0.99
C LEU C 364 9.85 17.23 0.51
N THR C 365 8.61 17.28 0.97
CA THR C 365 8.31 17.10 2.38
C THR C 365 8.67 15.72 2.94
N ARG C 366 8.85 14.74 2.05
CA ARG C 366 9.20 13.38 2.47
C ARG C 366 10.72 13.22 2.52
N ILE C 367 11.42 14.29 2.15
CA ILE C 367 12.88 14.28 2.13
C ILE C 367 13.49 15.31 3.09
N GLY C 368 13.11 16.57 2.94
CA GLY C 368 13.66 17.62 3.80
C GLY C 368 13.53 17.41 5.30
N GLU C 369 14.49 17.97 6.04
CA GLU C 369 14.52 17.89 7.49
C GLU C 369 14.27 16.48 8.02
N GLY C 370 15.00 15.52 7.48
CA GLY C 370 14.85 14.14 7.90
C GLY C 370 13.95 13.38 6.95
N THR C 371 14.55 12.52 6.13
CA THR C 371 13.78 11.71 5.18
C THR C 371 12.82 10.81 5.96
N SER C 372 11.74 10.39 5.31
CA SER C 372 10.77 9.52 5.96
C SER C 372 11.49 8.35 6.62
N GLU C 373 12.47 7.80 5.92
CA GLU C 373 13.24 6.66 6.44
C GLU C 373 13.94 7.04 7.73
N ILE C 374 14.51 8.24 7.77
CA ILE C 374 15.20 8.73 8.96
C ILE C 374 14.24 8.88 10.14
N LEU C 375 13.05 9.42 9.86
CA LEU C 375 12.05 9.64 10.91
C LEU C 375 11.54 8.34 11.51
N LYS C 376 11.48 7.29 10.70
CA LYS C 376 11.01 6.00 11.17
C LYS C 376 12.01 5.41 12.15
N LEU C 377 13.30 5.66 11.92
CA LEU C 377 14.31 5.16 12.84
C LEU C 377 14.23 5.98 14.14
N VAL C 378 14.04 7.29 14.00
CA VAL C 378 13.90 8.18 15.15
C VAL C 378 12.72 7.74 16.00
N ILE C 379 11.59 7.46 15.34
CA ILE C 379 10.38 7.01 15.98
C ILE C 379 10.57 5.67 16.67
N ALA C 380 11.16 4.73 15.95
CA ALA C 380 11.41 3.39 16.48
C ALA C 380 12.38 3.42 17.67
N ARG C 381 13.40 4.25 17.59
CA ARG C 381 14.36 4.33 18.70
C ARG C 381 13.65 4.79 19.97
N ARG C 382 12.76 5.77 19.83
CA ARG C 382 12.02 6.29 20.98
C ARG C 382 11.04 5.24 21.52
N LEU C 383 10.35 4.55 20.63
CA LEU C 383 9.42 3.51 21.05
C LEU C 383 10.17 2.43 21.84
N LEU C 384 11.32 2.03 21.32
CA LEU C 384 12.14 1.00 21.95
C LEU C 384 12.78 1.42 23.28
N GLU C 385 13.34 2.64 23.33
CA GLU C 385 13.96 3.12 24.56
C GLU C 385 12.92 3.31 25.66
N ALA C 386 11.65 3.34 25.27
CA ALA C 386 10.56 3.51 26.23
C ALA C 386 10.27 2.17 26.90
N VAL C 387 10.14 1.12 26.10
CA VAL C 387 9.85 -0.22 26.61
C VAL C 387 9.75 -1.19 25.42
N LEU D 3 15.35 -19.60 -23.39
CA LEU D 3 14.09 -19.74 -22.58
C LEU D 3 13.12 -18.60 -22.93
N TRP D 4 11.84 -18.94 -23.02
CA TRP D 4 10.78 -17.99 -23.39
C TRP D 4 10.92 -16.56 -22.86
N PHE D 5 10.92 -16.39 -21.54
CA PHE D 5 11.02 -15.08 -20.92
C PHE D 5 12.31 -14.30 -21.24
N GLU D 6 13.27 -14.97 -21.88
CA GLU D 6 14.53 -14.31 -22.22
C GLU D 6 14.54 -13.90 -23.69
N GLU D 7 15.51 -13.08 -24.07
CA GLU D 7 15.61 -12.64 -25.44
C GLU D 7 16.15 -13.79 -26.30
N GLY D 8 15.40 -14.15 -27.32
CA GLY D 8 15.82 -15.24 -28.21
C GLY D 8 16.91 -14.80 -29.16
N ALA D 9 17.48 -15.77 -29.89
CA ALA D 9 18.56 -15.47 -30.82
C ALA D 9 18.22 -14.36 -31.81
N GLU D 10 17.05 -14.45 -32.43
CA GLU D 10 16.62 -13.45 -33.40
C GLU D 10 16.37 -12.10 -32.72
N GLU D 11 15.91 -12.13 -31.47
CA GLU D 11 15.64 -10.91 -30.74
C GLU D 11 16.95 -10.25 -30.34
N ARG D 12 17.93 -11.05 -29.91
CA ARG D 12 19.23 -10.52 -29.50
C ARG D 12 19.99 -9.91 -30.68
N GLN D 13 19.75 -10.43 -31.88
CA GLN D 13 20.42 -9.92 -33.08
C GLN D 13 20.03 -8.46 -33.30
N VAL D 14 18.76 -8.15 -33.03
CA VAL D 14 18.25 -6.80 -33.22
C VAL D 14 18.55 -5.88 -32.03
N LEU D 15 18.28 -6.36 -30.83
CA LEU D 15 18.46 -5.59 -29.61
C LEU D 15 19.90 -5.22 -29.26
N GLY D 16 20.84 -6.11 -29.56
CA GLY D 16 22.22 -5.81 -29.24
C GLY D 16 22.64 -4.50 -29.91
N PRO D 17 22.59 -4.43 -31.25
CA PRO D 17 22.96 -3.21 -31.98
C PRO D 17 22.03 -2.03 -31.68
N PHE D 18 20.77 -2.33 -31.40
CA PHE D 18 19.79 -1.28 -31.10
C PHE D 18 20.18 -0.56 -29.81
N ARG D 19 20.54 -1.33 -28.79
CA ARG D 19 20.95 -0.77 -27.50
C ARG D 19 22.21 0.07 -27.61
N GLU D 20 23.13 -0.38 -28.47
CA GLU D 20 24.38 0.35 -28.67
C GLU D 20 24.03 1.71 -29.26
N PHE D 21 23.08 1.70 -30.19
CA PHE D 21 22.62 2.92 -30.83
C PHE D 21 21.98 3.88 -29.82
N LEU D 22 21.10 3.34 -28.98
CA LEU D 22 20.41 4.13 -27.98
C LEU D 22 21.37 4.81 -27.01
N LYS D 23 22.35 4.06 -26.51
CA LYS D 23 23.32 4.61 -25.56
C LYS D 23 24.10 5.76 -26.17
N ALA D 24 24.56 5.55 -27.41
CA ALA D 24 25.37 6.53 -28.11
C ALA D 24 24.63 7.75 -28.66
N GLU D 25 23.47 7.52 -29.27
CA GLU D 25 22.70 8.61 -29.89
C GLU D 25 21.53 9.21 -29.12
N VAL D 26 20.80 8.40 -28.35
CA VAL D 26 19.63 8.91 -27.64
C VAL D 26 19.86 9.39 -26.21
N ALA D 27 20.57 8.60 -25.42
CA ALA D 27 20.85 8.93 -24.02
C ALA D 27 21.46 10.31 -23.75
N PRO D 28 22.52 10.68 -24.49
CA PRO D 28 23.15 11.99 -24.25
C PRO D 28 22.24 13.21 -24.32
N GLY D 29 21.27 13.21 -25.23
CA GLY D 29 20.40 14.37 -25.35
C GLY D 29 19.08 14.34 -24.60
N ALA D 30 18.79 13.24 -23.91
CA ALA D 30 17.52 13.10 -23.19
C ALA D 30 17.20 14.23 -22.22
N ALA D 31 18.13 14.55 -21.33
CA ALA D 31 17.91 15.61 -20.37
C ALA D 31 17.62 16.93 -21.07
N GLU D 32 18.43 17.27 -22.05
CA GLU D 32 18.22 18.53 -22.76
C GLU D 32 16.86 18.58 -23.45
N ARG D 33 16.44 17.47 -24.06
CA ARG D 33 15.14 17.47 -24.74
C ARG D 33 14.00 17.66 -23.74
N ASP D 34 14.20 17.18 -22.52
CA ASP D 34 13.17 17.33 -21.49
C ASP D 34 13.00 18.79 -21.11
N ARG D 35 14.05 19.59 -21.31
CA ARG D 35 14.03 21.03 -21.00
C ARG D 35 13.53 21.88 -22.16
N THR D 36 13.90 21.51 -23.38
CA THR D 36 13.50 22.29 -24.56
C THR D 36 12.18 21.87 -25.21
N GLY D 37 11.89 20.58 -25.17
CA GLY D 37 10.67 20.08 -25.79
C GLY D 37 10.82 19.98 -27.29
N ALA D 38 12.04 20.15 -27.77
CA ALA D 38 12.33 20.11 -29.21
C ALA D 38 12.22 18.70 -29.80
N PHE D 39 11.28 18.53 -30.72
CA PHE D 39 11.08 17.23 -31.37
C PHE D 39 12.38 16.76 -32.02
N PRO D 40 12.86 15.57 -31.64
CA PRO D 40 14.11 15.06 -32.23
C PRO D 40 13.98 14.40 -33.61
N TRP D 41 13.88 15.19 -34.67
CA TRP D 41 13.74 14.65 -36.01
C TRP D 41 14.90 13.74 -36.44
N ASP D 42 16.11 14.08 -36.02
CA ASP D 42 17.29 13.30 -36.36
C ASP D 42 17.21 11.89 -35.77
N LEU D 43 16.71 11.81 -34.54
CA LEU D 43 16.57 10.52 -33.85
C LEU D 43 15.43 9.72 -34.45
N VAL D 44 14.37 10.41 -34.85
CA VAL D 44 13.25 9.72 -35.50
C VAL D 44 13.79 9.03 -36.75
N ARG D 45 14.53 9.80 -37.55
CA ARG D 45 15.13 9.29 -38.77
C ARG D 45 16.10 8.14 -38.50
N LYS D 46 16.97 8.30 -37.51
CA LYS D 46 17.93 7.26 -37.18
C LYS D 46 17.21 6.00 -36.67
N LEU D 47 16.17 6.19 -35.87
CA LEU D 47 15.40 5.05 -35.34
C LEU D 47 14.71 4.31 -36.49
N ALA D 48 14.13 5.07 -37.42
CA ALA D 48 13.44 4.49 -38.58
C ALA D 48 14.33 3.56 -39.40
N GLU D 49 15.64 3.80 -39.36
CA GLU D 49 16.57 2.95 -40.08
C GLU D 49 16.55 1.54 -39.51
N PHE D 50 16.11 1.41 -38.26
CA PHE D 50 16.00 0.09 -37.62
C PHE D 50 14.64 -0.54 -37.90
N GLY D 51 13.80 0.16 -38.66
CA GLY D 51 12.48 -0.34 -38.97
C GLY D 51 11.48 -0.08 -37.85
N VAL D 52 11.94 0.67 -36.85
CA VAL D 52 11.17 1.04 -35.66
C VAL D 52 9.82 1.71 -35.89
N PHE D 53 9.67 2.47 -36.96
CA PHE D 53 8.39 3.13 -37.21
C PHE D 53 7.40 2.30 -38.03
N GLY D 54 7.79 1.07 -38.35
CA GLY D 54 6.93 0.17 -39.09
C GLY D 54 7.18 -1.22 -38.53
N ALA D 55 7.51 -1.27 -37.25
CA ALA D 55 7.84 -2.52 -36.56
C ALA D 55 6.88 -3.69 -36.77
N LEU D 56 5.59 -3.44 -36.66
CA LEU D 56 4.60 -4.51 -36.81
C LEU D 56 4.08 -4.61 -38.24
N VAL D 57 4.42 -3.63 -39.06
CA VAL D 57 3.97 -3.63 -40.45
C VAL D 57 4.70 -4.71 -41.23
N PRO D 58 3.98 -5.48 -42.05
CA PRO D 58 4.58 -6.55 -42.86
C PRO D 58 5.57 -5.98 -43.88
N GLU D 59 6.64 -6.73 -44.14
CA GLU D 59 7.65 -6.28 -45.10
C GLU D 59 6.99 -5.97 -46.44
N ALA D 60 5.91 -6.69 -46.74
CA ALA D 60 5.19 -6.50 -47.99
C ALA D 60 4.81 -5.04 -48.15
N TYR D 61 4.36 -4.41 -47.07
CA TYR D 61 3.96 -3.01 -47.13
C TYR D 61 5.12 -2.09 -46.75
N GLY D 62 6.33 -2.63 -46.74
CA GLY D 62 7.50 -1.83 -46.40
C GLY D 62 7.85 -1.79 -44.93
N GLY D 63 7.20 -2.64 -44.13
CA GLY D 63 7.48 -2.66 -42.71
C GLY D 63 8.61 -3.60 -42.33
N ALA D 64 8.91 -3.67 -41.04
CA ALA D 64 9.98 -4.54 -40.54
C ALA D 64 9.49 -5.95 -40.26
N GLY D 65 8.17 -6.13 -40.18
CA GLY D 65 7.59 -7.44 -39.95
C GLY D 65 8.08 -8.19 -38.72
N LEU D 66 8.17 -7.50 -37.60
CA LEU D 66 8.64 -8.12 -36.36
C LEU D 66 7.46 -8.58 -35.51
N SER D 67 7.75 -9.39 -34.50
CA SER D 67 6.71 -9.89 -33.59
C SER D 67 6.34 -8.79 -32.61
N THR D 68 5.17 -8.89 -32.00
CA THR D 68 4.76 -7.90 -31.04
C THR D 68 5.70 -7.92 -29.83
N ARG D 69 6.21 -9.09 -29.44
CA ARG D 69 7.11 -9.10 -28.29
C ARG D 69 8.43 -8.38 -28.60
N LEU D 70 8.94 -8.53 -29.81
CA LEU D 70 10.19 -7.85 -30.16
C LEU D 70 9.96 -6.36 -30.19
N PHE D 71 8.82 -5.94 -30.77
CA PHE D 71 8.51 -4.51 -30.83
C PHE D 71 8.42 -3.97 -29.41
N ALA D 72 7.75 -4.72 -28.53
CA ALA D 72 7.60 -4.29 -27.15
C ALA D 72 8.97 -4.12 -26.47
N ARG D 73 9.86 -5.09 -26.67
CA ARG D 73 11.19 -5.01 -26.06
C ARG D 73 11.93 -3.80 -26.60
N MET D 74 11.65 -3.42 -27.84
CA MET D 74 12.32 -2.26 -28.41
C MET D 74 11.77 -0.98 -27.79
N VAL D 75 10.48 -0.98 -27.47
CA VAL D 75 9.87 0.18 -26.84
C VAL D 75 10.44 0.31 -25.42
N GLU D 76 10.59 -0.82 -24.73
CA GLU D 76 11.16 -0.79 -23.38
C GLU D 76 12.58 -0.22 -23.46
N ALA D 77 13.37 -0.71 -24.41
CA ALA D 77 14.75 -0.28 -24.57
C ALA D 77 14.87 1.25 -24.79
N ILE D 78 13.97 1.79 -25.59
CA ILE D 78 13.96 3.22 -25.87
C ILE D 78 13.53 4.01 -24.64
N ALA D 79 12.47 3.55 -23.99
CA ALA D 79 11.95 4.23 -22.81
C ALA D 79 12.99 4.27 -21.70
N TYR D 80 13.94 3.34 -21.75
CA TYR D 80 15.00 3.26 -20.75
C TYR D 80 15.85 4.53 -20.79
N TYR D 81 16.00 5.10 -21.99
CA TYR D 81 16.81 6.31 -22.17
C TYR D 81 16.03 7.60 -22.46
N ASP D 82 14.85 7.48 -23.05
CA ASP D 82 14.07 8.66 -23.37
C ASP D 82 12.60 8.29 -23.45
N GLY D 83 11.83 8.69 -22.44
CA GLY D 83 10.42 8.39 -22.41
C GLY D 83 9.65 9.04 -23.54
N ALA D 84 9.98 10.29 -23.86
CA ALA D 84 9.27 11.00 -24.91
C ALA D 84 9.37 10.23 -26.23
N LEU D 85 10.58 9.80 -26.58
CA LEU D 85 10.80 9.03 -27.79
C LEU D 85 10.08 7.70 -27.78
N ALA D 86 9.95 7.10 -26.59
CA ALA D 86 9.25 5.83 -26.48
C ALA D 86 7.77 6.03 -26.80
N LEU D 87 7.19 7.12 -26.29
CA LEU D 87 5.78 7.41 -26.53
C LEU D 87 5.56 7.69 -28.02
N THR D 88 6.55 8.37 -28.62
CA THR D 88 6.48 8.71 -30.04
C THR D 88 6.45 7.44 -30.87
N VAL D 89 7.36 6.51 -30.56
CA VAL D 89 7.41 5.27 -31.29
C VAL D 89 6.19 4.40 -31.04
N ALA D 90 5.85 4.24 -29.76
CA ALA D 90 4.71 3.42 -29.35
C ALA D 90 3.38 3.87 -29.97
N SER D 91 3.07 5.15 -29.86
CA SER D 91 1.82 5.67 -30.39
C SER D 91 1.73 5.56 -31.91
N HIS D 92 2.76 6.03 -32.60
CA HIS D 92 2.81 5.98 -34.06
C HIS D 92 2.52 4.56 -34.57
N ASN D 93 3.19 3.58 -33.99
CA ASN D 93 3.04 2.20 -34.36
C ASN D 93 1.71 1.60 -33.94
N SER D 94 1.45 1.64 -32.64
CA SER D 94 0.24 1.08 -32.04
C SER D 94 -1.09 1.67 -32.48
N LEU D 95 -1.16 2.99 -32.53
CA LEU D 95 -2.42 3.65 -32.85
C LEU D 95 -2.69 3.94 -34.34
N ALA D 96 -2.14 5.04 -34.87
CA ALA D 96 -2.37 5.39 -36.27
C ALA D 96 -2.02 4.29 -37.27
N THR D 97 -0.79 3.78 -37.20
CA THR D 97 -0.36 2.73 -38.09
C THR D 97 -1.12 1.43 -37.82
N GLY D 98 -1.24 1.09 -36.55
CA GLY D 98 -1.93 -0.14 -36.19
C GLY D 98 -3.38 -0.18 -36.66
N HIS D 99 -4.06 0.95 -36.56
CA HIS D 99 -5.47 1.02 -36.96
C HIS D 99 -5.64 0.78 -38.47
N ILE D 100 -4.77 1.38 -39.26
CA ILE D 100 -4.81 1.23 -40.72
C ILE D 100 -4.48 -0.20 -41.11
N LEU D 101 -3.44 -0.74 -40.49
CA LEU D 101 -3.02 -2.11 -40.74
C LEU D 101 -4.16 -3.06 -40.39
N LEU D 102 -4.91 -2.70 -39.35
CA LEU D 102 -6.01 -3.53 -38.88
C LEU D 102 -7.30 -3.45 -39.70
N ALA D 103 -7.78 -2.23 -39.96
CA ALA D 103 -9.04 -2.05 -40.69
C ALA D 103 -8.93 -1.60 -42.13
N GLY D 104 -7.73 -1.27 -42.58
CA GLY D 104 -7.55 -0.80 -43.94
C GLY D 104 -7.75 -1.83 -45.02
N SER D 105 -8.16 -1.38 -46.20
CA SER D 105 -8.35 -2.28 -47.34
C SER D 105 -6.96 -2.31 -47.95
N GLU D 106 -6.75 -3.15 -48.96
CA GLU D 106 -5.44 -3.23 -49.60
C GLU D 106 -5.02 -1.90 -50.20
N ALA D 107 -5.98 -1.14 -50.70
CA ALA D 107 -5.68 0.16 -51.30
C ALA D 107 -5.20 1.13 -50.24
N GLN D 108 -5.91 1.20 -49.13
CA GLN D 108 -5.56 2.10 -48.03
C GLN D 108 -4.20 1.73 -47.44
N LYS D 109 -3.97 0.45 -47.16
CA LYS D 109 -2.70 0.03 -46.58
C LYS D 109 -1.54 0.35 -47.52
N GLU D 110 -1.71 0.07 -48.81
CA GLU D 110 -0.67 0.35 -49.78
C GLU D 110 -0.45 1.86 -49.85
N ALA D 111 -1.52 2.61 -49.62
CA ALA D 111 -1.44 4.06 -49.68
C ALA D 111 -0.76 4.71 -48.47
N PHE D 112 -1.04 4.21 -47.27
CA PHE D 112 -0.45 4.79 -46.06
C PHE D 112 0.71 4.06 -45.40
N LEU D 113 0.63 2.74 -45.28
CA LEU D 113 1.67 1.99 -44.61
C LEU D 113 3.12 2.23 -45.05
N PRO D 114 3.38 2.30 -46.36
CA PRO D 114 4.76 2.52 -46.79
C PRO D 114 5.42 3.75 -46.13
N LYS D 115 4.74 4.89 -46.21
CA LYS D 115 5.28 6.12 -45.63
C LYS D 115 5.32 6.08 -44.11
N LEU D 116 4.28 5.51 -43.51
CA LEU D 116 4.23 5.39 -42.05
C LEU D 116 5.36 4.48 -41.58
N ALA D 117 5.48 3.33 -42.21
CA ALA D 117 6.50 2.33 -41.85
C ALA D 117 7.94 2.78 -42.03
N SER D 118 8.16 3.75 -42.92
CA SER D 118 9.51 4.25 -43.17
C SER D 118 9.80 5.46 -42.29
N GLY D 119 8.74 6.02 -41.71
CA GLY D 119 8.90 7.18 -40.85
C GLY D 119 8.89 8.49 -41.62
N GLU D 120 8.81 8.42 -42.95
CA GLU D 120 8.79 9.65 -43.74
C GLU D 120 7.50 10.40 -43.43
N ALA D 121 6.56 9.69 -42.81
CA ALA D 121 5.29 10.29 -42.42
C ALA D 121 4.90 9.73 -41.06
N LEU D 122 4.80 10.60 -40.05
CA LEU D 122 4.41 10.15 -38.73
C LEU D 122 2.89 10.15 -38.65
N GLY D 123 2.33 9.29 -37.81
CA GLY D 123 0.89 9.21 -37.67
C GLY D 123 0.28 9.70 -36.38
N ALA D 124 -0.87 10.36 -36.50
CA ALA D 124 -1.61 10.89 -35.36
C ALA D 124 -2.93 10.15 -35.31
N TRP D 125 -3.36 9.82 -34.10
CA TRP D 125 -4.59 9.05 -33.89
C TRP D 125 -5.52 9.89 -33.02
N GLY D 126 -6.59 10.41 -33.62
CA GLY D 126 -7.51 11.26 -32.89
C GLY D 126 -8.78 10.62 -32.34
N LEU D 127 -8.76 10.30 -31.05
CA LEU D 127 -9.93 9.70 -30.41
C LEU D 127 -10.42 10.62 -29.31
N THR D 128 -9.54 10.86 -28.34
CA THR D 128 -9.86 11.70 -27.19
C THR D 128 -10.26 13.13 -27.55
N GLU D 129 -11.25 13.65 -26.82
CA GLU D 129 -11.74 15.00 -27.03
C GLU D 129 -11.78 15.74 -25.70
N PRO D 130 -11.84 17.08 -25.73
CA PRO D 130 -11.89 17.87 -24.50
C PRO D 130 -12.99 17.42 -23.55
N GLY D 131 -14.05 16.85 -24.10
CA GLY D 131 -15.16 16.40 -23.27
C GLY D 131 -15.24 14.91 -22.97
N SER D 132 -14.77 14.08 -23.91
CA SER D 132 -14.83 12.64 -23.71
C SER D 132 -13.46 11.98 -23.80
N GLY D 133 -12.95 11.53 -22.65
CA GLY D 133 -11.67 10.85 -22.60
C GLY D 133 -11.90 9.41 -22.21
N SER D 134 -12.29 9.22 -20.94
CA SER D 134 -12.56 7.89 -20.41
C SER D 134 -13.66 7.23 -21.24
N ASP D 135 -14.83 7.87 -21.28
CA ASP D 135 -15.96 7.38 -22.05
C ASP D 135 -15.76 7.85 -23.49
N ALA D 136 -14.79 7.26 -24.17
CA ALA D 136 -14.44 7.62 -25.53
C ALA D 136 -15.58 7.54 -26.55
N ALA D 137 -16.51 6.61 -26.34
CA ALA D 137 -17.64 6.46 -27.26
C ALA D 137 -18.53 7.69 -27.30
N ALA D 138 -18.35 8.58 -26.33
CA ALA D 138 -19.13 9.81 -26.24
C ALA D 138 -18.49 10.90 -27.08
N LEU D 139 -17.92 10.54 -28.22
CA LEU D 139 -17.27 11.50 -29.09
C LEU D 139 -18.27 12.52 -29.63
N LYS D 140 -17.80 13.74 -29.88
CA LYS D 140 -18.67 14.77 -30.40
C LYS D 140 -18.26 15.19 -31.81
N THR D 141 -17.05 14.81 -32.21
CA THR D 141 -16.60 15.12 -33.56
C THR D 141 -17.62 14.43 -34.47
N LYS D 142 -18.00 15.09 -35.56
CA LYS D 142 -18.99 14.51 -36.46
C LYS D 142 -18.51 14.43 -37.90
N ALA D 143 -18.96 13.39 -38.60
CA ALA D 143 -18.62 13.18 -39.99
C ALA D 143 -19.94 13.19 -40.77
N GLU D 144 -20.02 14.06 -41.77
CA GLU D 144 -21.23 14.17 -42.57
C GLU D 144 -20.94 13.73 -44.00
N LYS D 145 -21.76 12.81 -44.51
CA LYS D 145 -21.57 12.32 -45.87
C LYS D 145 -21.88 13.42 -46.86
N VAL D 146 -20.87 13.81 -47.64
CA VAL D 146 -21.03 14.85 -48.65
C VAL D 146 -20.86 14.23 -50.03
N GLU D 147 -20.68 15.07 -51.05
CA GLU D 147 -20.50 14.59 -52.41
C GLU D 147 -19.09 14.04 -52.60
N GLY D 148 -18.98 12.73 -52.80
CA GLY D 148 -17.68 12.11 -52.99
C GLY D 148 -16.74 12.15 -51.80
N GLY D 149 -17.31 12.10 -50.59
CA GLY D 149 -16.48 12.13 -49.40
C GLY D 149 -17.25 12.51 -48.15
N TRP D 150 -16.54 13.04 -47.15
CA TRP D 150 -17.15 13.44 -45.89
C TRP D 150 -16.64 14.79 -45.39
N ARG D 151 -17.42 15.42 -44.52
CA ARG D 151 -17.06 16.69 -43.91
C ARG D 151 -16.96 16.44 -42.41
N LEU D 152 -15.79 16.69 -41.83
CA LEU D 152 -15.59 16.46 -40.42
C LEU D 152 -15.52 17.76 -39.62
N ASN D 153 -16.14 17.74 -38.44
CA ASN D 153 -16.16 18.89 -37.54
C ASN D 153 -16.07 18.42 -36.09
N GLY D 154 -15.02 18.87 -35.39
CA GLY D 154 -14.83 18.49 -34.00
C GLY D 154 -13.48 18.89 -33.46
N THR D 155 -13.25 18.60 -32.19
CA THR D 155 -11.97 18.91 -31.55
C THR D 155 -11.42 17.70 -30.84
N LYS D 156 -10.16 17.37 -31.14
CA LYS D 156 -9.50 16.22 -30.51
C LYS D 156 -8.43 16.81 -29.59
N GLN D 157 -8.19 16.17 -28.46
CA GLN D 157 -7.21 16.67 -27.51
C GLN D 157 -6.16 15.68 -27.05
N PHE D 158 -4.97 16.21 -26.76
CA PHE D 158 -3.86 15.38 -26.29
C PHE D 158 -3.48 14.36 -27.35
N ILE D 159 -3.53 14.74 -28.62
CA ILE D 159 -3.19 13.82 -29.69
C ILE D 159 -1.70 13.79 -29.96
N THR D 160 -1.11 12.61 -29.77
CA THR D 160 0.33 12.42 -29.98
C THR D 160 0.69 12.51 -31.47
N GLN D 161 1.76 13.27 -31.75
CA GLN D 161 2.24 13.54 -33.10
C GLN D 161 1.22 14.44 -33.78
N GLY D 162 0.28 14.95 -32.99
CA GLY D 162 -0.76 15.80 -33.52
C GLY D 162 -0.29 16.95 -34.40
N SER D 163 0.82 17.59 -34.06
CA SER D 163 1.30 18.71 -34.87
C SER D 163 2.35 18.37 -35.92
N VAL D 164 3.05 17.24 -35.76
CA VAL D 164 4.09 16.87 -36.72
C VAL D 164 3.69 15.73 -37.66
N ALA D 165 2.46 15.24 -37.52
CA ALA D 165 2.01 14.12 -38.34
C ALA D 165 1.81 14.39 -39.83
N GLY D 166 1.98 13.33 -40.62
CA GLY D 166 1.78 13.41 -42.06
C GLY D 166 0.52 12.65 -42.41
N VAL D 167 0.12 11.74 -41.52
CA VAL D 167 -1.09 10.93 -41.70
C VAL D 167 -1.91 11.05 -40.43
N TYR D 168 -3.22 11.23 -40.59
CA TYR D 168 -4.13 11.34 -39.46
C TYR D 168 -5.24 10.31 -39.51
N VAL D 169 -5.63 9.80 -38.35
CA VAL D 169 -6.73 8.85 -38.25
C VAL D 169 -7.63 9.49 -37.19
N VAL D 170 -8.84 9.84 -37.59
CA VAL D 170 -9.76 10.52 -36.69
C VAL D 170 -11.08 9.78 -36.54
N MET D 171 -11.53 9.66 -35.29
CA MET D 171 -12.79 8.98 -35.01
C MET D 171 -13.90 10.03 -34.94
N ALA D 172 -14.97 9.78 -35.67
CA ALA D 172 -16.11 10.70 -35.69
C ALA D 172 -17.41 9.93 -35.85
N ARG D 173 -18.46 10.40 -35.19
CA ARG D 173 -19.76 9.74 -35.28
C ARG D 173 -20.41 10.08 -36.62
N THR D 174 -20.90 9.06 -37.32
CA THR D 174 -21.55 9.26 -38.61
C THR D 174 -23.02 8.85 -38.53
N ASP D 175 -23.35 8.07 -37.51
CA ASP D 175 -24.72 7.61 -37.32
C ASP D 175 -25.13 7.62 -35.85
N PRO D 176 -26.36 8.05 -35.56
CA PRO D 176 -26.85 8.10 -34.19
C PRO D 176 -26.92 6.72 -33.54
N PRO D 177 -26.64 6.63 -32.24
CA PRO D 177 -26.68 5.35 -31.53
C PRO D 177 -28.12 5.06 -31.11
N PRO D 178 -28.49 3.77 -31.00
CA PRO D 178 -29.85 3.40 -30.58
C PRO D 178 -30.12 3.74 -29.12
N SER D 179 -29.11 3.55 -28.28
CA SER D 179 -29.22 3.82 -26.85
C SER D 179 -27.98 4.55 -26.33
N PRO D 180 -28.18 5.64 -25.58
CA PRO D 180 -27.06 6.40 -25.02
C PRO D 180 -26.13 5.53 -24.21
N GLU D 181 -26.66 4.43 -23.67
CA GLU D 181 -25.86 3.52 -22.86
C GLU D 181 -24.90 2.74 -23.76
N ARG D 182 -25.17 2.76 -25.06
CA ARG D 182 -24.33 2.08 -26.02
C ARG D 182 -24.00 2.95 -27.22
N LYS D 183 -23.19 3.98 -26.97
CA LYS D 183 -22.77 4.90 -28.02
C LYS D 183 -21.62 4.30 -28.81
N HIS D 184 -21.14 3.15 -28.36
CA HIS D 184 -20.04 2.47 -29.04
C HIS D 184 -20.47 2.13 -30.47
N GLN D 185 -21.74 2.32 -30.77
CA GLN D 185 -22.26 2.05 -32.11
C GLN D 185 -22.57 3.36 -32.82
N GLY D 186 -22.13 3.47 -34.08
CA GLY D 186 -22.38 4.68 -34.84
C GLY D 186 -21.14 5.50 -35.12
N ILE D 187 -19.99 5.04 -34.62
CA ILE D 187 -18.73 5.73 -34.81
C ILE D 187 -17.98 5.18 -36.01
N SER D 188 -17.25 6.05 -36.69
CA SER D 188 -16.47 5.64 -37.86
C SER D 188 -15.06 6.23 -37.74
N ALA D 189 -14.12 5.64 -38.47
CA ALA D 189 -12.74 6.11 -38.46
C ALA D 189 -12.39 6.64 -39.84
N PHE D 190 -11.58 7.69 -39.89
CA PHE D 190 -11.18 8.26 -41.17
C PHE D 190 -9.67 8.45 -41.23
N ALA D 191 -9.07 7.93 -42.30
CA ALA D 191 -7.63 8.02 -42.51
C ALA D 191 -7.34 8.93 -43.71
N PHE D 192 -6.46 9.90 -43.52
CA PHE D 192 -6.12 10.85 -44.58
C PHE D 192 -4.78 11.52 -44.31
N PHE D 193 -4.20 12.13 -45.33
CA PHE D 193 -2.93 12.82 -45.17
C PHE D 193 -3.19 14.24 -44.68
N ARG D 194 -2.15 14.88 -44.16
CA ARG D 194 -2.26 16.25 -43.68
C ARG D 194 -2.94 17.08 -44.76
N PRO D 195 -4.14 17.64 -44.45
CA PRO D 195 -4.90 18.44 -45.41
C PRO D 195 -4.42 19.88 -45.56
N GLU D 196 -4.85 20.52 -46.65
CA GLU D 196 -4.49 21.91 -46.94
C GLU D 196 -5.29 22.86 -46.06
N ARG D 197 -6.55 22.53 -45.84
CA ARG D 197 -7.43 23.34 -45.02
C ARG D 197 -8.35 22.42 -44.23
N GLY D 198 -9.01 22.97 -43.21
CA GLY D 198 -9.93 22.18 -42.42
C GLY D 198 -9.36 21.58 -41.14
N LEU D 199 -8.03 21.64 -40.99
CA LEU D 199 -7.38 21.09 -39.80
C LEU D 199 -6.43 22.09 -39.17
N LYS D 200 -6.78 22.59 -37.99
CA LYS D 200 -5.94 23.56 -37.30
C LYS D 200 -5.28 22.93 -36.08
N VAL D 201 -3.97 23.09 -35.96
CA VAL D 201 -3.23 22.53 -34.82
C VAL D 201 -3.59 23.26 -33.54
N GLY D 202 -3.67 22.50 -32.47
CA GLY D 202 -4.01 23.07 -31.18
C GLY D 202 -2.98 24.08 -30.74
N ARG D 203 -2.99 24.41 -29.46
CA ARG D 203 -2.05 25.39 -28.94
C ARG D 203 -1.25 24.78 -27.79
N LYS D 204 -0.06 24.29 -28.15
CA LYS D 204 0.87 23.65 -27.21
C LYS D 204 0.61 23.90 -25.73
N GLU D 205 0.15 22.86 -25.06
CA GLU D 205 -0.09 22.93 -23.62
C GLU D 205 1.15 22.27 -23.01
N GLU D 206 1.69 22.89 -21.97
CA GLU D 206 2.88 22.35 -21.32
C GLU D 206 2.51 21.12 -20.48
N LYS D 207 3.37 20.10 -20.52
CA LYS D 207 3.14 18.86 -19.79
C LYS D 207 4.07 18.61 -18.60
N LEU D 208 3.63 17.75 -17.69
CA LEU D 208 4.41 17.39 -16.51
C LEU D 208 5.71 16.71 -16.92
N GLY D 209 5.65 15.90 -17.97
CA GLY D 209 6.83 15.21 -18.44
C GLY D 209 6.76 14.91 -19.93
N LEU D 210 7.63 14.02 -20.41
CA LEU D 210 7.65 13.65 -21.82
C LEU D 210 7.60 14.94 -22.65
N THR D 211 8.35 15.93 -22.18
CA THR D 211 8.41 17.24 -22.82
C THR D 211 8.50 17.24 -24.34
N ALA D 212 9.50 16.55 -24.89
CA ALA D 212 9.71 16.54 -26.34
C ALA D 212 8.75 15.71 -27.19
N SER D 213 7.79 15.04 -26.56
CA SER D 213 6.83 14.27 -27.34
C SER D 213 5.81 15.27 -27.85
N ASP D 214 5.47 15.17 -29.13
CA ASP D 214 4.51 16.07 -29.74
C ASP D 214 3.10 15.74 -29.29
N THR D 215 2.49 16.68 -28.55
CA THR D 215 1.13 16.50 -28.03
C THR D 215 0.34 17.75 -28.40
N ALA D 216 -0.77 17.59 -29.11
CA ALA D 216 -1.52 18.76 -29.52
C ALA D 216 -3.02 18.58 -29.71
N GLN D 217 -3.75 19.67 -29.59
CA GLN D 217 -5.19 19.65 -29.78
C GLN D 217 -5.44 19.77 -31.28
N LEU D 218 -6.47 19.11 -31.78
CA LEU D 218 -6.76 19.20 -33.20
C LEU D 218 -8.11 19.84 -33.42
N ILE D 219 -8.15 20.90 -34.23
CA ILE D 219 -9.39 21.61 -34.52
C ILE D 219 -9.82 21.31 -35.96
N LEU D 220 -10.93 20.61 -36.11
CA LEU D 220 -11.43 20.25 -37.43
C LEU D 220 -12.59 21.13 -37.86
N GLU D 221 -12.33 22.00 -38.83
CA GLU D 221 -13.34 22.92 -39.36
C GLU D 221 -13.74 22.46 -40.77
N ASP D 222 -14.96 21.93 -40.88
CA ASP D 222 -15.47 21.44 -42.15
C ASP D 222 -14.34 20.83 -42.99
N LEU D 223 -13.65 19.86 -42.41
CA LEU D 223 -12.54 19.19 -43.06
C LEU D 223 -13.08 18.14 -44.04
N PHE D 224 -12.64 18.21 -45.29
CA PHE D 224 -13.08 17.28 -46.31
C PHE D 224 -12.13 16.10 -46.50
N VAL D 225 -12.72 14.91 -46.60
CA VAL D 225 -11.95 13.70 -46.81
C VAL D 225 -12.62 12.87 -47.90
N PRO D 226 -11.83 12.31 -48.82
CA PRO D 226 -12.38 11.50 -49.90
C PRO D 226 -13.13 10.26 -49.42
N GLU D 227 -13.76 9.57 -50.35
CA GLU D 227 -14.51 8.36 -50.03
C GLU D 227 -13.58 7.33 -49.41
N GLU D 228 -12.38 7.23 -49.98
CA GLU D 228 -11.37 6.27 -49.54
C GLU D 228 -10.77 6.60 -48.18
N ALA D 229 -11.32 7.59 -47.48
CA ALA D 229 -10.81 7.96 -46.16
C ALA D 229 -11.43 7.08 -45.07
N LEU D 230 -12.67 6.64 -45.30
CA LEU D 230 -13.38 5.79 -44.34
C LEU D 230 -12.58 4.54 -44.04
N LEU D 231 -12.20 4.36 -42.78
CA LEU D 231 -11.40 3.21 -42.36
C LEU D 231 -12.27 2.18 -41.64
N GLY D 232 -12.44 1.03 -42.28
CA GLY D 232 -13.26 0.00 -41.67
C GLY D 232 -14.69 0.16 -42.14
N GLU D 233 -15.63 -0.49 -41.45
CA GLU D 233 -17.03 -0.42 -41.82
C GLU D 233 -17.71 0.78 -41.18
N ARG D 234 -18.59 1.43 -41.93
CA ARG D 234 -19.29 2.61 -41.42
C ARG D 234 -20.04 2.32 -40.13
N GLY D 235 -19.85 3.18 -39.13
CA GLY D 235 -20.52 3.01 -37.86
C GLY D 235 -20.00 1.87 -37.01
N LYS D 236 -18.95 1.19 -37.45
CA LYS D 236 -18.39 0.08 -36.68
C LYS D 236 -16.94 0.37 -36.27
N GLY D 237 -16.55 1.63 -36.36
CA GLY D 237 -15.19 2.02 -36.02
C GLY D 237 -14.77 1.83 -34.58
N PHE D 238 -15.64 2.14 -33.63
CA PHE D 238 -15.27 1.99 -32.22
C PHE D 238 -14.79 0.58 -31.91
N TYR D 239 -15.38 -0.41 -32.56
CA TYR D 239 -15.01 -1.81 -32.33
C TYR D 239 -13.56 -2.06 -32.72
N ASP D 240 -13.10 -1.38 -33.77
CA ASP D 240 -11.72 -1.54 -34.19
C ASP D 240 -10.86 -0.75 -33.21
N VAL D 241 -11.43 0.34 -32.70
CA VAL D 241 -10.74 1.19 -31.74
C VAL D 241 -10.39 0.38 -30.51
N LEU D 242 -11.33 -0.40 -30.04
CA LEU D 242 -11.08 -1.24 -28.86
C LEU D 242 -9.94 -2.20 -29.10
N ARG D 243 -9.83 -2.75 -30.32
CA ARG D 243 -8.75 -3.67 -30.64
C ARG D 243 -7.41 -2.93 -30.71
N VAL D 244 -7.45 -1.75 -31.34
CA VAL D 244 -6.27 -0.91 -31.46
C VAL D 244 -5.71 -0.61 -30.06
N LEU D 245 -6.60 -0.29 -29.13
CA LEU D 245 -6.19 0.03 -27.76
C LEU D 245 -5.56 -1.19 -27.08
N ASP D 246 -6.10 -2.37 -27.32
CA ASP D 246 -5.53 -3.57 -26.71
C ASP D 246 -4.05 -3.68 -27.14
N GLY D 247 -3.79 -3.42 -28.41
CA GLY D 247 -2.42 -3.49 -28.88
C GLY D 247 -1.60 -2.35 -28.30
N GLY D 248 -2.20 -1.16 -28.27
CA GLY D 248 -1.50 0.01 -27.73
C GLY D 248 -1.07 -0.17 -26.28
N ARG D 249 -1.92 -0.82 -25.49
CA ARG D 249 -1.63 -1.03 -24.10
C ARG D 249 -0.38 -1.87 -23.88
N ILE D 250 -0.13 -2.82 -24.77
CA ILE D 250 1.07 -3.63 -24.64
C ILE D 250 2.28 -2.72 -24.78
N GLY D 251 2.21 -1.82 -25.76
CA GLY D 251 3.29 -0.88 -26.01
C GLY D 251 3.55 0.00 -24.81
N ILE D 252 2.47 0.52 -24.23
CA ILE D 252 2.58 1.39 -23.07
C ILE D 252 3.16 0.63 -21.89
N ALA D 253 2.76 -0.63 -21.71
CA ALA D 253 3.26 -1.44 -20.61
C ALA D 253 4.78 -1.52 -20.70
N ALA D 254 5.29 -1.82 -21.89
CA ALA D 254 6.74 -1.93 -22.10
C ALA D 254 7.41 -0.57 -21.86
N MET D 255 6.74 0.50 -22.25
CA MET D 255 7.27 1.84 -22.05
C MET D 255 7.46 2.06 -20.55
N ALA D 256 6.45 1.68 -19.77
CA ALA D 256 6.51 1.84 -18.33
C ALA D 256 7.68 1.06 -17.75
N VAL D 257 7.80 -0.20 -18.15
CA VAL D 257 8.86 -1.05 -17.65
C VAL D 257 10.23 -0.42 -17.93
N GLY D 258 10.43 0.05 -19.15
CA GLY D 258 11.69 0.66 -19.49
C GLY D 258 12.06 1.80 -18.55
N LEU D 259 11.09 2.68 -18.30
CA LEU D 259 11.30 3.82 -17.43
C LEU D 259 11.58 3.38 -15.99
N GLY D 260 10.81 2.41 -15.52
CA GLY D 260 11.01 1.93 -14.17
C GLY D 260 12.37 1.29 -14.01
N GLN D 261 12.76 0.49 -15.01
CA GLN D 261 14.05 -0.19 -14.93
C GLN D 261 15.17 0.82 -14.89
N ALA D 262 15.02 1.92 -15.65
CA ALA D 262 16.04 2.96 -15.66
C ALA D 262 16.20 3.55 -14.26
N ALA D 263 15.07 3.87 -13.64
CA ALA D 263 15.10 4.45 -12.30
C ALA D 263 15.71 3.47 -11.30
N LEU D 264 15.32 2.20 -11.41
CA LEU D 264 15.85 1.19 -10.50
C LEU D 264 17.37 1.06 -10.63
N ASP D 265 17.83 0.89 -11.87
CA ASP D 265 19.25 0.73 -12.15
C ASP D 265 20.05 1.93 -11.63
N TYR D 266 19.49 3.13 -11.78
CA TYR D 266 20.17 4.33 -11.32
C TYR D 266 20.32 4.29 -9.80
N ALA D 267 19.22 4.01 -9.10
CA ALA D 267 19.25 3.95 -7.65
C ALA D 267 20.16 2.82 -7.18
N LEU D 268 20.19 1.75 -7.97
CA LEU D 268 21.01 0.59 -7.67
C LEU D 268 22.49 0.99 -7.72
N ALA D 269 22.86 1.66 -8.80
CA ALA D 269 24.24 2.10 -8.97
C ALA D 269 24.62 3.12 -7.92
N TYR D 270 23.73 4.08 -7.67
CA TYR D 270 23.98 5.10 -6.67
C TYR D 270 24.20 4.48 -5.31
N ALA D 271 23.21 3.72 -4.85
CA ALA D 271 23.24 3.04 -3.56
C ALA D 271 24.55 2.34 -3.26
N LYS D 272 25.10 1.65 -4.25
CA LYS D 272 26.35 0.92 -4.07
C LYS D 272 27.54 1.80 -3.69
N GLY D 273 27.59 3.01 -4.24
CA GLY D 273 28.69 3.91 -3.93
C GLY D 273 28.41 4.80 -2.73
N ARG D 274 27.46 5.72 -2.89
CA ARG D 274 27.08 6.64 -1.83
C ARG D 274 26.91 5.92 -0.50
N GLU D 275 27.45 6.52 0.57
CA GLU D 275 27.36 5.94 1.90
C GLU D 275 26.78 6.92 2.91
N ALA D 276 26.18 6.38 3.96
CA ALA D 276 25.58 7.17 5.03
C ALA D 276 25.88 6.49 6.36
N PHE D 277 26.22 7.28 7.37
CA PHE D 277 26.53 6.74 8.69
C PHE D 277 27.73 5.80 8.58
N GLY D 278 28.69 6.17 7.73
CA GLY D 278 29.88 5.36 7.55
C GLY D 278 29.58 3.98 6.99
N ARG D 279 28.83 3.93 5.89
CA ARG D 279 28.46 2.66 5.25
C ARG D 279 27.45 2.90 4.11
N PRO D 280 27.63 2.20 2.98
CA PRO D 280 26.73 2.34 1.82
C PRO D 280 25.27 2.30 2.23
N ILE D 281 24.50 3.29 1.78
CA ILE D 281 23.09 3.37 2.11
C ILE D 281 22.32 2.13 1.67
N ALA D 282 22.91 1.34 0.77
CA ALA D 282 22.28 0.13 0.28
C ALA D 282 22.33 -0.96 1.35
N GLU D 283 23.22 -0.79 2.32
CA GLU D 283 23.37 -1.74 3.40
C GLU D 283 22.23 -1.59 4.40
N PHE D 284 21.48 -0.52 4.24
CA PHE D 284 20.34 -0.24 5.10
C PHE D 284 19.11 -0.89 4.47
N GLU D 285 18.39 -1.67 5.26
CA GLU D 285 17.20 -2.36 4.75
C GLU D 285 16.20 -1.39 4.14
N GLY D 286 16.17 -0.16 4.64
CA GLY D 286 15.26 0.84 4.11
C GLY D 286 15.51 0.95 2.60
N VAL D 287 16.79 1.02 2.23
CA VAL D 287 17.19 1.12 0.83
C VAL D 287 17.07 -0.23 0.12
N SER D 288 17.67 -1.26 0.69
CA SER D 288 17.64 -2.59 0.08
C SER D 288 16.23 -3.13 -0.13
N PHE D 289 15.32 -2.83 0.79
CA PHE D 289 13.94 -3.31 0.64
C PHE D 289 13.28 -2.67 -0.57
N LYS D 290 13.55 -1.38 -0.78
CA LYS D 290 12.99 -0.65 -1.91
C LYS D 290 13.53 -1.25 -3.20
N LEU D 291 14.84 -1.47 -3.25
CA LEU D 291 15.48 -2.05 -4.43
C LEU D 291 14.86 -3.40 -4.78
N ALA D 292 14.68 -4.25 -3.77
CA ALA D 292 14.14 -5.57 -3.98
C ALA D 292 12.68 -5.55 -4.46
N GLU D 293 11.85 -4.73 -3.84
CA GLU D 293 10.44 -4.65 -4.21
C GLU D 293 10.23 -4.21 -5.64
N ALA D 294 10.95 -3.17 -6.04
CA ALA D 294 10.85 -2.62 -7.38
C ALA D 294 11.36 -3.60 -8.43
N ALA D 295 12.46 -4.28 -8.12
CA ALA D 295 13.04 -5.23 -9.06
C ALA D 295 12.06 -6.36 -9.35
N THR D 296 11.49 -6.90 -8.27
CA THR D 296 10.54 -8.00 -8.36
C THR D 296 9.32 -7.60 -9.19
N GLU D 297 8.70 -6.47 -8.85
CA GLU D 297 7.53 -5.99 -9.57
C GLU D 297 7.85 -5.72 -11.05
N LEU D 298 8.99 -5.09 -11.32
CA LEU D 298 9.33 -4.82 -12.73
C LEU D 298 9.53 -6.12 -13.51
N GLU D 299 10.05 -7.16 -12.87
CA GLU D 299 10.25 -8.43 -13.57
C GLU D 299 8.87 -9.02 -13.89
N ALA D 300 7.94 -8.84 -12.95
CA ALA D 300 6.57 -9.33 -13.11
C ALA D 300 5.86 -8.57 -14.23
N ALA D 301 6.05 -7.25 -14.23
CA ALA D 301 5.46 -6.38 -15.23
C ALA D 301 5.95 -6.79 -16.62
N ARG D 302 7.24 -7.05 -16.73
CA ARG D 302 7.83 -7.44 -18.01
C ARG D 302 7.24 -8.76 -18.51
N LEU D 303 7.09 -9.73 -17.61
CA LEU D 303 6.53 -11.01 -18.01
C LEU D 303 5.09 -10.84 -18.48
N LEU D 304 4.33 -9.98 -17.81
CA LEU D 304 2.94 -9.76 -18.21
C LEU D 304 2.82 -9.20 -19.63
N TYR D 305 3.66 -8.22 -19.99
CA TYR D 305 3.53 -7.68 -21.35
C TYR D 305 4.08 -8.66 -22.38
N LEU D 306 5.04 -9.50 -22.00
CA LEU D 306 5.56 -10.48 -22.96
C LEU D 306 4.42 -11.47 -23.23
N LYS D 307 3.68 -11.83 -22.18
CA LYS D 307 2.57 -12.74 -22.30
C LYS D 307 1.50 -12.17 -23.23
N ALA D 308 1.05 -10.95 -22.97
CA ALA D 308 0.04 -10.31 -23.80
C ALA D 308 0.52 -10.24 -25.24
N ALA D 309 1.79 -9.89 -25.42
CA ALA D 309 2.38 -9.78 -26.75
C ALA D 309 2.28 -11.10 -27.52
N GLU D 310 2.53 -12.21 -26.84
CA GLU D 310 2.48 -13.52 -27.47
C GLU D 310 1.07 -13.96 -27.80
N LEU D 311 0.10 -13.59 -26.97
CA LEU D 311 -1.28 -13.97 -27.22
C LEU D 311 -1.75 -13.27 -28.50
N LYS D 312 -1.40 -11.99 -28.61
CA LYS D 312 -1.75 -11.21 -29.78
C LYS D 312 -1.10 -11.82 -31.01
N ASP D 313 0.19 -12.12 -30.90
CA ASP D 313 0.93 -12.72 -32.01
C ASP D 313 0.31 -14.06 -32.39
N ALA D 314 -0.27 -14.75 -31.43
CA ALA D 314 -0.89 -16.05 -31.68
C ALA D 314 -2.32 -15.89 -32.18
N GLY D 315 -2.77 -14.64 -32.28
CA GLY D 315 -4.12 -14.37 -32.75
C GLY D 315 -5.18 -14.83 -31.77
N ARG D 316 -4.83 -14.85 -30.50
CA ARG D 316 -5.75 -15.27 -29.46
C ARG D 316 -6.27 -14.06 -28.69
N PRO D 317 -7.29 -14.26 -27.83
CA PRO D 317 -7.87 -13.16 -27.04
C PRO D 317 -6.80 -12.57 -26.11
N PHE D 318 -6.72 -11.24 -26.03
CA PHE D 318 -5.73 -10.61 -25.16
C PHE D 318 -6.14 -9.26 -24.58
N THR D 319 -7.44 -9.00 -24.54
CA THR D 319 -7.93 -7.74 -23.98
C THR D 319 -7.63 -7.69 -22.49
N LEU D 320 -7.96 -8.79 -21.79
CA LEU D 320 -7.71 -8.92 -20.36
C LEU D 320 -6.22 -8.84 -20.05
N GLU D 321 -5.43 -9.57 -20.83
CA GLU D 321 -3.99 -9.64 -20.62
C GLU D 321 -3.23 -8.35 -20.95
N ALA D 322 -3.64 -7.64 -22.00
CA ALA D 322 -2.97 -6.38 -22.33
C ALA D 322 -3.29 -5.37 -21.22
N ALA D 323 -4.53 -5.39 -20.74
CA ALA D 323 -4.95 -4.46 -19.70
C ALA D 323 -4.22 -4.76 -18.39
N GLN D 324 -4.07 -6.05 -18.08
CA GLN D 324 -3.38 -6.45 -16.86
C GLN D 324 -1.94 -5.99 -16.91
N ALA D 325 -1.29 -6.24 -18.04
CA ALA D 325 0.10 -5.82 -18.21
C ALA D 325 0.26 -4.31 -18.07
N LYS D 326 -0.58 -3.55 -18.77
CA LYS D 326 -0.48 -2.08 -18.74
C LYS D 326 -0.72 -1.49 -17.36
N LEU D 327 -1.73 -2.02 -16.67
CA LEU D 327 -2.06 -1.59 -15.34
C LEU D 327 -0.89 -1.89 -14.40
N PHE D 328 -0.47 -3.15 -14.37
CA PHE D 328 0.62 -3.55 -13.48
C PHE D 328 1.90 -2.80 -13.74
N ALA D 329 2.36 -2.79 -15.00
CA ALA D 329 3.60 -2.09 -15.34
C ALA D 329 3.56 -0.58 -14.99
N SER D 330 2.51 0.11 -15.41
CA SER D 330 2.40 1.54 -15.14
C SER D 330 2.44 1.88 -13.65
N GLU D 331 1.66 1.16 -12.86
CA GLU D 331 1.63 1.40 -11.42
C GLU D 331 2.97 1.01 -10.80
N ALA D 332 3.52 -0.13 -11.18
CA ALA D 332 4.82 -0.57 -10.65
C ALA D 332 5.98 0.37 -11.05
N ALA D 333 6.03 0.76 -12.32
CA ALA D 333 7.08 1.66 -12.79
C ALA D 333 7.08 3.02 -12.09
N VAL D 334 5.90 3.61 -11.93
CA VAL D 334 5.80 4.91 -11.28
C VAL D 334 6.23 4.82 -9.81
N LYS D 335 5.95 3.68 -9.19
CA LYS D 335 6.30 3.42 -7.81
C LYS D 335 7.81 3.32 -7.67
N ALA D 336 8.42 2.58 -8.59
CA ALA D 336 9.87 2.40 -8.60
C ALA D 336 10.56 3.75 -8.81
N CYS D 337 9.99 4.57 -9.69
CA CYS D 337 10.56 5.89 -9.96
C CYS D 337 10.46 6.81 -8.74
N ASP D 338 9.37 6.68 -7.99
CA ASP D 338 9.21 7.52 -6.82
C ASP D 338 10.19 7.09 -5.74
N GLU D 339 10.42 5.78 -5.64
CA GLU D 339 11.34 5.26 -4.65
C GLU D 339 12.77 5.62 -5.00
N ALA D 340 13.05 5.74 -6.30
CA ALA D 340 14.37 6.11 -6.80
C ALA D 340 14.69 7.53 -6.36
N ILE D 341 13.69 8.40 -6.46
CA ILE D 341 13.81 9.79 -6.06
C ILE D 341 14.12 9.81 -4.57
N GLN D 342 13.40 8.97 -3.82
CA GLN D 342 13.57 8.89 -2.38
C GLN D 342 14.98 8.43 -2.00
N ILE D 343 15.47 7.39 -2.69
CA ILE D 343 16.79 6.85 -2.42
C ILE D 343 17.90 7.88 -2.66
N LEU D 344 17.74 8.72 -3.69
CA LEU D 344 18.74 9.75 -3.95
C LEU D 344 18.62 10.89 -2.93
N GLY D 345 17.47 10.97 -2.27
CA GLY D 345 17.27 12.00 -1.26
C GLY D 345 17.18 13.39 -1.84
N GLY D 346 18.00 14.30 -1.32
CA GLY D 346 17.99 15.67 -1.80
C GLY D 346 18.34 15.77 -3.28
N TYR D 347 19.27 14.93 -3.73
CA TYR D 347 19.68 14.95 -5.13
C TYR D 347 18.57 14.40 -6.04
N GLY D 348 17.59 13.75 -5.44
CA GLY D 348 16.50 13.20 -6.21
C GLY D 348 15.55 14.30 -6.60
N TYR D 349 15.62 15.41 -5.87
CA TYR D 349 14.75 16.55 -6.10
C TYR D 349 15.39 17.60 -7.04
N VAL D 350 16.62 17.37 -7.46
CA VAL D 350 17.30 18.32 -8.34
C VAL D 350 17.41 17.76 -9.76
N LYS D 351 17.09 18.60 -10.74
CA LYS D 351 17.11 18.20 -12.14
C LYS D 351 18.47 17.82 -12.72
N ASP D 352 19.53 18.02 -11.95
CA ASP D 352 20.85 17.64 -12.42
C ASP D 352 20.89 16.11 -12.55
N TYR D 353 19.99 15.44 -11.85
CA TYR D 353 19.94 13.98 -11.91
C TYR D 353 18.65 13.58 -12.62
N PRO D 354 18.67 12.44 -13.32
CA PRO D 354 17.54 11.91 -14.08
C PRO D 354 16.33 11.31 -13.37
N VAL D 355 16.48 10.85 -12.13
CA VAL D 355 15.36 10.22 -11.46
C VAL D 355 14.08 11.04 -11.41
N GLU D 356 14.18 12.36 -11.28
CA GLU D 356 12.95 13.13 -11.23
C GLU D 356 12.25 13.14 -12.59
N ARG D 357 13.03 13.08 -13.66
CA ARG D 357 12.45 13.07 -15.00
C ARG D 357 11.84 11.69 -15.26
N TYR D 358 12.50 10.64 -14.76
CA TYR D 358 11.98 9.29 -14.95
C TYR D 358 10.58 9.21 -14.39
N TRP D 359 10.36 9.82 -13.22
CA TRP D 359 9.05 9.79 -12.61
C TRP D 359 8.03 10.59 -13.41
N ARG D 360 8.44 11.79 -13.83
CA ARG D 360 7.55 12.66 -14.60
C ARG D 360 7.13 11.98 -15.91
N ASP D 361 8.08 11.35 -16.60
CA ASP D 361 7.79 10.65 -17.85
C ASP D 361 6.89 9.44 -17.60
N ALA D 362 7.26 8.64 -16.61
CA ALA D 362 6.50 7.44 -16.28
C ALA D 362 5.09 7.72 -15.79
N ARG D 363 4.89 8.86 -15.13
CA ARG D 363 3.58 9.19 -14.57
C ARG D 363 2.43 9.12 -15.57
N LEU D 364 2.72 9.36 -16.84
CA LEU D 364 1.68 9.36 -17.87
C LEU D 364 1.17 7.96 -18.22
N THR D 365 1.99 6.95 -17.98
CA THR D 365 1.59 5.57 -18.30
C THR D 365 0.40 5.06 -17.50
N ARG D 366 0.06 5.74 -16.41
CA ARG D 366 -1.08 5.31 -15.57
C ARG D 366 -2.37 5.99 -16.05
N ILE D 367 -2.22 6.91 -17.00
CA ILE D 367 -3.33 7.67 -17.55
C ILE D 367 -3.62 7.37 -19.03
N GLY D 368 -2.63 7.62 -19.88
CA GLY D 368 -2.77 7.37 -21.31
C GLY D 368 -3.31 6.00 -21.72
N GLU D 369 -4.05 6.00 -22.83
CA GLU D 369 -4.65 4.79 -23.40
C GLU D 369 -5.44 3.96 -22.40
N GLY D 370 -6.24 4.63 -21.58
CA GLY D 370 -7.02 3.92 -20.59
C GLY D 370 -6.36 4.06 -19.23
N THR D 371 -7.02 4.79 -18.33
CA THR D 371 -6.51 5.01 -16.99
C THR D 371 -6.57 3.70 -16.20
N SER D 372 -5.73 3.60 -15.17
CA SER D 372 -5.69 2.40 -14.33
C SER D 372 -7.11 2.06 -13.88
N GLU D 373 -7.90 3.09 -13.59
CA GLU D 373 -9.27 2.90 -13.13
C GLU D 373 -10.10 2.23 -14.24
N ILE D 374 -9.97 2.73 -15.46
CA ILE D 374 -10.68 2.17 -16.60
C ILE D 374 -10.24 0.73 -16.86
N LEU D 375 -8.93 0.49 -16.79
CA LEU D 375 -8.39 -0.85 -17.03
C LEU D 375 -8.92 -1.86 -16.03
N LYS D 376 -9.06 -1.43 -14.77
CA LYS D 376 -9.56 -2.31 -13.72
C LYS D 376 -11.00 -2.75 -14.03
N LEU D 377 -11.78 -1.85 -14.62
CA LEU D 377 -13.15 -2.19 -14.98
C LEU D 377 -13.14 -3.19 -16.12
N VAL D 378 -12.23 -3.00 -17.07
CA VAL D 378 -12.08 -3.88 -18.22
C VAL D 378 -11.75 -5.31 -17.75
N ILE D 379 -10.81 -5.38 -16.82
CA ILE D 379 -10.36 -6.65 -16.26
C ILE D 379 -11.51 -7.31 -15.51
N ALA D 380 -12.16 -6.54 -14.63
CA ALA D 380 -13.27 -7.05 -13.86
C ALA D 380 -14.39 -7.58 -14.76
N ARG D 381 -14.73 -6.84 -15.81
CA ARG D 381 -15.79 -7.27 -16.70
C ARG D 381 -15.44 -8.63 -17.31
N ARG D 382 -14.21 -8.76 -17.78
CA ARG D 382 -13.75 -10.01 -18.36
C ARG D 382 -13.80 -11.15 -17.33
N LEU D 383 -13.25 -10.90 -16.14
CA LEU D 383 -13.25 -11.91 -15.09
C LEU D 383 -14.67 -12.38 -14.78
N LEU D 384 -15.60 -11.42 -14.75
CA LEU D 384 -17.00 -11.73 -14.46
C LEU D 384 -17.67 -12.46 -15.61
N GLU D 385 -17.52 -11.94 -16.83
CA GLU D 385 -18.13 -12.57 -18.01
C GLU D 385 -17.63 -14.01 -18.12
N ALA D 386 -16.46 -14.26 -17.55
CA ALA D 386 -15.86 -15.58 -17.58
C ALA D 386 -16.80 -16.66 -17.04
N VAL D 387 -16.57 -17.05 -15.78
CA VAL D 387 -17.39 -18.08 -15.15
C VAL D 387 -18.23 -17.52 -14.01
CL CL E . -2.36 9.88 27.82
CL CL F . -3.54 -22.43 -18.89
CL CL G . 10.70 -11.23 -34.68
CL CL H . 17.07 -11.43 -20.98
#